data_9DXR
#
_entry.id   9DXR
#
_cell.length_a   1.00
_cell.length_b   1.00
_cell.length_c   1.00
_cell.angle_alpha   90.00
_cell.angle_beta   90.00
_cell.angle_gamma   90.00
#
_symmetry.space_group_name_H-M   'P 1'
#
loop_
_entity.id
_entity.type
_entity.pdbx_description
1 polymer 'Glutamate receptor ionotropic, kainate 2'
2 branched 2-acetamido-2-deoxy-beta-D-glucopyranose-(1-4)-2-acetamido-2-deoxy-beta-D-glucopyranose
3 branched beta-D-mannopyranose-(1-3)-beta-D-mannopyranose-(1-4)-2-acetamido-2-deoxy-beta-D-glucopyranose-(1-4)-2-acetamido-2-deoxy-beta-D-glucopyranose
4 non-polymer '4-cyclopropyl-7-fluoro-3,4-dihydro-2H-1,2,4-benzothiadiazine 1,1-dioxide'
5 non-polymer '(2S)-3-(hexadecanoyloxy)-2-[(9Z)-octadec-9-enoyloxy]propyl 2-(trimethylammonio)ethyl phosphate'
6 non-polymer N~1~-{5-[(N-{4-[(3-aminopropyl)amino]butyl}-beta-alanyl)amino]pentyl}-N~2~-[(1H-indol-3-yl)acetyl]-D-aspartamide
#
_entity_poly.entity_id   1
_entity_poly.type   'polypeptide(L)'
_entity_poly.pdbx_seq_one_letter_code
;MKIISPVLSNLVFSRSIKVLLCLLWIGYSQGTTHVLRFGGIFEYVESGPMGAEELAFRFAVNTINRNRTLLPNTTLTYDT
QKINLYDSFEASKKACDQLSLGVAAIFGPSHSSSANAVQSICNALGVPHIQTRWKHQVSDNKDSFYVSLYPDFSSLSRAI
LDLVQFFKWKTVTVVYDDSTGLIRLQELIKAPSRYNLRLKIRQLPADTKDAKPLLKEMKRGKEFHVIFDCSHEMAAGILK
QALAMGMMTEYYHYIFTTLDLFALDVEPYRYSGVNMTGFRILNTENTQVSSIIEKWSMERLQAPPKPDSGLLDGFMTTDA
ALMYDAVHVVSVAVQQFPQMTVSSLQCNRHKPWRFGTRFMSLIKEAHWEGLTGRITFNKTNGLRTDFDLDVISLKEEGLE
KIGTWDPASGLNMTESQKGKPANITDSLSNRSLIVTTILEEPYVLFKKSDKPLYGNDRFEGYCIDLLRELSTILGFTYEI
RLVEDGKYGAQDDVNGQWNGMVRELIDHKADLAVAPLAITYVREKVIDFSKPFMTLGISILYRKPNGTNPGVFSFLNPLS
PDIWMYVLLACLGVSCVLFVIARFSPYEWYNPHPCNPDSDVVENNFTLLNSFWFGVGALMQQGSELMPKALSTRIVGGIW
WFFTLIIISSYTANLAAFLTVERMESPIDSADDLAKQTKIEYGAVEDGATMTFFKKSKISTYDKMWAFMSSRRQSVLVKS
NEEGIQRVLTSDYAFLMESTTIEFVTQRNCNLTQIGGLIDSKGYGVGTPMGSPYRDKITIAILQLQEEGKLHMMKEKWWR
GNGCPEEESKEASALGVQNIGGIFIVLAAGLVLSVFVAVGEFLYKSKKNAQLEKRSFCSAMVEELRMSLKCQRRLKHKPQ
APVIVKTEEVINMHTFNDRRLPGKETMA
;
_entity_poly.pdbx_strand_id   A,B,C,D
#
loop_
_chem_comp.id
_chem_comp.type
_chem_comp.name
_chem_comp.formula
2J9 non-polymer '4-cyclopropyl-7-fluoro-3,4-dihydro-2H-1,2,4-benzothiadiazine 1,1-dioxide' 'C10 H11 F N2 O2 S'
A1BDS non-polymer N~1~-{5-[(N-{4-[(3-aminopropyl)amino]butyl}-beta-alanyl)amino]pentyl}-N~2~-[(1H-indol-3-yl)acetyl]-D-aspartamide 'C29 H48 N8 O4'
BMA D-saccharide, beta linking beta-D-mannopyranose 'C6 H12 O6'
NAG D-saccharide, beta linking 2-acetamido-2-deoxy-beta-D-glucopyranose 'C8 H15 N O6'
POV non-polymer '(2S)-3-(hexadecanoyloxy)-2-[(9Z)-octadec-9-enoyloxy]propyl 2-(trimethylammonio)ethyl phosphate' 'C42 H82 N O8 P'
#
# COMPACT_ATOMS: atom_id res chain seq x y z
N SER A 429 61.33 19.05 -27.53
CA SER A 429 60.75 19.13 -28.87
C SER A 429 61.05 17.86 -29.65
N ASN A 430 60.40 16.76 -29.28
CA ASN A 430 60.66 15.49 -29.94
C ASN A 430 59.88 15.37 -31.24
N ARG A 431 58.55 15.36 -31.15
CA ARG A 431 57.72 15.16 -32.32
C ARG A 431 56.55 16.12 -32.45
N SER A 432 56.21 16.90 -31.41
CA SER A 432 55.06 17.82 -31.36
C SER A 432 53.76 17.08 -31.68
N LEU A 433 53.39 16.20 -30.74
CA LEU A 433 52.39 15.16 -30.93
C LEU A 433 51.03 15.72 -31.34
N ILE A 434 50.31 14.94 -32.14
CA ILE A 434 49.04 15.34 -32.72
C ILE A 434 47.94 14.60 -31.98
N VAL A 435 46.91 15.33 -31.56
CA VAL A 435 45.86 14.83 -30.66
C VAL A 435 44.50 15.12 -31.28
N THR A 436 43.64 14.09 -31.32
CA THR A 436 42.35 14.17 -32.00
C THR A 436 41.20 14.12 -31.01
N THR A 437 40.22 15.01 -31.22
CA THR A 437 39.04 15.12 -30.36
C THR A 437 37.79 15.12 -31.24
N ILE A 438 36.63 15.27 -30.59
CA ILE A 438 35.35 15.45 -31.26
C ILE A 438 34.61 16.57 -30.54
N LEU A 439 34.03 17.50 -31.29
CA LEU A 439 33.39 18.68 -30.73
C LEU A 439 32.10 18.36 -29.97
N GLU A 440 32.25 17.80 -28.78
CA GLU A 440 31.14 17.58 -27.86
C GLU A 440 31.40 18.36 -26.58
N GLU A 441 30.43 19.04 -26.13
CA GLU A 441 30.59 19.81 -24.92
C GLU A 441 30.09 19.02 -23.72
N PRO A 442 30.65 19.20 -22.51
CA PRO A 442 31.70 20.12 -22.01
C PRO A 442 33.11 19.72 -22.34
N TYR A 443 33.30 18.67 -23.15
CA TYR A 443 34.59 18.03 -23.24
C TYR A 443 35.58 18.86 -24.04
N VAL A 444 35.25 19.22 -25.28
CA VAL A 444 35.98 20.26 -25.99
C VAL A 444 34.95 21.25 -26.55
N LEU A 445 35.40 22.48 -26.75
CA LEU A 445 34.55 23.55 -27.26
C LEU A 445 35.29 24.39 -28.29
N PHE A 446 34.69 25.51 -28.69
CA PHE A 446 35.41 26.62 -29.27
C PHE A 446 35.47 27.75 -28.25
N LYS A 447 36.64 28.35 -28.10
CA LYS A 447 36.80 29.46 -27.18
C LYS A 447 36.07 30.68 -27.72
N LYS A 448 35.04 31.12 -27.00
CA LYS A 448 34.12 32.14 -27.49
C LYS A 448 34.78 33.52 -27.50
N SER A 449 35.35 33.89 -28.64
CA SER A 449 35.97 35.20 -28.80
C SER A 449 36.06 35.52 -30.29
N ASP A 450 36.33 36.79 -30.57
CA ASP A 450 36.64 37.27 -31.91
C ASP A 450 38.12 37.06 -32.24
N LYS A 451 38.60 37.77 -33.28
CA LYS A 451 40.01 37.86 -33.67
C LYS A 451 40.62 36.51 -34.05
N PRO A 452 40.35 36.00 -35.27
CA PRO A 452 40.89 34.70 -35.68
C PRO A 452 42.41 34.65 -35.89
N LEU A 453 42.86 33.56 -36.52
CA LEU A 453 44.23 33.06 -36.66
C LEU A 453 44.72 32.53 -35.32
N TYR A 454 43.85 31.80 -34.62
CA TYR A 454 44.24 31.04 -33.45
C TYR A 454 45.09 29.84 -33.84
N GLY A 455 45.68 29.18 -32.84
CA GLY A 455 46.37 27.94 -33.04
C GLY A 455 45.61 26.80 -32.38
N ASN A 456 46.17 26.23 -31.32
CA ASN A 456 45.43 25.33 -30.45
C ASN A 456 44.77 26.08 -29.30
N ASP A 457 44.78 27.41 -29.34
CA ASP A 457 44.13 28.24 -28.35
C ASP A 457 42.66 28.47 -28.66
N ARG A 458 42.18 27.94 -29.79
CA ARG A 458 40.77 28.05 -30.14
C ARG A 458 39.91 26.99 -29.46
N PHE A 459 40.50 26.11 -28.65
CA PHE A 459 39.77 25.05 -27.98
C PHE A 459 39.76 25.27 -26.48
N GLU A 460 38.69 24.82 -25.84
CA GLU A 460 38.62 24.77 -24.38
C GLU A 460 37.65 23.67 -24.00
N GLY A 461 37.73 23.24 -22.75
CA GLY A 461 36.81 22.23 -22.25
C GLY A 461 37.51 21.32 -21.25
N TYR A 462 36.84 20.21 -20.96
CA TYR A 462 37.39 19.24 -20.01
C TYR A 462 38.62 18.55 -20.57
N CYS A 463 38.52 18.00 -21.78
CA CYS A 463 39.62 17.27 -22.38
C CYS A 463 40.75 18.18 -22.87
N ILE A 464 40.52 19.49 -22.93
CA ILE A 464 41.60 20.43 -23.19
C ILE A 464 42.40 20.70 -21.92
N ASP A 465 41.71 20.78 -20.77
CA ASP A 465 42.40 20.93 -19.51
C ASP A 465 43.08 19.63 -19.08
N LEU A 466 42.52 18.49 -19.47
CA LEU A 466 43.19 17.22 -19.21
C LEU A 466 44.43 17.09 -20.06
N LEU A 467 44.37 17.54 -21.31
CA LEU A 467 45.52 17.49 -22.19
C LEU A 467 46.59 18.49 -21.76
N ARG A 468 46.18 19.58 -21.13
CA ARG A 468 47.15 20.54 -20.61
C ARG A 468 47.93 19.99 -19.43
N GLU A 469 47.23 19.45 -18.43
CA GLU A 469 47.89 18.94 -17.24
C GLU A 469 48.62 17.63 -17.48
N LEU A 470 48.21 16.84 -18.47
CA LEU A 470 49.04 15.73 -18.92
C LEU A 470 50.28 16.21 -19.66
N SER A 471 50.25 17.40 -20.25
CA SER A 471 51.44 17.92 -20.93
C SER A 471 52.44 18.52 -19.96
N THR A 472 51.98 19.05 -18.82
CA THR A 472 52.87 19.69 -17.87
C THR A 472 53.70 18.67 -17.09
N ILE A 473 53.16 17.49 -16.80
CA ILE A 473 53.86 16.53 -15.96
C ILE A 473 54.48 15.39 -16.76
N LEU A 474 54.32 15.39 -18.08
CA LEU A 474 54.94 14.38 -18.92
C LEU A 474 55.82 14.98 -20.01
N GLY A 475 55.70 16.27 -20.28
CA GLY A 475 56.64 16.95 -21.16
C GLY A 475 56.50 16.63 -22.63
N PHE A 476 55.41 17.06 -23.24
CA PHE A 476 55.23 16.91 -24.67
C PHE A 476 54.38 18.06 -25.18
N THR A 477 54.75 18.58 -26.36
CA THR A 477 53.99 19.63 -27.02
C THR A 477 52.88 19.00 -27.85
N TYR A 478 51.64 19.44 -27.65
CA TYR A 478 50.49 18.89 -28.32
C TYR A 478 49.97 19.85 -29.37
N GLU A 479 49.55 19.31 -30.51
CA GLU A 479 48.89 20.07 -31.56
C GLU A 479 47.51 19.47 -31.78
N ILE A 480 46.48 20.21 -31.40
CA ILE A 480 45.12 19.69 -31.43
C ILE A 480 44.60 19.72 -32.86
N ARG A 481 44.01 18.63 -33.30
CA ARG A 481 43.50 18.49 -34.66
C ARG A 481 42.18 17.74 -34.60
N LEU A 482 41.10 18.39 -34.98
CA LEU A 482 39.79 17.75 -35.00
C LEU A 482 39.75 16.63 -36.03
N VAL A 483 39.06 15.54 -35.69
CA VAL A 483 38.94 14.42 -36.60
C VAL A 483 38.03 14.82 -37.77
N GLU A 484 38.32 14.27 -38.95
CA GLU A 484 37.64 14.71 -40.15
C GLU A 484 36.19 14.20 -40.21
N ASP A 485 35.96 12.99 -39.72
CA ASP A 485 34.63 12.40 -39.81
C ASP A 485 33.68 13.03 -38.81
N GLY A 486 34.04 12.99 -37.52
CA GLY A 486 33.16 13.42 -36.46
C GLY A 486 32.51 12.28 -35.70
N LYS A 487 32.81 11.04 -36.06
CA LYS A 487 32.29 9.86 -35.39
C LYS A 487 33.33 9.32 -34.43
N TYR A 488 32.86 8.61 -33.39
CA TYR A 488 33.77 8.03 -32.41
C TYR A 488 34.49 6.82 -32.99
N GLY A 489 33.73 5.79 -33.35
CA GLY A 489 34.30 4.65 -34.02
C GLY A 489 33.42 3.42 -34.00
N ALA A 490 33.32 2.73 -35.14
CA ALA A 490 32.52 1.53 -35.28
C ALA A 490 32.99 0.80 -36.53
N GLN A 491 32.77 -0.52 -36.55
CA GLN A 491 33.09 -1.32 -37.71
C GLN A 491 31.90 -1.35 -38.68
N ASP A 492 32.15 -0.97 -39.92
CA ASP A 492 31.21 -1.21 -41.01
C ASP A 492 31.59 -2.54 -41.63
N ASP A 493 30.65 -3.49 -41.61
CA ASP A 493 30.90 -4.84 -42.13
C ASP A 493 30.99 -4.89 -43.64
N VAL A 494 30.71 -3.79 -44.35
CA VAL A 494 30.96 -3.71 -45.78
C VAL A 494 32.47 -3.82 -46.05
N ASN A 495 33.27 -3.07 -45.30
CA ASN A 495 34.72 -3.06 -45.49
C ASN A 495 35.48 -3.66 -44.32
N GLY A 496 34.83 -3.93 -43.20
CA GLY A 496 35.51 -4.46 -42.03
C GLY A 496 36.50 -3.50 -41.40
N GLN A 497 36.30 -2.21 -41.58
CA GLN A 497 37.25 -1.20 -41.15
C GLN A 497 36.60 -0.26 -40.15
N TRP A 498 37.43 0.55 -39.51
CA TRP A 498 36.96 1.51 -38.51
C TRP A 498 36.80 2.88 -39.15
N ASN A 499 36.15 3.78 -38.41
CA ASN A 499 35.96 5.16 -38.83
C ASN A 499 36.19 6.09 -37.65
N GLY A 500 36.39 7.37 -37.97
CA GLY A 500 36.51 8.36 -36.93
C GLY A 500 37.87 8.34 -36.27
N MET A 501 37.87 8.32 -34.93
CA MET A 501 39.12 8.46 -34.20
C MET A 501 39.91 7.15 -34.14
N VAL A 502 39.23 6.02 -33.98
CA VAL A 502 39.96 4.75 -33.89
C VAL A 502 40.54 4.34 -35.22
N ARG A 503 39.98 4.82 -36.34
CA ARG A 503 40.65 4.69 -37.63
C ARG A 503 41.85 5.62 -37.72
N GLU A 504 41.76 6.81 -37.12
CA GLU A 504 42.86 7.77 -37.08
C GLU A 504 44.03 7.26 -36.25
N LEU A 505 43.78 6.34 -35.32
CA LEU A 505 44.80 5.78 -34.46
C LEU A 505 45.43 4.50 -35.00
N ILE A 506 44.66 3.63 -35.67
CA ILE A 506 45.25 2.42 -36.23
C ILE A 506 46.13 2.77 -37.44
N ASP A 507 45.83 3.86 -38.13
CA ASP A 507 46.62 4.27 -39.28
C ASP A 507 47.87 5.04 -38.88
N HIS A 508 48.09 5.25 -37.58
CA HIS A 508 49.23 5.98 -37.01
C HIS A 508 49.32 7.41 -37.54
N LYS A 509 48.18 7.98 -37.91
CA LYS A 509 48.17 9.36 -38.36
C LYS A 509 48.25 10.32 -37.19
N ALA A 510 47.67 9.93 -36.05
CA ALA A 510 47.74 10.70 -34.82
C ALA A 510 47.50 9.77 -33.65
N ASP A 511 48.27 9.97 -32.58
CA ASP A 511 48.05 9.29 -31.32
C ASP A 511 47.13 10.14 -30.44
N LEU A 512 47.01 9.76 -29.16
CA LEU A 512 46.42 10.59 -28.10
C LEU A 512 44.98 10.98 -28.38
N ALA A 513 44.10 9.98 -28.40
CA ALA A 513 42.67 10.25 -28.57
C ALA A 513 42.06 10.68 -27.24
N VAL A 514 42.36 11.92 -26.86
CA VAL A 514 41.88 12.48 -25.59
C VAL A 514 40.49 13.04 -25.86
N ALA A 515 39.47 12.24 -25.59
CA ALA A 515 38.13 12.50 -26.06
C ALA A 515 37.15 11.65 -25.26
N PRO A 516 35.83 11.86 -25.38
CA PRO A 516 34.88 10.88 -24.81
C PRO A 516 34.87 9.56 -25.57
N LEU A 517 35.95 8.80 -25.52
CA LEU A 517 36.05 7.54 -26.25
C LEU A 517 35.95 6.46 -25.19
N ALA A 518 34.75 5.90 -25.04
CA ALA A 518 34.48 4.96 -23.97
C ALA A 518 35.20 3.63 -24.20
N ILE A 519 35.76 3.10 -23.13
CA ILE A 519 36.50 1.84 -23.18
C ILE A 519 35.47 0.72 -23.30
N THR A 520 35.33 0.16 -24.51
CA THR A 520 34.48 -0.99 -24.73
C THR A 520 35.30 -2.11 -25.35
N TYR A 521 34.68 -3.28 -25.49
CA TYR A 521 35.41 -4.51 -25.80
C TYR A 521 35.95 -4.52 -27.23
N VAL A 522 35.15 -4.13 -28.20
CA VAL A 522 35.58 -4.20 -29.59
C VAL A 522 36.60 -3.12 -29.92
N ARG A 523 36.65 -2.04 -29.15
CA ARG A 523 37.60 -0.96 -29.42
C ARG A 523 38.99 -1.23 -28.85
N GLU A 524 39.17 -2.24 -28.01
CA GLU A 524 40.51 -2.46 -27.49
C GLU A 524 41.23 -3.58 -28.23
N LYS A 525 40.53 -4.31 -29.09
CA LYS A 525 41.22 -5.21 -30.02
C LYS A 525 42.02 -4.45 -31.04
N VAL A 526 41.64 -3.23 -31.35
CA VAL A 526 42.30 -2.42 -32.37
C VAL A 526 43.31 -1.44 -31.76
N ILE A 527 42.93 -0.69 -30.73
CA ILE A 527 43.82 0.30 -30.14
C ILE A 527 44.05 -0.03 -28.67
N ASP A 528 44.89 0.77 -28.01
CA ASP A 528 45.18 0.61 -26.60
C ASP A 528 44.71 1.83 -25.84
N PHE A 529 43.99 1.61 -24.75
CA PHE A 529 43.55 2.70 -23.89
C PHE A 529 44.55 2.94 -22.77
N SER A 530 44.29 3.98 -21.98
CA SER A 530 44.86 4.10 -20.66
C SER A 530 43.82 3.65 -19.66
N LYS A 531 44.16 3.73 -18.38
CA LYS A 531 43.16 3.53 -17.35
C LYS A 531 42.20 4.72 -17.33
N PRO A 532 40.94 4.51 -16.94
CA PRO A 532 39.92 5.55 -17.15
C PRO A 532 40.15 6.81 -16.34
N PHE A 533 39.60 7.91 -16.84
CA PHE A 533 39.61 9.18 -16.13
C PHE A 533 38.22 9.68 -15.78
N MET A 534 37.17 8.90 -16.06
CA MET A 534 35.82 9.37 -15.75
C MET A 534 34.92 8.16 -15.61
N THR A 535 34.41 7.93 -14.39
CA THR A 535 33.52 6.82 -14.13
C THR A 535 32.13 7.16 -14.68
N LEU A 536 31.46 6.17 -15.26
CA LEU A 536 30.31 6.47 -16.09
C LEU A 536 29.37 5.28 -16.14
N GLY A 537 28.12 5.53 -16.51
CA GLY A 537 27.16 4.47 -16.67
C GLY A 537 25.94 4.97 -17.42
N ILE A 538 24.94 4.10 -17.50
CA ILE A 538 23.65 4.42 -18.11
C ILE A 538 22.67 4.71 -16.99
N SER A 539 21.94 5.82 -17.11
CA SER A 539 20.93 6.17 -16.13
C SER A 539 19.72 6.71 -16.86
N ILE A 540 18.80 7.33 -16.13
CA ILE A 540 17.47 7.68 -16.62
C ILE A 540 17.26 9.18 -16.47
N LEU A 541 17.01 9.86 -17.59
CA LEU A 541 16.41 11.19 -17.52
C LEU A 541 14.91 11.08 -17.26
N TYR A 542 14.39 12.06 -16.52
CA TYR A 542 12.98 12.20 -16.26
C TYR A 542 12.74 13.63 -15.79
N ARG A 543 11.54 14.13 -16.03
CA ARG A 543 11.20 15.49 -15.64
C ARG A 543 11.03 15.57 -14.13
N LYS A 544 11.52 16.66 -13.54
CA LYS A 544 11.37 16.88 -12.11
C LYS A 544 9.89 17.01 -11.78
N PRO A 545 9.39 16.33 -10.71
CA PRO A 545 7.93 16.29 -10.48
C PRO A 545 7.33 17.65 -10.13
N ASN A 546 6.56 18.15 -11.08
CA ASN A 546 5.98 19.48 -11.01
C ASN A 546 4.69 19.44 -10.22
N GLY A 547 4.53 20.41 -9.32
CA GLY A 547 3.21 20.77 -8.86
C GLY A 547 2.64 19.97 -7.71
N THR A 548 1.83 18.97 -8.09
CA THR A 548 0.87 18.14 -7.32
C THR A 548 -0.38 18.92 -6.96
N ASN A 549 -0.37 20.24 -7.22
CA ASN A 549 -1.42 21.27 -7.22
C ASN A 549 -2.47 21.09 -6.12
N PRO A 550 -2.12 21.30 -4.84
CA PRO A 550 -3.15 21.16 -3.80
C PRO A 550 -4.19 22.27 -3.85
N GLY A 551 -3.77 23.53 -3.97
CA GLY A 551 -4.68 24.64 -4.16
C GLY A 551 -5.47 25.02 -2.92
N VAL A 552 -6.03 26.22 -2.97
CA VAL A 552 -6.96 26.71 -1.97
C VAL A 552 -8.27 25.95 -2.19
N PHE A 553 -9.07 25.85 -1.12
CA PHE A 553 -10.37 25.15 -1.11
C PHE A 553 -10.21 23.65 -1.38
N SER A 554 -9.07 23.08 -1.00
CA SER A 554 -8.87 21.65 -1.16
C SER A 554 -9.48 20.83 -0.03
N PHE A 555 -9.97 21.49 1.02
CA PHE A 555 -10.78 20.80 2.04
C PHE A 555 -12.14 20.39 1.50
N LEU A 556 -12.57 20.98 0.40
CA LEU A 556 -13.90 20.78 -0.17
C LEU A 556 -13.96 19.53 -1.04
N ASN A 557 -12.83 18.85 -1.23
CA ASN A 557 -12.69 17.66 -2.08
C ASN A 557 -13.32 16.34 -1.62
N PRO A 558 -13.33 15.94 -0.33
CA PRO A 558 -13.87 14.59 -0.02
C PRO A 558 -15.37 14.40 -0.21
N LEU A 559 -16.11 15.43 -0.60
CA LEU A 559 -17.50 15.27 -1.01
C LEU A 559 -17.65 15.94 -2.36
N SER A 560 -18.49 15.35 -3.22
CA SER A 560 -18.73 15.88 -4.54
C SER A 560 -19.54 17.18 -4.44
N PRO A 561 -19.46 18.05 -5.46
CA PRO A 561 -20.26 19.30 -5.41
C PRO A 561 -21.76 19.08 -5.48
N ASP A 562 -22.23 17.89 -5.87
CA ASP A 562 -23.64 17.57 -5.66
C ASP A 562 -23.95 17.41 -4.18
N ILE A 563 -23.01 16.83 -3.42
CA ILE A 563 -23.25 16.54 -2.01
C ILE A 563 -23.18 17.81 -1.16
N TRP A 564 -22.22 18.70 -1.47
CA TRP A 564 -22.12 19.95 -0.73
C TRP A 564 -23.33 20.84 -0.95
N MET A 565 -24.00 20.71 -2.10
CA MET A 565 -25.22 21.48 -2.33
C MET A 565 -26.42 20.79 -1.69
N TYR A 566 -26.47 19.46 -1.74
CA TYR A 566 -27.64 18.74 -1.23
C TYR A 566 -27.72 18.79 0.28
N VAL A 567 -26.57 18.74 0.97
CA VAL A 567 -26.54 18.92 2.41
C VAL A 567 -26.97 20.34 2.79
N LEU A 568 -26.57 21.32 1.97
CA LEU A 568 -27.01 22.70 2.19
C LEU A 568 -28.51 22.86 1.95
N LEU A 569 -29.05 22.18 0.94
CA LEU A 569 -30.49 22.20 0.74
C LEU A 569 -31.23 21.35 1.75
N ALA A 570 -30.57 20.37 2.37
CA ALA A 570 -31.21 19.60 3.43
C ALA A 570 -31.36 20.42 4.69
N CYS A 571 -30.34 21.24 5.01
CA CYS A 571 -30.41 22.08 6.20
C CYS A 571 -31.43 23.20 6.03
N LEU A 572 -31.60 23.70 4.81
CA LEU A 572 -32.66 24.67 4.53
C LEU A 572 -34.00 23.99 4.27
N GLY A 573 -34.05 22.67 4.24
CA GLY A 573 -35.29 21.96 4.03
C GLY A 573 -35.87 21.40 5.31
N VAL A 574 -35.02 20.82 6.14
CA VAL A 574 -35.44 20.26 7.42
C VAL A 574 -35.86 21.37 8.38
N SER A 575 -35.12 22.47 8.39
CA SER A 575 -35.47 23.61 9.24
C SER A 575 -36.74 24.31 8.78
N CYS A 576 -37.14 24.17 7.53
CA CYS A 576 -38.45 24.65 7.13
C CYS A 576 -39.55 23.66 7.49
N VAL A 577 -39.22 22.37 7.55
CA VAL A 577 -40.19 21.39 8.01
C VAL A 577 -40.38 21.50 9.52
N LEU A 578 -39.26 21.59 10.26
CA LEU A 578 -39.31 21.70 11.72
C LEU A 578 -39.98 23.00 12.19
N PHE A 579 -39.98 24.04 11.35
CA PHE A 579 -40.76 25.23 11.66
C PHE A 579 -42.25 24.96 11.55
N VAL A 580 -42.65 24.17 10.56
CA VAL A 580 -44.07 23.91 10.33
C VAL A 580 -44.60 22.90 11.35
N ILE A 581 -43.81 21.87 11.65
CA ILE A 581 -44.25 20.84 12.58
C ILE A 581 -44.36 21.40 14.00
N ALA A 582 -43.38 22.20 14.43
CA ALA A 582 -43.43 22.77 15.77
C ALA A 582 -44.48 23.85 15.92
N ARG A 583 -44.92 24.46 14.82
CA ARG A 583 -46.02 25.42 14.92
C ARG A 583 -47.35 24.69 15.04
N PHE A 584 -47.55 23.63 14.26
CA PHE A 584 -48.79 22.88 14.29
C PHE A 584 -48.92 21.95 15.49
N SER A 585 -47.82 21.56 16.12
CA SER A 585 -47.93 20.60 17.20
C SER A 585 -48.43 21.28 18.48
N PRO A 586 -49.35 20.66 19.20
CA PRO A 586 -49.87 21.27 20.42
C PRO A 586 -48.91 21.15 21.59
N TYR A 587 -48.17 20.04 21.63
CA TYR A 587 -47.28 19.77 22.75
C TYR A 587 -46.02 20.63 22.76
N GLU A 588 -45.72 21.32 21.67
CA GLU A 588 -44.61 22.25 21.68
C GLU A 588 -44.99 23.55 22.38
N TRP A 589 -46.26 23.95 22.29
CA TRP A 589 -46.74 25.13 22.99
C TRP A 589 -46.81 24.87 24.49
N TYR A 590 -45.76 25.23 25.21
CA TYR A 590 -45.64 24.96 26.64
C TYR A 590 -45.77 26.26 27.42
N ASN A 591 -45.66 26.15 28.73
CA ASN A 591 -45.76 27.31 29.60
C ASN A 591 -44.36 27.84 29.92
N PRO A 592 -44.02 29.05 29.51
CA PRO A 592 -42.74 29.66 29.90
C PRO A 592 -42.84 30.19 31.32
N HIS A 593 -41.78 30.91 31.74
CA HIS A 593 -41.65 31.61 33.02
C HIS A 593 -41.88 30.66 34.19
N PRO A 594 -40.90 29.79 34.54
CA PRO A 594 -41.20 28.66 35.44
C PRO A 594 -41.49 29.02 36.90
N CYS A 595 -42.43 29.94 37.10
CA CYS A 595 -43.10 30.23 38.36
C CYS A 595 -44.58 30.26 38.01
N ASN A 596 -45.42 30.79 38.93
CA ASN A 596 -46.75 31.33 38.63
C ASN A 596 -47.69 30.37 37.90
N PRO A 597 -48.36 29.42 38.62
CA PRO A 597 -49.06 28.28 37.98
C PRO A 597 -50.05 28.58 36.86
N ASP A 598 -49.64 28.14 35.66
CA ASP A 598 -50.32 28.13 34.36
C ASP A 598 -50.41 29.50 33.70
N SER A 599 -50.26 30.59 34.47
CA SER A 599 -49.82 31.92 34.04
C SER A 599 -50.59 32.61 32.91
N ASP A 600 -51.62 31.95 32.37
CA ASP A 600 -52.39 32.36 31.19
C ASP A 600 -51.48 32.70 30.00
N VAL A 601 -50.43 31.90 29.80
CA VAL A 601 -49.54 32.05 28.65
C VAL A 601 -49.21 30.70 28.06
N VAL A 602 -48.96 30.70 26.75
CA VAL A 602 -48.28 29.60 26.05
C VAL A 602 -47.21 30.23 25.17
N GLU A 603 -46.26 29.41 24.74
CA GLU A 603 -45.11 29.93 24.02
C GLU A 603 -44.54 28.87 23.10
N ASN A 604 -44.19 29.29 21.88
CA ASN A 604 -43.46 28.46 20.92
C ASN A 604 -42.05 29.03 20.82
N ASN A 605 -41.05 28.23 21.19
CA ASN A 605 -39.67 28.69 21.04
C ASN A 605 -39.22 28.61 19.59
N PHE A 606 -39.69 27.62 18.85
CA PHE A 606 -39.24 27.41 17.48
C PHE A 606 -39.92 28.42 16.57
N THR A 607 -39.28 29.58 16.41
CA THR A 607 -39.66 30.54 15.40
C THR A 607 -39.00 30.16 14.09
N LEU A 608 -39.03 31.05 13.10
CA LEU A 608 -38.34 30.76 11.85
C LEU A 608 -36.84 30.84 12.02
N LEU A 609 -36.36 31.90 12.68
CA LEU A 609 -34.92 32.07 12.90
C LEU A 609 -34.37 31.02 13.87
N ASN A 610 -35.13 30.66 14.90
CA ASN A 610 -34.69 29.67 15.86
C ASN A 610 -34.70 28.25 15.32
N SER A 611 -35.36 28.01 14.19
CA SER A 611 -35.37 26.68 13.60
C SER A 611 -34.25 26.47 12.59
N PHE A 612 -33.83 27.51 11.88
CA PHE A 612 -32.59 27.42 11.12
C PHE A 612 -31.40 27.20 12.04
N TRP A 613 -31.37 27.91 13.17
CA TRP A 613 -30.25 27.83 14.10
C TRP A 613 -30.19 26.48 14.81
N PHE A 614 -31.31 25.78 14.91
CA PHE A 614 -31.24 24.39 15.36
C PHE A 614 -30.61 23.50 14.29
N GLY A 615 -31.02 23.66 13.04
CA GLY A 615 -30.52 22.82 11.98
C GLY A 615 -29.08 23.08 11.62
N VAL A 616 -28.64 24.33 11.71
CA VAL A 616 -27.23 24.64 11.49
C VAL A 616 -26.38 24.12 12.64
N GLY A 617 -26.88 24.27 13.87
CA GLY A 617 -26.11 23.81 15.02
C GLY A 617 -25.97 22.31 15.09
N ALA A 618 -27.03 21.58 14.73
CA ALA A 618 -26.95 20.13 14.67
C ALA A 618 -26.07 19.67 13.51
N LEU A 619 -25.95 20.50 12.46
CA LEU A 619 -25.08 20.15 11.34
C LEU A 619 -23.62 20.21 11.73
N MET A 620 -23.24 21.21 12.53
CA MET A 620 -21.87 21.36 12.99
C MET A 620 -21.65 20.73 14.36
N GLN A 621 -22.44 19.72 14.71
CA GLN A 621 -22.24 18.81 15.84
C GLN A 621 -22.30 19.46 17.23
N GLN A 622 -22.59 20.76 17.30
CA GLN A 622 -22.63 21.46 18.58
C GLN A 622 -24.07 21.91 18.80
N GLY A 623 -24.72 21.31 19.79
CA GLY A 623 -26.14 21.52 19.96
C GLY A 623 -26.49 22.92 20.40
N SER A 624 -27.66 23.39 19.95
CA SER A 624 -28.08 24.75 20.20
C SER A 624 -28.69 24.86 21.61
N GLU A 625 -29.19 26.06 21.93
CA GLU A 625 -29.72 26.30 23.26
C GLU A 625 -31.12 25.75 23.45
N LEU A 626 -31.76 25.27 22.40
CA LEU A 626 -33.12 24.77 22.48
C LEU A 626 -33.21 23.44 21.77
N MET A 627 -34.00 22.54 22.34
CA MET A 627 -34.24 21.20 21.81
C MET A 627 -35.74 20.99 21.71
N PRO A 628 -36.18 20.10 20.82
CA PRO A 628 -37.61 19.80 20.74
C PRO A 628 -38.13 19.12 22.01
N LYS A 629 -39.43 19.27 22.24
CA LYS A 629 -40.07 18.71 23.42
C LYS A 629 -41.28 17.85 23.08
N ALA A 630 -41.67 17.78 21.81
CA ALA A 630 -42.77 16.92 21.38
C ALA A 630 -42.22 15.80 20.51
N LEU A 631 -42.92 14.67 20.51
CA LEU A 631 -42.48 13.49 19.77
C LEU A 631 -42.51 13.71 18.26
N SER A 632 -43.34 14.62 17.77
CA SER A 632 -43.30 14.96 16.36
C SER A 632 -42.01 15.67 15.99
N THR A 633 -41.63 16.67 16.77
CA THR A 633 -40.41 17.41 16.50
C THR A 633 -39.15 16.70 16.99
N ARG A 634 -39.27 15.70 17.85
CA ARG A 634 -38.12 14.90 18.22
C ARG A 634 -37.80 13.80 17.21
N ILE A 635 -38.68 13.56 16.24
CA ILE A 635 -38.33 12.66 15.15
C ILE A 635 -37.64 13.44 14.04
N VAL A 636 -38.03 14.70 13.82
CA VAL A 636 -37.31 15.56 12.87
C VAL A 636 -35.90 15.83 13.36
N GLY A 637 -35.76 16.22 14.62
CA GLY A 637 -34.44 16.45 15.18
C GLY A 637 -33.66 15.17 15.37
N GLY A 638 -34.35 14.06 15.64
CA GLY A 638 -33.66 12.80 15.85
C GLY A 638 -33.12 12.19 14.58
N ILE A 639 -33.78 12.44 13.46
CA ILE A 639 -33.29 11.90 12.18
C ILE A 639 -32.37 12.88 11.48
N TRP A 640 -32.43 14.17 11.82
CA TRP A 640 -31.42 15.09 11.34
C TRP A 640 -30.10 14.90 12.05
N TRP A 641 -30.13 14.39 13.29
CA TRP A 641 -28.90 14.08 14.01
C TRP A 641 -28.20 12.88 13.42
N PHE A 642 -28.97 11.85 13.01
CA PHE A 642 -28.36 10.70 12.38
C PHE A 642 -27.85 11.01 10.98
N PHE A 643 -28.51 11.95 10.28
CA PHE A 643 -28.01 12.39 8.99
C PHE A 643 -26.65 13.05 9.10
N THR A 644 -26.51 13.96 10.06
CA THR A 644 -25.26 14.68 10.22
C THR A 644 -24.16 13.83 10.83
N LEU A 645 -24.50 12.75 11.54
CA LEU A 645 -23.45 11.87 12.04
C LEU A 645 -22.78 11.11 10.91
N ILE A 646 -23.53 10.77 9.86
CA ILE A 646 -22.95 10.08 8.73
C ILE A 646 -22.14 11.04 7.86
N ILE A 647 -22.63 12.28 7.72
CA ILE A 647 -21.98 13.27 6.87
C ILE A 647 -20.61 13.67 7.41
N ILE A 648 -20.50 13.88 8.72
CA ILE A 648 -19.21 14.25 9.29
C ILE A 648 -18.29 13.04 9.31
N SER A 649 -18.84 11.84 9.48
CA SER A 649 -18.01 10.64 9.43
C SER A 649 -17.57 10.34 8.00
N SER A 650 -18.44 10.57 7.02
CA SER A 650 -18.06 10.31 5.63
C SER A 650 -17.09 11.36 5.12
N TYR A 651 -17.15 12.58 5.66
CA TYR A 651 -16.15 13.59 5.30
C TYR A 651 -14.80 13.25 5.88
N THR A 652 -14.76 12.83 7.14
CA THR A 652 -13.49 12.54 7.79
C THR A 652 -12.84 11.29 7.23
N ALA A 653 -13.63 10.25 6.98
CA ALA A 653 -13.09 8.99 6.49
C ALA A 653 -12.60 9.10 5.05
N ASN A 654 -13.25 9.93 4.23
CA ASN A 654 -12.75 10.13 2.87
C ASN A 654 -11.51 11.00 2.88
N LEU A 655 -11.46 12.00 3.76
CA LEU A 655 -10.27 12.83 3.86
C LEU A 655 -9.09 12.04 4.40
N ALA A 656 -9.36 11.02 5.22
CA ALA A 656 -8.31 10.09 5.60
C ALA A 656 -7.92 9.15 4.48
N ALA A 657 -8.74 9.06 3.43
CA ALA A 657 -8.39 8.26 2.26
C ALA A 657 -7.63 9.08 1.22
N PHE A 658 -7.99 10.36 1.04
CA PHE A 658 -7.23 11.24 0.16
C PHE A 658 -5.82 11.47 0.67
N LEU A 659 -5.67 11.71 1.96
CA LEU A 659 -4.35 12.02 2.51
C LEU A 659 -3.48 10.79 2.68
N THR A 660 -4.07 9.60 2.64
CA THR A 660 -3.26 8.39 2.73
C THR A 660 -2.70 7.99 1.37
N VAL A 661 -3.54 8.01 0.32
CA VAL A 661 -3.09 7.52 -0.97
C VAL A 661 -2.13 8.48 -1.66
N GLU A 662 -2.15 9.78 -1.31
CA GLU A 662 -1.13 10.68 -1.83
C GLU A 662 0.12 10.70 -0.96
N ARG A 663 0.07 10.04 0.19
CA ARG A 663 1.26 9.75 0.97
C ARG A 663 1.91 8.46 0.51
N MET A 664 1.15 7.55 -0.09
CA MET A 664 1.70 6.36 -0.70
C MET A 664 2.19 6.59 -2.12
N GLU A 665 1.94 7.75 -2.71
CA GLU A 665 2.44 8.05 -4.05
C GLU A 665 3.94 8.27 -3.98
N SER A 666 4.68 7.24 -4.30
CA SER A 666 6.13 7.36 -4.42
C SER A 666 6.48 7.67 -5.86
N PRO A 667 7.41 8.59 -6.11
CA PRO A 667 7.85 8.84 -7.48
C PRO A 667 8.71 7.71 -8.01
N ILE A 668 9.01 7.78 -9.31
CA ILE A 668 9.78 6.72 -9.96
C ILE A 668 11.22 6.82 -9.48
N ASP A 669 11.72 5.73 -8.90
CA ASP A 669 12.99 5.75 -8.21
C ASP A 669 14.01 4.80 -8.85
N SER A 670 13.59 3.95 -9.78
CA SER A 670 14.50 3.00 -10.40
C SER A 670 13.98 2.64 -11.78
N ALA A 671 14.81 1.92 -12.53
CA ALA A 671 14.36 1.36 -13.80
C ALA A 671 13.40 0.20 -13.56
N ASP A 672 13.50 -0.47 -12.42
CA ASP A 672 12.54 -1.50 -12.06
C ASP A 672 11.18 -0.89 -11.76
N ASP A 673 11.14 0.37 -11.31
CA ASP A 673 9.88 1.08 -11.15
C ASP A 673 9.24 1.40 -12.50
N LEU A 674 10.06 1.58 -13.54
CA LEU A 674 9.53 1.78 -14.88
C LEU A 674 9.06 0.49 -15.52
N ALA A 675 9.44 -0.67 -14.96
CA ALA A 675 9.10 -1.94 -15.59
C ALA A 675 7.59 -2.21 -15.54
N LYS A 676 6.99 -2.01 -14.38
CA LYS A 676 5.54 -2.14 -14.27
C LYS A 676 4.82 -0.93 -14.84
N GLN A 677 5.53 0.18 -14.99
CA GLN A 677 4.92 1.43 -15.40
C GLN A 677 4.61 1.40 -16.89
N THR A 678 3.50 2.05 -17.28
CA THR A 678 3.00 1.93 -18.64
C THR A 678 2.76 3.29 -19.29
N LYS A 679 2.27 4.26 -18.50
CA LYS A 679 1.83 5.55 -19.04
C LYS A 679 3.01 6.38 -19.52
N ILE A 680 3.97 6.64 -18.63
CA ILE A 680 5.18 7.37 -19.01
C ILE A 680 6.06 6.44 -19.83
N GLU A 681 6.37 6.85 -21.05
CA GLU A 681 7.05 5.99 -22.01
C GLU A 681 8.56 6.08 -21.86
N TYR A 682 9.24 5.04 -22.34
CA TYR A 682 10.69 4.94 -22.30
C TYR A 682 11.31 5.79 -23.40
N GLY A 683 12.61 5.63 -23.62
CA GLY A 683 13.26 6.28 -24.74
C GLY A 683 14.71 5.90 -24.81
N ALA A 684 15.30 6.11 -25.99
CA ALA A 684 16.70 5.84 -26.25
C ALA A 684 17.10 6.60 -27.50
N VAL A 685 18.39 6.59 -27.79
CA VAL A 685 18.92 7.13 -29.03
C VAL A 685 19.10 5.96 -30.00
N GLU A 686 18.86 6.19 -31.28
CA GLU A 686 18.85 5.11 -32.26
C GLU A 686 20.26 4.66 -32.58
N ASP A 687 20.50 3.36 -32.46
CA ASP A 687 21.77 2.68 -32.79
C ASP A 687 22.94 3.25 -31.98
N GLY A 688 22.65 3.61 -30.73
CA GLY A 688 23.66 4.03 -29.80
C GLY A 688 24.09 2.88 -28.90
N ALA A 689 25.02 3.20 -27.99
CA ALA A 689 25.51 2.19 -27.06
C ALA A 689 24.51 1.89 -25.95
N THR A 690 23.49 2.72 -25.79
CA THR A 690 22.51 2.48 -24.73
C THR A 690 21.53 1.38 -25.13
N MET A 691 20.93 1.48 -26.32
CA MET A 691 20.06 0.41 -26.80
C MET A 691 20.84 -0.84 -27.20
N THR A 692 22.14 -0.69 -27.47
CA THR A 692 22.99 -1.86 -27.70
C THR A 692 23.11 -2.70 -26.43
N PHE A 693 23.10 -2.05 -25.27
CA PHE A 693 23.12 -2.76 -24.00
C PHE A 693 21.83 -3.54 -23.77
N PHE A 694 20.70 -3.01 -24.24
CA PHE A 694 19.42 -3.66 -23.97
C PHE A 694 19.19 -4.85 -24.88
N LYS A 695 19.83 -4.88 -26.05
CA LYS A 695 19.71 -6.04 -26.92
C LYS A 695 20.48 -7.23 -26.35
N LYS A 696 21.66 -6.97 -25.80
CA LYS A 696 22.49 -8.03 -25.24
C LYS A 696 22.11 -8.39 -23.81
N SER A 697 21.16 -7.68 -23.21
CA SER A 697 20.85 -7.86 -21.80
C SER A 697 20.04 -9.13 -21.56
N LYS A 698 20.46 -9.88 -20.55
CA LYS A 698 19.73 -11.06 -20.09
C LYS A 698 18.94 -10.80 -18.82
N ILE A 699 18.99 -9.58 -18.30
CA ILE A 699 18.20 -9.23 -17.12
C ILE A 699 16.75 -9.09 -17.52
N SER A 700 15.86 -9.78 -16.80
CA SER A 700 14.44 -9.79 -17.12
C SER A 700 13.79 -8.42 -16.94
N THR A 701 14.33 -7.60 -16.02
CA THR A 701 13.84 -6.24 -15.89
C THR A 701 14.22 -5.41 -17.11
N TYR A 702 15.43 -5.60 -17.63
CA TYR A 702 15.90 -4.82 -18.76
C TYR A 702 15.37 -5.39 -20.08
N ASP A 703 15.07 -6.68 -20.12
CA ASP A 703 14.54 -7.29 -21.33
C ASP A 703 13.10 -6.85 -21.58
N LYS A 704 12.32 -6.68 -20.50
CA LYS A 704 10.99 -6.09 -20.64
C LYS A 704 11.06 -4.65 -21.10
N MET A 705 12.13 -3.92 -20.73
CA MET A 705 12.34 -2.57 -21.22
C MET A 705 12.63 -2.56 -22.72
N TRP A 706 13.27 -3.63 -23.23
CA TRP A 706 13.47 -3.74 -24.67
C TRP A 706 12.23 -4.27 -25.39
N ALA A 707 11.36 -4.98 -24.68
CA ALA A 707 10.08 -5.39 -25.27
C ALA A 707 9.20 -4.18 -25.56
N PHE A 708 9.34 -3.11 -24.78
CA PHE A 708 8.74 -1.84 -25.14
C PHE A 708 9.39 -1.29 -26.41
N MET A 709 10.71 -1.39 -26.51
CA MET A 709 11.46 -0.64 -27.51
C MET A 709 11.51 -1.35 -28.85
N SER A 710 11.56 -2.69 -28.85
CA SER A 710 11.63 -3.41 -30.11
C SER A 710 10.33 -3.32 -30.91
N SER A 711 9.21 -3.09 -30.23
CA SER A 711 7.96 -2.87 -30.93
C SER A 711 7.82 -1.43 -31.38
N ARG A 712 7.85 -0.49 -30.43
CA ARG A 712 7.53 0.91 -30.71
C ARG A 712 8.79 1.73 -30.98
N ARG A 713 9.59 1.29 -31.96
CA ARG A 713 10.81 2.04 -32.27
C ARG A 713 10.60 3.09 -33.37
N GLN A 714 9.51 3.84 -33.23
CA GLN A 714 9.28 5.02 -34.05
C GLN A 714 8.85 6.23 -33.24
N SER A 715 8.26 6.05 -32.06
CA SER A 715 7.81 7.15 -31.24
C SER A 715 8.69 7.43 -30.02
N VAL A 716 9.45 6.44 -29.55
CA VAL A 716 10.30 6.65 -28.39
C VAL A 716 11.79 6.59 -28.73
N LEU A 717 12.21 5.78 -29.71
CA LEU A 717 13.61 5.74 -30.12
C LEU A 717 13.88 6.92 -31.02
N VAL A 718 14.55 7.94 -30.47
CA VAL A 718 14.73 9.20 -31.16
C VAL A 718 16.14 9.21 -31.78
N LYS A 719 16.37 10.15 -32.68
CA LYS A 719 17.56 10.14 -33.53
C LYS A 719 18.80 10.71 -32.83
N SER A 720 18.65 11.78 -32.06
CA SER A 720 19.79 12.47 -31.47
C SER A 720 19.58 12.64 -29.97
N ASN A 721 20.66 12.99 -29.27
CA ASN A 721 20.59 13.24 -27.84
C ASN A 721 19.81 14.51 -27.52
N GLU A 722 20.01 15.56 -28.33
CA GLU A 722 19.33 16.82 -28.07
C GLU A 722 17.85 16.76 -28.41
N GLU A 723 17.44 15.85 -29.29
CA GLU A 723 16.02 15.68 -29.56
C GLU A 723 15.33 14.98 -28.40
N GLY A 724 16.00 14.02 -27.77
CA GLY A 724 15.41 13.29 -26.65
C GLY A 724 15.29 14.12 -25.40
N ILE A 725 16.11 15.17 -25.26
CA ILE A 725 15.96 16.10 -24.14
C ILE A 725 14.68 16.90 -24.29
N GLN A 726 14.36 17.31 -25.52
CA GLN A 726 13.10 18.00 -25.78
C GLN A 726 11.90 17.09 -25.60
N ARG A 727 12.08 15.78 -25.79
CA ARG A 727 10.99 14.84 -25.58
C ARG A 727 10.66 14.67 -24.11
N VAL A 728 11.66 14.77 -23.22
CA VAL A 728 11.40 14.68 -21.78
C VAL A 728 10.59 15.89 -21.32
N LEU A 729 10.80 17.04 -21.94
CA LEU A 729 10.10 18.26 -21.59
C LEU A 729 8.63 18.18 -22.00
N THR A 730 8.35 18.11 -23.30
CA THR A 730 6.98 18.14 -23.79
C THR A 730 6.48 16.73 -24.14
N SER A 731 6.45 15.87 -23.12
CA SER A 731 5.78 14.55 -23.13
C SER A 731 5.82 14.00 -21.71
N ASP A 732 5.30 12.78 -21.56
CA ASP A 732 5.53 11.94 -20.39
C ASP A 732 6.55 10.90 -20.84
N TYR A 733 7.83 11.25 -20.72
CA TYR A 733 8.90 10.57 -21.43
C TYR A 733 10.08 10.39 -20.48
N ALA A 734 10.79 9.29 -20.67
CA ALA A 734 11.95 8.96 -19.83
C ALA A 734 13.08 8.53 -20.76
N PHE A 735 14.09 9.37 -20.90
CA PHE A 735 15.15 9.15 -21.88
C PHE A 735 16.33 8.46 -21.23
N LEU A 736 16.98 7.57 -21.99
CA LEU A 736 18.08 6.75 -21.50
C LEU A 736 19.34 7.10 -22.26
N MET A 737 20.32 7.65 -21.56
CA MET A 737 21.58 8.03 -22.16
C MET A 737 22.66 7.89 -21.08
N GLU A 738 23.86 8.39 -21.36
CA GLU A 738 24.98 8.18 -20.46
C GLU A 738 24.85 9.11 -19.25
N SER A 739 25.46 8.68 -18.13
CA SER A 739 25.26 9.37 -16.86
C SER A 739 25.87 10.76 -16.82
N THR A 740 26.94 10.97 -17.58
CA THR A 740 27.57 12.29 -17.58
C THR A 740 26.73 13.31 -18.33
N THR A 741 26.15 12.90 -19.46
CA THR A 741 25.30 13.80 -20.20
C THR A 741 23.93 13.98 -19.56
N ILE A 742 23.53 13.11 -18.64
CA ILE A 742 22.37 13.38 -17.81
C ILE A 742 22.72 14.40 -16.75
N GLU A 743 23.79 14.16 -15.99
CA GLU A 743 24.18 15.03 -14.89
C GLU A 743 24.74 16.37 -15.35
N PHE A 744 24.92 16.58 -16.65
CA PHE A 744 25.24 17.92 -17.14
C PHE A 744 23.99 18.73 -17.45
N VAL A 745 23.00 18.13 -18.11
CA VAL A 745 21.81 18.90 -18.48
C VAL A 745 20.87 19.08 -17.30
N THR A 746 21.01 18.30 -16.23
CA THR A 746 20.27 18.59 -15.01
C THR A 746 20.87 19.78 -14.27
N GLN A 747 22.13 20.11 -14.50
CA GLN A 747 22.70 21.34 -13.96
C GLN A 747 22.27 22.55 -14.76
N ARG A 748 21.88 22.36 -16.02
CA ARG A 748 21.51 23.46 -16.90
C ARG A 748 20.01 23.74 -16.88
N ASN A 749 19.20 22.77 -16.47
CA ASN A 749 17.77 22.92 -16.38
C ASN A 749 17.28 22.44 -15.02
N CYS A 750 16.54 23.29 -14.32
CA CYS A 750 15.91 22.90 -13.07
C CYS A 750 14.60 22.14 -13.27
N ASN A 751 14.22 21.85 -14.51
CA ASN A 751 13.02 21.11 -14.80
C ASN A 751 13.27 19.61 -14.88
N LEU A 752 14.53 19.18 -14.80
CA LEU A 752 14.95 17.81 -15.07
C LEU A 752 15.62 17.22 -13.85
N THR A 753 15.61 15.89 -13.77
CA THR A 753 16.16 15.18 -12.63
C THR A 753 16.55 13.75 -13.04
N GLN A 754 17.79 13.37 -12.75
CA GLN A 754 18.18 11.97 -12.83
C GLN A 754 17.44 11.17 -11.78
N ILE A 755 16.76 10.12 -12.20
CA ILE A 755 16.12 9.19 -11.27
C ILE A 755 16.77 7.82 -11.46
N GLY A 756 17.04 7.15 -10.34
CA GLY A 756 17.71 5.87 -10.37
C GLY A 756 19.22 5.98 -10.24
N GLY A 757 19.86 4.83 -10.05
CA GLY A 757 21.30 4.77 -9.95
C GLY A 757 21.97 4.69 -11.30
N LEU A 758 22.90 3.76 -11.44
CA LEU A 758 23.58 3.52 -12.71
C LEU A 758 23.28 2.10 -13.17
N ILE A 759 22.78 1.99 -14.41
CA ILE A 759 22.46 0.68 -14.97
C ILE A 759 23.72 -0.03 -15.42
N ASP A 760 24.52 0.62 -16.25
CA ASP A 760 25.73 0.04 -16.80
C ASP A 760 26.93 0.58 -16.03
N SER A 761 28.12 0.04 -16.32
CA SER A 761 29.34 0.51 -15.70
C SER A 761 30.45 0.51 -16.74
N LYS A 762 30.96 1.69 -17.06
CA LYS A 762 31.92 1.87 -18.14
C LYS A 762 32.65 3.18 -17.89
N GLY A 763 33.63 3.50 -18.72
CA GLY A 763 34.47 4.65 -18.44
C GLY A 763 35.21 5.18 -19.64
N TYR A 764 35.47 6.48 -19.62
CA TYR A 764 36.25 7.14 -20.65
C TYR A 764 37.74 7.01 -20.36
N GLY A 765 38.50 6.55 -21.34
CA GLY A 765 39.94 6.60 -21.27
C GLY A 765 40.49 7.22 -22.53
N VAL A 766 41.71 7.74 -22.43
CA VAL A 766 42.35 8.30 -23.61
C VAL A 766 42.79 7.17 -24.52
N GLY A 767 42.91 7.46 -25.81
CA GLY A 767 43.18 6.44 -26.81
C GLY A 767 44.59 6.58 -27.35
N THR A 768 45.28 5.45 -27.44
CA THR A 768 46.62 5.35 -28.00
C THR A 768 46.63 4.25 -29.04
N PRO A 769 47.53 4.32 -30.02
CA PRO A 769 47.66 3.21 -30.99
C PRO A 769 48.17 1.94 -30.32
N MET A 770 47.98 0.83 -31.02
CA MET A 770 48.33 -0.48 -30.50
C MET A 770 49.85 -0.61 -30.35
N GLY A 771 50.29 -0.88 -29.12
CA GLY A 771 51.70 -1.00 -28.82
C GLY A 771 52.42 0.33 -28.78
N SER A 772 51.78 1.34 -28.22
CA SER A 772 52.48 2.60 -28.09
C SER A 772 53.24 2.65 -26.78
N PRO A 773 54.37 3.36 -26.72
CA PRO A 773 55.08 3.51 -25.45
C PRO A 773 54.55 4.60 -24.53
N TYR A 774 53.34 5.12 -24.78
CA TYR A 774 52.81 6.24 -24.03
C TYR A 774 51.68 5.88 -23.08
N ARG A 775 50.98 4.77 -23.30
CA ARG A 775 49.81 4.45 -22.47
C ARG A 775 50.19 4.12 -21.03
N ASP A 776 51.42 3.66 -20.81
CA ASP A 776 51.88 3.46 -19.44
C ASP A 776 52.25 4.77 -18.78
N LYS A 777 52.86 5.70 -19.52
CA LYS A 777 53.22 6.99 -18.95
C LYS A 777 52.01 7.86 -18.67
N ILE A 778 50.91 7.63 -19.39
CA ILE A 778 49.69 8.40 -19.16
C ILE A 778 48.91 7.83 -17.99
N THR A 779 48.91 6.50 -17.85
CA THR A 779 48.21 5.83 -16.75
C THR A 779 48.77 6.26 -15.40
N ILE A 780 50.10 6.31 -15.29
CA ILE A 780 50.74 6.89 -14.10
C ILE A 780 50.43 8.39 -13.99
N ALA A 781 50.34 9.08 -15.12
CA ALA A 781 50.00 10.50 -15.08
C ALA A 781 48.54 10.72 -14.67
N ILE A 782 47.63 9.84 -15.08
CA ILE A 782 46.24 9.98 -14.70
C ILE A 782 46.03 9.66 -13.23
N LEU A 783 46.67 8.60 -12.73
CA LEU A 783 46.59 8.27 -11.31
C LEU A 783 47.26 9.32 -10.43
N GLN A 784 48.25 10.05 -10.94
CA GLN A 784 48.84 11.15 -10.18
C GLN A 784 47.85 12.30 -10.00
N LEU A 785 47.10 12.62 -11.05
CA LEU A 785 46.08 13.66 -10.92
C LEU A 785 44.90 13.23 -10.06
N GLN A 786 44.65 11.93 -9.94
CA GLN A 786 43.55 11.48 -9.09
C GLN A 786 43.92 11.53 -7.61
N GLU A 787 45.18 11.24 -7.29
CA GLU A 787 45.62 11.34 -5.89
C GLU A 787 45.69 12.78 -5.44
N GLU A 788 46.03 13.70 -6.34
CA GLU A 788 46.07 15.12 -5.98
C GLU A 788 44.68 15.72 -5.86
N GLY A 789 43.67 15.08 -6.44
CA GLY A 789 42.32 15.63 -6.42
C GLY A 789 42.00 16.53 -7.59
N LYS A 790 42.73 16.40 -8.71
CA LYS A 790 42.50 17.29 -9.84
C LYS A 790 41.22 16.94 -10.58
N LEU A 791 40.98 15.65 -10.80
CA LEU A 791 39.86 15.20 -11.62
C LEU A 791 38.51 15.50 -10.97
N HIS A 792 38.45 15.58 -9.65
CA HIS A 792 37.23 16.05 -9.02
C HIS A 792 37.08 17.56 -9.17
N MET A 793 38.20 18.30 -9.17
CA MET A 793 38.13 19.73 -9.42
C MET A 793 37.94 20.03 -10.90
N MET A 794 38.54 19.23 -11.79
CA MET A 794 38.43 19.47 -13.22
C MET A 794 37.05 19.16 -13.77
N LYS A 795 36.27 18.32 -13.10
CA LYS A 795 34.87 18.20 -13.47
C LYS A 795 34.14 19.50 -13.17
N GLU A 796 34.11 19.89 -11.88
CA GLU A 796 33.22 20.92 -11.35
C GLU A 796 33.41 22.28 -11.98
N LYS A 797 34.57 22.54 -12.58
CA LYS A 797 34.75 23.78 -13.34
C LYS A 797 33.89 23.76 -14.60
N TRP A 798 33.92 22.67 -15.34
CA TRP A 798 33.14 22.54 -16.56
C TRP A 798 31.81 21.84 -16.35
N TRP A 799 31.36 21.66 -15.11
CA TRP A 799 30.18 20.84 -14.83
C TRP A 799 29.04 21.64 -14.24
N ARG A 800 29.31 22.38 -13.17
CA ARG A 800 28.28 23.01 -12.37
C ARG A 800 28.37 24.52 -12.48
N GLY A 801 27.26 25.15 -12.86
CA GLY A 801 27.18 26.58 -12.97
C GLY A 801 25.77 27.07 -12.73
N ASN A 802 25.64 28.13 -11.94
CA ASN A 802 24.36 28.68 -11.46
C ASN A 802 23.53 27.58 -10.76
N GLY A 803 24.03 27.20 -9.59
CA GLY A 803 23.43 26.11 -8.85
C GLY A 803 22.01 26.43 -8.41
N CYS A 804 21.13 25.50 -8.68
CA CYS A 804 19.69 25.63 -8.60
C CYS A 804 19.23 25.63 -7.14
N PRO A 805 18.28 26.49 -6.79
CA PRO A 805 17.73 26.48 -5.42
C PRO A 805 16.94 25.23 -5.11
N GLU A 806 16.32 24.62 -6.13
CA GLU A 806 15.78 23.26 -6.15
C GLU A 806 14.50 23.07 -5.34
N GLU A 807 14.11 24.07 -4.54
CA GLU A 807 12.87 24.11 -3.75
C GLU A 807 12.71 22.90 -2.84
N GLU A 808 13.82 22.33 -2.35
CA GLU A 808 13.80 21.02 -1.71
C GLU A 808 13.37 21.14 -0.26
N SER A 809 12.08 21.00 0.00
CA SER A 809 11.60 20.64 1.32
C SER A 809 10.99 19.24 1.30
N LYS A 810 9.93 19.03 0.52
CA LYS A 810 9.40 17.72 0.09
C LYS A 810 8.84 16.86 1.22
N GLU A 811 8.92 17.29 2.48
CA GLU A 811 8.14 16.68 3.57
C GLU A 811 7.09 17.66 4.06
N ALA A 812 6.46 18.37 3.13
CA ALA A 812 5.43 19.35 3.44
C ALA A 812 4.04 18.73 3.47
N SER A 813 3.96 17.44 3.81
CA SER A 813 2.67 16.76 3.99
C SER A 813 2.20 16.95 5.42
N ALA A 814 1.98 18.21 5.79
CA ALA A 814 1.57 18.55 7.14
C ALA A 814 0.48 19.61 7.12
N LEU A 815 -0.28 19.67 6.03
CA LEU A 815 -1.44 20.54 5.84
C LEU A 815 -1.17 22.01 6.09
N GLY A 816 -0.33 22.63 5.27
CA GLY A 816 0.00 24.03 5.43
C GLY A 816 -1.09 24.92 4.86
N VAL A 817 -0.72 26.18 4.62
CA VAL A 817 -1.64 27.16 4.06
C VAL A 817 -1.94 26.81 2.61
N GLN A 818 -1.01 26.13 1.95
CA GLN A 818 -1.26 25.64 0.59
C GLN A 818 -2.34 24.56 0.58
N ASN A 819 -2.38 23.72 1.63
CA ASN A 819 -3.33 22.62 1.65
C ASN A 819 -4.71 23.05 2.13
N ILE A 820 -4.82 23.50 3.38
CA ILE A 820 -6.14 23.76 3.92
C ILE A 820 -6.61 25.12 3.44
N GLY A 821 -5.97 26.18 3.90
CA GLY A 821 -6.04 27.48 3.27
C GLY A 821 -7.37 28.21 3.30
N GLY A 822 -8.38 27.58 2.70
CA GLY A 822 -9.59 28.29 2.33
C GLY A 822 -10.59 28.51 3.45
N ILE A 823 -10.51 27.75 4.54
CA ILE A 823 -11.40 28.01 5.66
C ILE A 823 -11.01 29.25 6.43
N PHE A 824 -9.82 29.80 6.20
CA PHE A 824 -9.51 31.14 6.69
C PHE A 824 -10.12 32.22 5.82
N ILE A 825 -10.40 31.92 4.55
CA ILE A 825 -11.08 32.87 3.68
C ILE A 825 -12.56 32.95 4.01
N VAL A 826 -13.23 31.79 4.14
CA VAL A 826 -14.65 31.81 4.42
C VAL A 826 -14.97 32.22 5.85
N LEU A 827 -14.02 32.04 6.78
CA LEU A 827 -14.16 32.65 8.10
C LEU A 827 -14.12 34.17 7.99
N ALA A 828 -13.15 34.69 7.24
CA ALA A 828 -13.06 36.12 6.99
C ALA A 828 -14.23 36.62 6.16
N ALA A 829 -14.79 35.77 5.30
CA ALA A 829 -15.96 36.16 4.53
C ALA A 829 -17.22 36.18 5.40
N GLY A 830 -17.26 35.36 6.45
CA GLY A 830 -18.39 35.35 7.34
C GLY A 830 -18.38 36.48 8.35
N LEU A 831 -17.19 36.84 8.82
CA LEU A 831 -17.06 37.94 9.77
C LEU A 831 -17.31 39.29 9.11
N VAL A 832 -17.01 39.43 7.81
CA VAL A 832 -17.35 40.67 7.11
C VAL A 832 -18.84 40.72 6.81
N LEU A 833 -19.45 39.57 6.50
CA LEU A 833 -20.89 39.50 6.28
C LEU A 833 -21.68 39.82 7.54
N SER A 834 -21.16 39.45 8.70
CA SER A 834 -21.87 39.68 9.94
C SER A 834 -21.87 41.15 10.36
N VAL A 835 -20.85 41.91 9.94
CA VAL A 835 -20.83 43.34 10.23
C VAL A 835 -21.92 44.05 9.44
N PHE A 836 -22.18 43.59 8.21
CA PHE A 836 -23.26 44.16 7.41
C PHE A 836 -24.63 43.84 8.00
N VAL A 837 -24.77 42.69 8.65
CA VAL A 837 -26.02 42.36 9.30
C VAL A 837 -26.18 43.13 10.62
N ALA A 838 -25.07 43.35 11.32
CA ALA A 838 -25.12 44.09 12.59
C ALA A 838 -25.50 45.55 12.39
N VAL A 839 -25.08 46.14 11.26
CA VAL A 839 -25.57 47.47 10.91
C VAL A 839 -27.04 47.41 10.53
N GLY A 840 -27.44 46.34 9.83
CA GLY A 840 -28.84 46.17 9.47
C GLY A 840 -29.75 45.91 10.65
N GLU A 841 -29.25 45.21 11.67
CA GLU A 841 -30.02 45.06 12.90
C GLU A 841 -30.06 46.37 13.69
N PHE A 842 -29.01 47.18 13.57
CA PHE A 842 -28.98 48.46 14.29
C PHE A 842 -29.94 49.45 13.65
N LEU A 843 -30.07 49.43 12.32
CA LEU A 843 -30.95 50.38 11.65
C LEU A 843 -32.41 49.97 11.77
N TYR A 844 -32.70 48.67 11.74
CA TYR A 844 -34.08 48.20 11.81
C TYR A 844 -34.68 48.42 13.19
N LYS A 845 -33.87 48.33 14.25
CA LYS A 845 -34.36 48.67 15.57
C LYS A 845 -34.54 50.16 15.73
N SER A 846 -33.59 50.95 15.23
CA SER A 846 -33.65 52.40 15.38
C SER A 846 -34.74 53.01 14.51
N LYS A 847 -35.13 52.35 13.43
CA LYS A 847 -36.26 52.82 12.65
C LYS A 847 -37.57 52.55 13.38
N LYS A 848 -37.69 51.38 14.02
CA LYS A 848 -38.86 51.10 14.84
C LYS A 848 -38.85 51.93 16.12
N ASN A 849 -37.66 52.28 16.62
CA ASN A 849 -37.58 53.16 17.78
C ASN A 849 -37.94 54.59 17.40
N ALA A 850 -37.70 54.96 16.14
CA ALA A 850 -38.12 56.27 15.64
C ALA A 850 -39.50 56.23 14.99
N GLN A 851 -40.24 55.13 15.16
CA GLN A 851 -41.62 55.08 14.68
C GLN A 851 -42.57 55.81 15.62
N LEU A 852 -42.21 55.96 16.89
CA LEU A 852 -43.10 56.49 17.90
C LEU A 852 -42.62 57.80 18.52
N GLU A 853 -41.32 57.93 18.81
CA GLU A 853 -40.84 59.06 19.59
C GLU A 853 -39.95 60.00 18.79
N LYS A 854 -38.86 59.50 18.23
CA LYS A 854 -37.84 60.35 17.61
C LYS A 854 -38.03 60.35 16.09
N ARG A 855 -37.37 61.29 15.41
CA ARG A 855 -37.62 61.40 13.97
C ARG A 855 -36.75 60.47 13.12
N SER A 856 -35.45 60.77 12.98
CA SER A 856 -34.59 59.90 12.19
C SER A 856 -33.21 59.67 12.78
N PHE A 857 -32.59 60.73 13.31
CA PHE A 857 -31.17 60.75 13.58
C PHE A 857 -30.82 60.75 15.06
N CYS A 858 -31.55 61.53 15.86
CA CYS A 858 -31.30 61.56 17.29
C CYS A 858 -31.69 60.27 17.99
N SER A 859 -32.51 59.43 17.35
CA SER A 859 -32.70 58.07 17.84
C SER A 859 -31.44 57.24 17.69
N ALA A 860 -30.75 57.41 16.56
CA ALA A 860 -29.52 56.64 16.33
C ALA A 860 -28.37 57.16 17.16
N MET A 861 -28.39 58.44 17.54
CA MET A 861 -27.32 59.00 18.35
C MET A 861 -27.43 58.57 19.81
N VAL A 862 -28.65 58.49 20.34
CA VAL A 862 -28.80 58.03 21.71
C VAL A 862 -28.69 56.52 21.84
N GLU A 863 -28.84 55.78 20.72
CA GLU A 863 -28.74 54.33 20.79
C GLU A 863 -27.30 53.85 20.66
N GLU A 864 -26.47 54.59 19.91
CA GLU A 864 -25.04 54.31 19.88
C GLU A 864 -24.39 54.60 21.22
N LEU A 865 -24.86 55.65 21.91
CA LEU A 865 -24.37 55.95 23.25
C LEU A 865 -25.03 55.05 24.29
N ARG A 866 -26.17 54.44 23.95
CA ARG A 866 -26.80 53.47 24.85
C ARG A 866 -25.93 52.23 25.02
N MET A 867 -25.25 51.84 23.95
CA MET A 867 -24.42 50.64 23.96
C MET A 867 -22.98 50.92 24.38
N SER A 868 -22.65 52.18 24.67
CA SER A 868 -21.30 52.57 25.05
C SER A 868 -21.19 52.88 26.55
N LEU A 869 -21.99 52.23 27.37
CA LEU A 869 -21.92 52.42 28.83
C LEU A 869 -20.83 51.59 29.48
N LYS A 870 -20.09 50.77 28.70
CA LYS A 870 -18.98 49.87 29.12
C LYS A 870 -19.29 49.07 30.38
N CYS A 871 -20.55 48.66 30.55
CA CYS A 871 -21.03 48.00 31.75
C CYS A 871 -21.57 46.62 31.41
N GLN A 872 -22.21 45.99 32.40
CA GLN A 872 -22.85 44.69 32.23
C GLN A 872 -24.37 44.77 32.26
N ARG A 873 -24.96 45.72 32.98
CA ARG A 873 -26.39 45.85 33.11
C ARG A 873 -26.83 47.24 32.66
N ARG A 874 -27.82 47.27 31.75
CA ARG A 874 -28.35 48.48 31.11
C ARG A 874 -27.27 49.29 30.41
N SER B 429 17.59 -33.25 -47.27
CA SER B 429 17.32 -32.05 -48.06
C SER B 429 16.54 -32.38 -49.32
N ASN B 430 15.48 -33.17 -49.17
CA ASN B 430 14.64 -33.61 -50.27
C ASN B 430 13.18 -33.32 -49.92
N ARG B 431 12.45 -32.77 -50.89
CA ARG B 431 11.02 -32.43 -50.85
C ARG B 431 10.64 -31.66 -49.58
N SER B 432 11.11 -30.40 -49.58
CA SER B 432 10.87 -29.41 -48.52
C SER B 432 9.41 -29.38 -48.07
N LEU B 433 9.21 -29.35 -46.76
CA LEU B 433 7.92 -29.69 -46.18
C LEU B 433 6.91 -28.57 -46.36
N ILE B 434 5.72 -28.95 -46.82
CA ILE B 434 4.61 -28.02 -47.02
C ILE B 434 3.85 -27.96 -45.70
N VAL B 435 4.04 -26.87 -44.95
CA VAL B 435 3.36 -26.67 -43.68
C VAL B 435 2.04 -25.94 -43.96
N THR B 436 0.92 -26.62 -43.74
CA THR B 436 -0.37 -25.93 -43.80
C THR B 436 -0.66 -25.25 -42.46
N THR B 437 -1.29 -24.10 -42.53
CA THR B 437 -1.41 -23.20 -41.38
C THR B 437 -2.53 -22.21 -41.62
N ILE B 438 -3.40 -22.03 -40.63
CA ILE B 438 -4.45 -21.03 -40.69
C ILE B 438 -3.95 -19.77 -39.97
N LEU B 439 -4.56 -18.64 -40.26
CA LEU B 439 -4.18 -17.36 -39.66
C LEU B 439 -5.01 -17.09 -38.41
N GLU B 440 -4.33 -16.98 -37.27
CA GLU B 440 -4.99 -16.56 -36.05
C GLU B 440 -3.99 -15.94 -35.10
N GLU B 441 -4.30 -14.73 -34.64
CA GLU B 441 -3.47 -14.05 -33.65
C GLU B 441 -3.61 -14.75 -32.30
N PRO B 442 -2.51 -14.90 -31.53
CA PRO B 442 -1.09 -14.57 -31.75
C PRO B 442 -0.28 -15.72 -32.29
N TYR B 443 -0.95 -16.70 -32.90
CA TYR B 443 -0.25 -17.91 -33.31
C TYR B 443 0.49 -17.68 -34.63
N VAL B 444 -0.25 -17.37 -35.69
CA VAL B 444 0.34 -17.01 -36.98
C VAL B 444 -0.42 -15.82 -37.53
N LEU B 445 0.29 -14.72 -37.76
CA LEU B 445 -0.28 -13.56 -38.45
C LEU B 445 0.85 -12.87 -39.22
N PHE B 446 0.46 -11.95 -40.10
CA PHE B 446 1.43 -11.23 -40.92
C PHE B 446 2.24 -10.26 -40.06
N LYS B 447 3.39 -9.87 -40.59
CA LYS B 447 4.27 -8.93 -39.92
C LYS B 447 3.97 -7.51 -40.38
N LYS B 448 3.91 -6.58 -39.43
CA LYS B 448 3.52 -5.20 -39.71
C LYS B 448 4.70 -4.45 -40.32
N SER B 449 4.88 -4.62 -41.63
CA SER B 449 5.89 -3.89 -42.38
C SER B 449 5.35 -3.66 -43.78
N ASP B 450 5.88 -2.63 -44.45
CA ASP B 450 5.37 -2.34 -45.79
C ASP B 450 6.01 -3.27 -46.81
N LYS B 451 7.32 -3.05 -47.11
CA LYS B 451 8.38 -3.95 -47.58
C LYS B 451 7.92 -5.18 -48.36
N PRO B 452 7.26 -5.04 -49.51
CA PRO B 452 6.45 -6.15 -50.02
C PRO B 452 7.26 -7.26 -50.68
N LEU B 453 6.60 -8.41 -50.82
CA LEU B 453 6.94 -9.50 -51.75
C LEU B 453 8.33 -10.10 -51.48
N TYR B 454 8.47 -10.72 -50.31
CA TYR B 454 9.67 -11.51 -50.03
C TYR B 454 9.39 -12.94 -49.59
N GLY B 455 8.34 -13.17 -48.81
CA GLY B 455 7.89 -14.53 -48.57
C GLY B 455 8.63 -15.32 -47.50
N ASN B 456 7.86 -16.02 -46.66
CA ASN B 456 8.30 -17.02 -45.66
C ASN B 456 9.09 -16.44 -44.48
N ASP B 457 9.41 -15.15 -44.53
CA ASP B 457 9.60 -14.34 -43.34
C ASP B 457 8.40 -13.41 -43.22
N ARG B 458 7.39 -13.62 -44.06
CA ARG B 458 6.18 -12.81 -44.10
C ARG B 458 5.34 -13.00 -42.85
N PHE B 459 5.37 -14.19 -42.26
CA PHE B 459 4.56 -14.50 -41.08
C PHE B 459 5.39 -14.38 -39.81
N GLU B 460 4.69 -14.20 -38.69
CA GLU B 460 5.34 -14.00 -37.40
C GLU B 460 4.31 -14.28 -36.31
N GLY B 461 4.72 -15.02 -35.28
CA GLY B 461 3.83 -15.31 -34.18
C GLY B 461 4.37 -16.44 -33.32
N TYR B 462 3.47 -17.05 -32.54
CA TYR B 462 3.85 -18.16 -31.68
C TYR B 462 4.17 -19.40 -32.48
N CYS B 463 3.30 -19.78 -33.41
CA CYS B 463 3.51 -20.96 -34.24
C CYS B 463 4.53 -20.75 -35.35
N ILE B 464 5.19 -19.60 -35.38
CA ILE B 464 6.36 -19.40 -36.24
C ILE B 464 7.63 -19.63 -35.45
N ASP B 465 7.69 -19.14 -34.21
CA ASP B 465 8.88 -19.30 -33.38
C ASP B 465 9.07 -20.75 -32.92
N LEU B 466 7.98 -21.45 -32.61
CA LEU B 466 8.07 -22.88 -32.31
C LEU B 466 8.53 -23.66 -33.52
N LEU B 467 7.92 -23.37 -34.67
CA LEU B 467 8.24 -24.04 -35.93
C LEU B 467 9.65 -23.73 -36.40
N ARG B 468 10.17 -22.56 -36.04
CA ARG B 468 11.55 -22.19 -36.34
C ARG B 468 12.54 -23.10 -35.62
N GLU B 469 12.33 -23.31 -34.33
CA GLU B 469 13.23 -24.12 -33.53
C GLU B 469 12.91 -25.61 -33.58
N LEU B 470 11.91 -26.01 -34.37
CA LEU B 470 11.79 -27.42 -34.71
C LEU B 470 12.79 -27.80 -35.80
N SER B 471 12.98 -26.92 -36.79
CA SER B 471 13.97 -27.14 -37.83
C SER B 471 15.37 -26.73 -37.40
N THR B 472 15.54 -26.27 -36.16
CA THR B 472 16.87 -26.10 -35.60
C THR B 472 17.40 -27.43 -35.09
N ILE B 473 16.55 -28.20 -34.41
CA ILE B 473 16.97 -29.51 -33.91
C ILE B 473 16.81 -30.57 -34.98
N LEU B 474 15.66 -30.63 -35.63
CA LEU B 474 15.49 -31.50 -36.79
C LEU B 474 16.10 -30.80 -38.01
N GLY B 475 16.12 -31.51 -39.13
CA GLY B 475 16.53 -30.88 -40.37
C GLY B 475 15.47 -30.97 -41.44
N PHE B 476 14.86 -29.84 -41.77
CA PHE B 476 13.88 -29.75 -42.84
C PHE B 476 13.75 -28.27 -43.22
N THR B 477 13.03 -28.01 -44.31
CA THR B 477 12.90 -26.67 -44.84
C THR B 477 11.45 -26.35 -45.22
N TYR B 478 11.21 -25.06 -45.39
CA TYR B 478 9.90 -24.41 -45.46
C TYR B 478 9.39 -24.23 -46.88
N GLU B 479 8.64 -23.13 -47.13
CA GLU B 479 7.36 -22.95 -47.84
C GLU B 479 6.22 -23.27 -46.90
N ILE B 480 6.12 -22.50 -45.81
CA ILE B 480 4.89 -22.32 -45.05
C ILE B 480 3.79 -21.94 -46.02
N ARG B 481 2.70 -22.69 -46.03
CA ARG B 481 1.60 -22.46 -46.94
C ARG B 481 0.30 -22.22 -46.17
N LEU B 482 -0.41 -21.15 -46.49
CA LEU B 482 -1.72 -20.95 -45.91
C LEU B 482 -2.72 -21.94 -46.49
N VAL B 483 -3.70 -22.32 -45.67
CA VAL B 483 -4.74 -23.22 -46.14
C VAL B 483 -5.66 -22.48 -47.11
N GLU B 484 -6.05 -23.16 -48.19
CA GLU B 484 -6.85 -22.56 -49.24
C GLU B 484 -8.35 -22.64 -48.97
N ASP B 485 -8.74 -22.91 -47.73
CA ASP B 485 -10.14 -22.98 -47.34
C ASP B 485 -10.47 -22.14 -46.12
N GLY B 486 -9.49 -21.84 -45.26
CA GLY B 486 -9.74 -21.01 -44.10
C GLY B 486 -10.46 -21.70 -42.97
N LYS B 487 -10.31 -23.02 -42.86
CA LYS B 487 -10.91 -23.78 -41.76
C LYS B 487 -9.85 -24.64 -41.11
N TYR B 488 -10.20 -25.22 -39.95
CA TYR B 488 -9.34 -26.18 -39.29
C TYR B 488 -9.55 -27.58 -39.84
N GLY B 489 -10.79 -28.08 -39.73
CA GLY B 489 -11.15 -29.39 -40.24
C GLY B 489 -12.31 -29.99 -39.48
N ALA B 490 -13.28 -30.53 -40.22
CA ALA B 490 -14.50 -31.04 -39.61
C ALA B 490 -15.15 -32.02 -40.58
N GLN B 491 -16.32 -32.53 -40.17
CA GLN B 491 -17.10 -33.47 -40.96
C GLN B 491 -18.16 -32.74 -41.79
N ASP B 492 -18.44 -33.29 -42.97
CA ASP B 492 -19.51 -32.78 -43.81
C ASP B 492 -20.83 -33.46 -43.50
N ASP B 493 -20.79 -34.70 -43.02
CA ASP B 493 -21.92 -35.52 -42.56
C ASP B 493 -22.92 -35.86 -43.67
N VAL B 494 -22.59 -35.60 -44.94
CA VAL B 494 -23.39 -36.05 -46.07
C VAL B 494 -22.60 -36.98 -46.98
N ASN B 495 -21.28 -36.89 -46.95
CA ASN B 495 -20.40 -37.79 -47.69
C ASN B 495 -19.15 -38.19 -46.93
N GLY B 496 -18.94 -37.68 -45.72
CA GLY B 496 -17.73 -37.94 -44.96
C GLY B 496 -16.52 -37.16 -45.41
N GLN B 497 -16.69 -36.18 -46.30
CA GLN B 497 -15.56 -35.44 -46.82
C GLN B 497 -15.04 -34.46 -45.77
N TRP B 498 -13.73 -34.34 -45.68
CA TRP B 498 -13.09 -33.47 -44.70
C TRP B 498 -12.90 -32.07 -45.28
N ASN B 499 -12.50 -31.14 -44.42
CA ASN B 499 -12.28 -29.75 -44.82
C ASN B 499 -11.03 -29.24 -44.12
N GLY B 500 -10.72 -27.97 -44.37
CA GLY B 500 -9.73 -27.27 -43.57
C GLY B 500 -8.31 -27.76 -43.81
N MET B 501 -7.51 -27.75 -42.74
CA MET B 501 -6.13 -28.20 -42.84
C MET B 501 -6.04 -29.71 -42.96
N VAL B 502 -6.82 -30.44 -42.16
CA VAL B 502 -6.72 -31.89 -42.11
C VAL B 502 -7.20 -32.57 -43.38
N ARG B 503 -7.93 -31.86 -44.24
CA ARG B 503 -8.20 -32.35 -45.59
C ARG B 503 -6.92 -32.43 -46.40
N GLU B 504 -5.99 -31.50 -46.16
CA GLU B 504 -4.70 -31.53 -46.84
C GLU B 504 -3.70 -32.47 -46.18
N LEU B 505 -3.94 -32.86 -44.92
CA LEU B 505 -3.07 -33.85 -44.30
C LEU B 505 -3.34 -35.24 -44.84
N ILE B 506 -4.58 -35.51 -45.26
CA ILE B 506 -4.93 -36.85 -45.72
C ILE B 506 -4.34 -37.13 -47.10
N ASP B 507 -4.59 -36.25 -48.06
CA ASP B 507 -4.14 -36.46 -49.42
C ASP B 507 -2.74 -35.92 -49.68
N HIS B 508 -1.97 -35.67 -48.62
CA HIS B 508 -0.53 -35.38 -48.66
C HIS B 508 -0.20 -34.10 -49.42
N LYS B 509 -1.16 -33.17 -49.54
CA LYS B 509 -0.85 -31.84 -50.05
C LYS B 509 -0.53 -30.88 -48.91
N ALA B 510 0.31 -31.37 -48.00
CA ALA B 510 0.80 -30.76 -46.77
C ALA B 510 1.74 -31.78 -46.14
N ASP B 511 2.56 -31.30 -45.20
CA ASP B 511 3.41 -32.23 -44.45
C ASP B 511 3.27 -32.03 -42.95
N LEU B 512 3.15 -30.78 -42.52
CA LEU B 512 2.95 -30.46 -41.11
C LEU B 512 1.80 -29.47 -40.98
N ALA B 513 1.27 -29.38 -39.76
CA ALA B 513 0.10 -28.53 -39.49
C ALA B 513 0.30 -27.75 -38.20
N VAL B 514 1.45 -27.09 -38.08
CA VAL B 514 1.74 -26.30 -36.88
C VAL B 514 0.79 -25.09 -36.86
N ALA B 515 -0.22 -25.16 -35.98
CA ALA B 515 -1.38 -24.29 -35.96
C ALA B 515 -2.17 -24.61 -34.69
N PRO B 516 -3.15 -23.78 -34.28
CA PRO B 516 -4.03 -24.17 -33.17
C PRO B 516 -4.95 -25.32 -33.53
N LEU B 517 -4.43 -26.53 -33.62
CA LEU B 517 -5.19 -27.69 -34.06
C LEU B 517 -5.32 -28.60 -32.84
N ALA B 518 -6.50 -28.59 -32.22
CA ALA B 518 -6.71 -29.32 -30.99
C ALA B 518 -6.85 -30.82 -31.27
N ILE B 519 -6.35 -31.63 -30.35
CA ILE B 519 -6.40 -33.07 -30.49
C ILE B 519 -7.80 -33.56 -30.20
N THR B 520 -8.39 -34.29 -31.13
CA THR B 520 -9.78 -34.72 -31.05
C THR B 520 -9.84 -36.18 -31.43
N TYR B 521 -10.78 -36.90 -30.81
CA TYR B 521 -11.00 -38.32 -31.12
C TYR B 521 -11.42 -38.52 -32.58
N VAL B 522 -12.20 -37.59 -33.13
CA VAL B 522 -12.62 -37.69 -34.52
C VAL B 522 -11.43 -37.44 -35.45
N ARG B 523 -10.55 -36.52 -35.04
CA ARG B 523 -9.44 -36.13 -35.91
C ARG B 523 -8.36 -37.20 -35.98
N GLU B 524 -7.99 -37.79 -34.85
CA GLU B 524 -6.86 -38.70 -34.85
C GLU B 524 -7.22 -40.09 -35.37
N LYS B 525 -8.50 -40.35 -35.62
CA LYS B 525 -8.86 -41.57 -36.34
C LYS B 525 -8.53 -41.49 -37.83
N VAL B 526 -8.13 -40.33 -38.34
CA VAL B 526 -7.72 -40.20 -39.74
C VAL B 526 -6.34 -39.59 -39.92
N ILE B 527 -5.80 -38.82 -38.96
CA ILE B 527 -4.45 -38.29 -39.01
C ILE B 527 -3.74 -38.64 -37.72
N ASP B 528 -2.52 -38.14 -37.57
CA ASP B 528 -1.73 -38.36 -36.36
C ASP B 528 -1.26 -37.03 -35.80
N PHE B 529 -1.35 -36.89 -34.48
CA PHE B 529 -0.89 -35.70 -33.80
C PHE B 529 0.40 -35.98 -33.05
N SER B 530 1.15 -34.92 -32.79
CA SER B 530 2.29 -35.02 -31.88
C SER B 530 1.80 -34.84 -30.46
N LYS B 531 2.70 -34.94 -29.51
CA LYS B 531 2.29 -34.64 -28.15
C LYS B 531 2.11 -33.14 -27.96
N PRO B 532 1.19 -32.70 -27.09
CA PRO B 532 0.77 -31.30 -27.09
C PRO B 532 1.86 -30.33 -26.69
N PHE B 533 1.85 -29.16 -27.34
CA PHE B 533 2.72 -28.07 -26.95
C PHE B 533 1.99 -26.98 -26.16
N MET B 534 0.66 -26.98 -26.14
CA MET B 534 -0.09 -26.09 -25.28
C MET B 534 -1.25 -26.84 -24.67
N THR B 535 -1.55 -26.53 -23.41
CA THR B 535 -2.67 -27.08 -22.69
C THR B 535 -3.72 -26.00 -22.50
N LEU B 536 -4.99 -26.38 -22.66
CA LEU B 536 -6.05 -25.40 -22.64
C LEU B 536 -7.32 -26.04 -22.09
N GLY B 537 -8.39 -25.27 -22.06
CA GLY B 537 -9.68 -25.76 -21.63
C GLY B 537 -10.71 -24.67 -21.76
N ILE B 538 -11.95 -25.04 -21.49
CA ILE B 538 -13.06 -24.11 -21.55
C ILE B 538 -13.07 -23.29 -20.27
N SER B 539 -13.17 -21.97 -20.39
CA SER B 539 -13.24 -21.09 -19.24
C SER B 539 -14.22 -19.97 -19.55
N ILE B 540 -14.24 -18.94 -18.70
CA ILE B 540 -15.30 -17.94 -18.69
C ILE B 540 -14.70 -16.55 -18.86
N LEU B 541 -15.18 -15.81 -19.86
CA LEU B 541 -14.99 -14.37 -19.91
C LEU B 541 -16.13 -13.65 -19.21
N TYR B 542 -15.77 -12.56 -18.54
CA TYR B 542 -16.73 -11.68 -17.87
C TYR B 542 -16.00 -10.37 -17.60
N ARG B 543 -16.78 -9.29 -17.48
CA ARG B 543 -16.21 -7.98 -17.20
C ARG B 543 -15.59 -7.94 -15.82
N LYS B 544 -14.41 -7.33 -15.72
CA LYS B 544 -13.77 -7.10 -14.44
C LYS B 544 -14.64 -6.19 -13.58
N PRO B 545 -14.73 -6.44 -12.27
CA PRO B 545 -15.55 -5.57 -11.40
C PRO B 545 -15.04 -4.15 -11.37
N ASN B 546 -15.95 -3.22 -11.16
CA ASN B 546 -15.67 -1.82 -11.45
C ASN B 546 -15.82 -0.93 -10.22
N GLY B 547 -16.84 -1.14 -9.40
CA GLY B 547 -17.07 -0.30 -8.24
C GLY B 547 -17.71 1.03 -8.56
N THR B 548 -18.37 1.14 -9.71
CA THR B 548 -19.06 2.37 -10.11
C THR B 548 -20.36 2.58 -9.34
N ASN B 549 -21.19 1.54 -9.23
CA ASN B 549 -22.39 1.57 -8.40
C ASN B 549 -22.23 0.55 -7.28
N PRO B 550 -21.68 0.94 -6.13
CA PRO B 550 -21.52 -0.01 -5.02
C PRO B 550 -22.81 -0.29 -4.26
N GLY B 551 -23.91 0.35 -4.62
CA GLY B 551 -25.13 0.31 -3.84
C GLY B 551 -25.56 1.73 -3.56
N VAL B 552 -26.87 1.97 -3.52
CA VAL B 552 -27.35 3.35 -3.34
C VAL B 552 -27.13 3.79 -1.90
N PHE B 553 -27.14 2.86 -0.94
CA PHE B 553 -26.79 3.21 0.44
C PHE B 553 -25.28 3.19 0.63
N SER B 554 -24.69 1.98 0.64
CA SER B 554 -23.25 1.74 0.62
C SER B 554 -22.43 2.36 1.75
N PHE B 555 -23.06 3.07 2.68
CA PHE B 555 -22.41 3.60 3.87
C PHE B 555 -22.59 2.69 5.06
N LEU B 556 -23.47 1.71 4.95
CA LEU B 556 -23.89 0.88 6.06
C LEU B 556 -22.97 -0.32 6.22
N ASN B 557 -21.99 -0.46 5.34
CA ASN B 557 -20.99 -1.52 5.25
C ASN B 557 -19.92 -1.59 6.34
N PRO B 558 -19.34 -0.50 6.88
CA PRO B 558 -18.28 -0.69 7.89
C PRO B 558 -18.73 -1.29 9.21
N LEU B 559 -20.02 -1.35 9.49
CA LEU B 559 -20.52 -2.13 10.62
C LEU B 559 -21.35 -3.28 10.09
N SER B 560 -21.25 -4.42 10.77
CA SER B 560 -21.98 -5.62 10.39
C SER B 560 -23.47 -5.41 10.59
N PRO B 561 -24.32 -6.07 9.79
CA PRO B 561 -25.78 -5.95 10.00
C PRO B 561 -26.27 -6.49 11.33
N ASP B 562 -25.49 -7.34 12.01
CA ASP B 562 -25.78 -7.63 13.41
C ASP B 562 -25.55 -6.40 14.27
N ILE B 563 -24.46 -5.67 14.02
CA ILE B 563 -24.08 -4.54 14.85
C ILE B 563 -25.02 -3.36 14.65
N TRP B 564 -25.53 -3.17 13.43
CA TRP B 564 -26.51 -2.12 13.20
C TRP B 564 -27.82 -2.39 13.93
N MET B 565 -28.19 -3.65 14.10
CA MET B 565 -29.39 -3.95 14.88
C MET B 565 -29.12 -4.02 16.37
N TYR B 566 -27.90 -4.35 16.79
CA TYR B 566 -27.62 -4.46 18.20
C TYR B 566 -27.49 -3.11 18.89
N VAL B 567 -27.25 -2.03 18.13
CA VAL B 567 -27.21 -0.73 18.75
C VAL B 567 -28.61 -0.13 18.87
N LEU B 568 -29.55 -0.54 18.02
CA LEU B 568 -30.94 -0.16 18.25
C LEU B 568 -31.53 -0.91 19.43
N LEU B 569 -31.13 -2.17 19.63
CA LEU B 569 -31.51 -2.89 20.83
C LEU B 569 -30.78 -2.36 22.06
N ALA B 570 -29.66 -1.69 21.87
CA ALA B 570 -28.98 -1.03 22.98
C ALA B 570 -29.66 0.28 23.35
N CYS B 571 -30.13 1.04 22.34
CA CYS B 571 -30.86 2.28 22.60
C CYS B 571 -32.19 2.00 23.29
N LEU B 572 -32.94 1.02 22.79
CA LEU B 572 -34.21 0.69 23.43
C LEU B 572 -33.99 -0.02 24.76
N GLY B 573 -32.84 -0.68 24.91
CA GLY B 573 -32.53 -1.36 26.15
C GLY B 573 -32.10 -0.44 27.27
N VAL B 574 -31.16 0.46 26.98
CA VAL B 574 -30.63 1.36 28.01
C VAL B 574 -31.68 2.37 28.45
N SER B 575 -32.46 2.89 27.50
CA SER B 575 -33.47 3.88 27.84
C SER B 575 -34.61 3.32 28.67
N CYS B 576 -34.93 2.04 28.51
CA CYS B 576 -35.85 1.40 29.43
C CYS B 576 -35.20 1.16 30.78
N VAL B 577 -33.90 0.85 30.81
CA VAL B 577 -33.19 0.69 32.07
C VAL B 577 -33.01 2.06 32.76
N LEU B 578 -32.68 3.08 31.97
CA LEU B 578 -32.52 4.42 32.53
C LEU B 578 -33.85 4.99 33.01
N PHE B 579 -34.97 4.56 32.43
CA PHE B 579 -36.27 5.01 32.91
C PHE B 579 -36.59 4.39 34.27
N VAL B 580 -36.30 3.11 34.44
CA VAL B 580 -36.65 2.43 35.69
C VAL B 580 -35.78 2.93 36.84
N ILE B 581 -34.49 3.16 36.58
CA ILE B 581 -33.57 3.62 37.62
C ILE B 581 -33.90 5.05 38.03
N ALA B 582 -34.29 5.89 37.07
CA ALA B 582 -34.60 7.29 37.39
C ALA B 582 -35.91 7.41 38.17
N ARG B 583 -36.81 6.44 38.04
CA ARG B 583 -38.02 6.46 38.86
C ARG B 583 -37.74 5.91 40.26
N PHE B 584 -36.97 4.83 40.35
CA PHE B 584 -36.69 4.19 41.63
C PHE B 584 -35.43 4.72 42.32
N SER B 585 -35.03 5.95 42.03
CA SER B 585 -33.95 6.59 42.77
C SER B 585 -34.45 7.88 43.42
N PRO B 586 -34.10 8.11 44.69
CA PRO B 586 -34.67 9.29 45.38
C PRO B 586 -34.05 10.60 44.92
N TYR B 587 -32.76 10.61 44.62
CA TYR B 587 -32.08 11.86 44.32
C TYR B 587 -32.38 12.38 42.92
N GLU B 588 -33.01 11.58 42.06
CA GLU B 588 -33.47 12.10 40.78
C GLU B 588 -34.76 12.88 40.95
N TRP B 589 -35.60 12.49 41.90
CA TRP B 589 -36.80 13.27 42.24
C TRP B 589 -36.37 14.55 42.93
N TYR B 590 -36.21 15.61 42.16
CA TYR B 590 -35.66 16.86 42.67
C TYR B 590 -36.75 17.92 42.69
N ASN B 591 -36.38 19.11 43.17
CA ASN B 591 -37.31 20.23 43.31
C ASN B 591 -37.37 21.01 42.01
N PRO B 592 -38.52 21.07 41.34
CA PRO B 592 -38.63 21.91 40.14
C PRO B 592 -38.75 23.38 40.47
N HIS B 593 -38.99 24.20 39.43
CA HIS B 593 -39.13 25.65 39.48
C HIS B 593 -37.94 26.34 40.12
N PRO B 594 -36.78 26.44 39.46
CA PRO B 594 -35.63 27.11 40.08
C PRO B 594 -35.72 28.63 40.08
N CYS B 595 -36.86 29.18 40.51
CA CYS B 595 -37.04 30.62 40.57
C CYS B 595 -37.40 31.12 41.95
N ASN B 596 -38.27 30.43 42.66
CA ASN B 596 -38.45 30.63 44.09
C ASN B 596 -38.61 29.28 44.80
N PRO B 597 -37.56 28.44 44.88
CA PRO B 597 -37.76 27.09 45.39
C PRO B 597 -37.89 27.06 46.91
N ASP B 598 -39.15 27.03 47.38
CA ASP B 598 -39.52 26.76 48.76
C ASP B 598 -40.90 26.14 48.76
N SER B 599 -40.97 24.81 48.72
CA SER B 599 -42.22 24.12 48.47
C SER B 599 -42.11 22.63 48.80
N ASP B 600 -43.13 21.87 48.45
CA ASP B 600 -43.10 20.42 48.62
C ASP B 600 -43.30 19.69 47.30
N VAL B 601 -43.59 20.40 46.21
CA VAL B 601 -43.81 19.76 44.92
C VAL B 601 -42.47 19.26 44.37
N VAL B 602 -42.49 18.03 43.84
CA VAL B 602 -41.29 17.35 43.37
C VAL B 602 -41.62 16.70 42.03
N GLU B 603 -40.84 17.02 41.00
CA GLU B 603 -41.05 16.48 39.67
C GLU B 603 -39.89 15.59 39.25
N ASN B 604 -39.99 15.07 38.03
CA ASN B 604 -39.00 14.15 37.48
C ASN B 604 -38.95 14.40 35.97
N ASN B 605 -37.77 14.72 35.46
CA ASN B 605 -37.63 14.98 34.04
C ASN B 605 -37.62 13.72 33.19
N PHE B 606 -37.21 12.59 33.75
CA PHE B 606 -37.10 11.37 32.97
C PHE B 606 -38.47 10.70 32.90
N THR B 607 -39.21 11.02 31.85
CA THR B 607 -40.38 10.24 31.48
C THR B 607 -39.92 9.10 30.58
N LEU B 608 -40.86 8.36 30.00
CA LEU B 608 -40.47 7.34 29.03
C LEU B 608 -40.09 7.98 27.71
N LEU B 609 -40.79 9.06 27.33
CA LEU B 609 -40.46 9.79 26.11
C LEU B 609 -39.10 10.47 26.23
N ASN B 610 -38.80 11.04 27.38
CA ASN B 610 -37.53 11.72 27.60
C ASN B 610 -36.36 10.75 27.76
N SER B 611 -36.63 9.48 28.04
CA SER B 611 -35.54 8.54 28.23
C SER B 611 -34.97 8.03 26.90
N PHE B 612 -35.83 7.87 25.89
CA PHE B 612 -35.32 7.55 24.56
C PHE B 612 -34.59 8.75 23.96
N TRP B 613 -35.08 9.96 24.25
CA TRP B 613 -34.47 11.17 23.73
C TRP B 613 -33.10 11.43 24.34
N PHE B 614 -32.84 10.91 25.54
CA PHE B 614 -31.46 10.90 26.04
C PHE B 614 -30.61 9.90 25.26
N GLY B 615 -31.11 8.67 25.11
CA GLY B 615 -30.32 7.61 24.50
C GLY B 615 -30.10 7.81 23.02
N VAL B 616 -31.05 8.43 22.33
CA VAL B 616 -30.82 8.81 20.94
C VAL B 616 -29.86 9.98 20.86
N GLY B 617 -30.09 11.01 21.68
CA GLY B 617 -29.27 12.21 21.61
C GLY B 617 -27.84 11.99 22.08
N ALA B 618 -27.63 11.06 23.01
CA ALA B 618 -26.26 10.72 23.38
C ALA B 618 -25.61 9.85 22.31
N LEU B 619 -26.38 9.04 21.61
CA LEU B 619 -25.84 8.22 20.52
C LEU B 619 -25.37 9.07 19.36
N MET B 620 -26.11 10.13 19.04
CA MET B 620 -25.84 10.92 17.85
C MET B 620 -24.82 12.02 18.10
N GLN B 621 -24.16 12.02 19.27
CA GLN B 621 -23.13 12.99 19.65
C GLN B 621 -23.67 14.41 19.62
N GLN B 622 -24.83 14.60 20.25
CA GLN B 622 -25.51 15.89 20.24
C GLN B 622 -25.95 16.40 21.60
N GLY B 623 -26.15 15.53 22.59
CA GLY B 623 -26.62 15.98 23.88
C GLY B 623 -28.11 16.30 23.87
N SER B 624 -28.61 16.66 25.04
CA SER B 624 -30.03 16.98 25.20
C SER B 624 -30.18 18.03 26.29
N GLU B 625 -31.41 18.53 26.41
CA GLU B 625 -31.75 19.48 27.47
C GLU B 625 -31.68 18.86 28.86
N LEU B 626 -31.84 17.55 28.95
CA LEU B 626 -31.90 16.85 30.23
C LEU B 626 -30.60 16.10 30.46
N MET B 627 -30.06 16.22 31.67
CA MET B 627 -28.80 15.60 32.02
C MET B 627 -28.99 14.94 33.38
N PRO B 628 -28.56 13.69 33.54
CA PRO B 628 -28.86 12.96 34.77
C PRO B 628 -28.11 13.51 35.98
N LYS B 629 -28.84 13.72 37.06
CA LYS B 629 -28.28 13.82 38.40
C LYS B 629 -28.29 12.41 38.98
N ALA B 630 -28.12 12.26 40.31
CA ALA B 630 -28.41 11.03 41.03
C ALA B 630 -27.59 9.83 40.57
N LEU B 631 -26.32 9.76 41.00
CA LEU B 631 -25.20 8.97 40.48
C LEU B 631 -25.52 7.61 39.85
N SER B 632 -26.51 6.90 40.40
CA SER B 632 -27.00 5.68 39.77
C SER B 632 -27.49 5.90 38.34
N THR B 633 -28.06 7.06 38.04
CA THR B 633 -28.41 7.37 36.66
C THR B 633 -27.24 7.94 35.88
N ARG B 634 -26.22 8.47 36.56
CA ARG B 634 -25.04 8.95 35.86
C ARG B 634 -24.11 7.82 35.44
N ILE B 635 -24.16 6.68 36.14
CA ILE B 635 -23.39 5.53 35.70
C ILE B 635 -23.99 4.95 34.42
N VAL B 636 -25.32 5.01 34.28
CA VAL B 636 -25.96 4.62 33.02
C VAL B 636 -25.58 5.61 31.91
N GLY B 637 -25.68 6.91 32.20
CA GLY B 637 -25.32 7.90 31.22
C GLY B 637 -23.84 7.97 30.93
N GLY B 638 -23.02 7.58 31.90
CA GLY B 638 -21.58 7.57 31.69
C GLY B 638 -21.13 6.40 30.84
N ILE B 639 -21.74 5.24 31.05
CA ILE B 639 -21.34 4.05 30.30
C ILE B 639 -21.98 4.02 28.91
N TRP B 640 -23.09 4.75 28.72
CA TRP B 640 -23.68 4.85 27.39
C TRP B 640 -22.91 5.81 26.51
N TRP B 641 -22.24 6.80 27.12
CA TRP B 641 -21.40 7.70 26.34
C TRP B 641 -20.15 7.00 25.86
N PHE B 642 -19.59 6.10 26.68
CA PHE B 642 -18.40 5.37 26.28
C PHE B 642 -18.72 4.31 25.24
N PHE B 643 -19.90 3.69 25.35
CA PHE B 643 -20.37 2.78 24.30
C PHE B 643 -20.54 3.52 22.98
N THR B 644 -21.11 4.71 23.04
CA THR B 644 -21.35 5.52 21.84
C THR B 644 -20.05 5.92 21.16
N LEU B 645 -19.07 6.38 21.95
CA LEU B 645 -17.84 6.93 21.40
C LEU B 645 -16.99 5.87 20.72
N ILE B 646 -17.11 4.61 21.11
CA ILE B 646 -16.39 3.55 20.42
C ILE B 646 -17.05 3.23 19.09
N ILE B 647 -18.38 3.28 19.04
CA ILE B 647 -19.14 2.94 17.82
C ILE B 647 -18.85 3.93 16.70
N ILE B 648 -18.93 5.23 17.00
CA ILE B 648 -18.67 6.24 15.98
C ILE B 648 -17.19 6.28 15.59
N SER B 649 -16.29 5.99 16.54
CA SER B 649 -14.88 5.89 16.18
C SER B 649 -14.60 4.64 15.36
N SER B 650 -15.30 3.53 15.65
CA SER B 650 -15.12 2.34 14.84
C SER B 650 -15.75 2.49 13.47
N TYR B 651 -16.86 3.24 13.38
CA TYR B 651 -17.49 3.45 12.09
C TYR B 651 -16.65 4.37 11.20
N THR B 652 -16.07 5.42 11.79
CA THR B 652 -15.28 6.36 11.01
C THR B 652 -13.97 5.73 10.56
N ALA B 653 -13.37 4.90 11.41
CA ALA B 653 -12.09 4.30 11.09
C ALA B 653 -12.22 3.20 10.04
N ASN B 654 -13.26 2.38 10.15
CA ASN B 654 -13.44 1.30 9.18
C ASN B 654 -13.90 1.84 7.83
N LEU B 655 -14.67 2.93 7.83
CA LEU B 655 -14.99 3.59 6.57
C LEU B 655 -13.76 4.21 5.94
N ALA B 656 -12.81 4.66 6.77
CA ALA B 656 -11.53 5.13 6.25
C ALA B 656 -10.67 3.98 5.74
N ALA B 657 -10.94 2.74 6.17
CA ALA B 657 -10.24 1.60 5.61
C ALA B 657 -10.84 1.16 4.28
N PHE B 658 -12.17 1.31 4.12
CA PHE B 658 -12.81 0.92 2.87
C PHE B 658 -12.43 1.87 1.75
N LEU B 659 -12.49 3.17 2.00
CA LEU B 659 -12.26 4.16 0.95
C LEU B 659 -10.80 4.25 0.56
N THR B 660 -9.89 3.84 1.44
CA THR B 660 -8.48 3.80 1.09
C THR B 660 -8.14 2.56 0.27
N VAL B 661 -8.56 1.40 0.74
CA VAL B 661 -8.20 0.13 0.13
C VAL B 661 -9.48 -0.45 -0.47
N GLU B 662 -9.69 -0.23 -1.76
CA GLU B 662 -10.86 -0.76 -2.44
C GLU B 662 -10.59 -2.20 -2.85
N ARG B 663 -11.32 -3.15 -2.26
CA ARG B 663 -11.17 -4.55 -2.56
C ARG B 663 -12.45 -5.01 -3.26
N MET B 664 -12.40 -5.06 -4.59
CA MET B 664 -13.56 -5.38 -5.40
C MET B 664 -13.87 -6.88 -5.32
N GLU B 665 -15.08 -7.23 -5.72
CA GLU B 665 -15.51 -8.62 -5.69
C GLU B 665 -16.50 -8.87 -6.81
N SER B 666 -16.26 -9.94 -7.56
CA SER B 666 -17.13 -10.33 -8.65
C SER B 666 -18.38 -11.04 -8.13
N PRO B 667 -19.50 -10.94 -8.84
CA PRO B 667 -20.69 -11.71 -8.45
C PRO B 667 -20.51 -13.21 -8.64
N ILE B 668 -19.85 -13.58 -9.72
CA ILE B 668 -19.62 -14.98 -10.06
C ILE B 668 -18.19 -15.35 -9.73
N ASP B 669 -17.97 -16.63 -9.44
CA ASP B 669 -16.63 -17.14 -9.15
C ASP B 669 -16.32 -18.43 -9.88
N SER B 670 -17.30 -19.21 -10.28
CA SER B 670 -17.07 -20.49 -10.92
C SER B 670 -18.25 -20.79 -11.84
N ALA B 671 -18.35 -22.04 -12.29
CA ALA B 671 -19.45 -22.42 -13.15
C ALA B 671 -20.73 -22.64 -12.35
N ASP B 672 -20.64 -23.31 -11.20
CA ASP B 672 -21.81 -23.51 -10.36
C ASP B 672 -22.32 -22.21 -9.75
N ASP B 673 -21.43 -21.24 -9.54
CA ASP B 673 -21.86 -19.92 -9.10
C ASP B 673 -22.49 -19.13 -10.24
N LEU B 674 -22.27 -19.56 -11.47
CA LEU B 674 -22.89 -19.01 -12.66
C LEU B 674 -24.05 -19.86 -13.14
N ALA B 675 -24.11 -21.13 -12.74
CA ALA B 675 -25.23 -22.00 -13.06
C ALA B 675 -26.48 -21.70 -12.24
N LYS B 676 -26.39 -20.83 -11.23
CA LYS B 676 -27.54 -20.49 -10.38
C LYS B 676 -28.16 -19.15 -10.77
N GLN B 677 -27.32 -18.15 -11.02
CA GLN B 677 -27.80 -16.81 -11.28
C GLN B 677 -28.44 -16.71 -12.66
N THR B 678 -29.59 -16.05 -12.72
CA THR B 678 -30.35 -15.89 -13.96
C THR B 678 -30.12 -14.53 -14.60
N LYS B 679 -29.68 -13.52 -13.83
CA LYS B 679 -29.49 -12.18 -14.35
C LYS B 679 -28.33 -12.13 -15.34
N ILE B 680 -27.27 -12.87 -15.08
CA ILE B 680 -26.24 -13.08 -16.09
C ILE B 680 -26.71 -14.13 -17.09
N GLU B 681 -26.31 -13.98 -18.34
CA GLU B 681 -26.65 -14.92 -19.40
C GLU B 681 -25.38 -15.48 -20.01
N TYR B 682 -25.48 -16.70 -20.53
CA TYR B 682 -24.30 -17.50 -20.81
C TYR B 682 -23.88 -17.18 -22.25
N GLY B 683 -22.98 -17.98 -22.83
CA GLY B 683 -22.68 -17.73 -24.23
C GLY B 683 -21.50 -18.47 -24.84
N ALA B 684 -21.71 -18.99 -26.05
CA ALA B 684 -20.65 -19.67 -26.79
C ALA B 684 -20.91 -19.51 -28.28
N VAL B 685 -19.90 -19.87 -29.07
CA VAL B 685 -20.02 -19.78 -30.52
C VAL B 685 -20.93 -20.89 -31.02
N GLU B 686 -21.88 -20.54 -31.89
CA GLU B 686 -22.82 -21.51 -32.41
C GLU B 686 -22.11 -22.49 -33.35
N ASP B 687 -22.38 -23.79 -33.13
CA ASP B 687 -21.74 -24.91 -33.83
C ASP B 687 -20.23 -24.88 -33.68
N GLY B 688 -19.77 -24.47 -32.49
CA GLY B 688 -18.37 -24.47 -32.17
C GLY B 688 -17.97 -25.72 -31.39
N ALA B 689 -16.68 -25.79 -31.07
CA ALA B 689 -16.15 -26.90 -30.29
C ALA B 689 -16.44 -26.77 -28.80
N THR B 690 -16.96 -25.63 -28.35
CA THR B 690 -17.24 -25.44 -26.93
C THR B 690 -18.64 -25.91 -26.58
N MET B 691 -19.63 -25.52 -27.37
CA MET B 691 -21.00 -25.96 -27.14
C MET B 691 -21.19 -27.45 -27.43
N THR B 692 -20.29 -28.06 -28.20
CA THR B 692 -20.33 -29.51 -28.38
C THR B 692 -20.02 -30.22 -27.08
N PHE B 693 -19.17 -29.62 -26.24
CA PHE B 693 -18.91 -30.18 -24.91
C PHE B 693 -20.13 -30.08 -24.02
N PHE B 694 -20.86 -28.96 -24.08
CA PHE B 694 -22.03 -28.80 -23.23
C PHE B 694 -23.21 -29.61 -23.72
N LYS B 695 -23.31 -29.85 -25.02
CA LYS B 695 -24.36 -30.70 -25.54
C LYS B 695 -24.14 -32.15 -25.13
N LYS B 696 -22.90 -32.62 -25.20
CA LYS B 696 -22.56 -34.00 -24.87
C LYS B 696 -22.31 -34.22 -23.39
N SER B 697 -22.48 -33.21 -22.55
CA SER B 697 -22.11 -33.33 -21.15
C SER B 697 -23.12 -34.18 -20.38
N LYS B 698 -22.70 -34.59 -19.19
CA LYS B 698 -23.53 -35.37 -18.29
C LYS B 698 -23.44 -34.87 -16.85
N ILE B 699 -22.45 -34.01 -16.55
CA ILE B 699 -22.29 -33.46 -15.21
C ILE B 699 -23.46 -32.53 -14.91
N SER B 700 -23.99 -32.62 -13.68
CA SER B 700 -25.24 -31.98 -13.32
C SER B 700 -25.17 -30.45 -13.36
N THR B 701 -23.98 -29.87 -13.24
CA THR B 701 -23.85 -28.43 -13.38
C THR B 701 -23.95 -28.03 -14.85
N TYR B 702 -23.25 -28.75 -15.72
CA TYR B 702 -23.21 -28.38 -17.12
C TYR B 702 -24.41 -28.88 -17.90
N ASP B 703 -25.16 -29.83 -17.34
CA ASP B 703 -26.43 -30.20 -17.96
C ASP B 703 -27.47 -29.12 -17.73
N LYS B 704 -27.39 -28.44 -16.59
CA LYS B 704 -28.25 -27.27 -16.36
C LYS B 704 -27.85 -26.11 -17.25
N MET B 705 -26.54 -25.91 -17.45
CA MET B 705 -26.05 -24.82 -18.29
C MET B 705 -26.39 -25.03 -19.76
N TRP B 706 -26.56 -26.27 -20.22
CA TRP B 706 -27.01 -26.48 -21.59
C TRP B 706 -28.50 -26.26 -21.73
N ALA B 707 -29.30 -26.63 -20.72
CA ALA B 707 -30.75 -26.43 -20.80
C ALA B 707 -31.12 -24.96 -20.79
N PHE B 708 -30.26 -24.10 -20.24
CA PHE B 708 -30.39 -22.65 -20.39
C PHE B 708 -30.23 -22.28 -21.86
N MET B 709 -29.05 -22.55 -22.43
CA MET B 709 -28.71 -22.05 -23.75
C MET B 709 -29.27 -22.88 -24.90
N SER B 710 -29.94 -24.00 -24.62
CA SER B 710 -30.64 -24.69 -25.69
C SER B 710 -32.04 -24.10 -25.88
N SER B 711 -32.70 -23.75 -24.78
CA SER B 711 -34.00 -23.10 -24.87
C SER B 711 -33.88 -21.66 -25.36
N ARG B 712 -32.79 -20.99 -24.99
CA ARG B 712 -32.56 -19.60 -25.36
C ARG B 712 -31.61 -19.47 -26.54
N ARG B 713 -31.71 -20.40 -27.49
CA ARG B 713 -30.97 -20.29 -28.74
C ARG B 713 -31.44 -19.07 -29.54
N GLN B 714 -30.54 -18.54 -30.37
CA GLN B 714 -30.63 -17.30 -31.16
C GLN B 714 -30.66 -16.06 -30.28
N SER B 715 -30.34 -16.19 -28.99
CA SER B 715 -30.28 -15.07 -28.07
C SER B 715 -28.97 -15.01 -27.30
N VAL B 716 -28.41 -16.17 -26.94
CA VAL B 716 -27.15 -16.22 -26.21
C VAL B 716 -26.07 -16.96 -26.98
N LEU B 717 -26.42 -17.60 -28.09
CA LEU B 717 -25.45 -18.35 -28.90
C LEU B 717 -25.01 -17.45 -30.05
N VAL B 718 -23.80 -16.92 -29.92
CA VAL B 718 -23.22 -16.00 -30.88
C VAL B 718 -22.62 -16.83 -32.01
N LYS B 719 -22.22 -16.19 -33.12
CA LYS B 719 -21.68 -16.89 -34.27
C LYS B 719 -20.19 -16.67 -34.48
N SER B 720 -19.52 -15.90 -33.63
CA SER B 720 -18.09 -15.69 -33.79
C SER B 720 -17.47 -15.33 -32.44
N ASN B 721 -16.14 -15.47 -32.37
CA ASN B 721 -15.43 -15.13 -31.14
C ASN B 721 -15.43 -13.63 -30.89
N GLU B 722 -15.17 -12.84 -31.93
CA GLU B 722 -15.04 -11.40 -31.74
C GLU B 722 -16.39 -10.74 -31.46
N GLU B 723 -17.47 -11.31 -31.98
CA GLU B 723 -18.79 -10.78 -31.67
C GLU B 723 -19.20 -11.15 -30.25
N GLY B 724 -18.72 -12.29 -29.75
CA GLY B 724 -19.03 -12.67 -28.39
C GLY B 724 -18.26 -11.89 -27.34
N ILE B 725 -17.08 -11.38 -27.71
CA ILE B 725 -16.34 -10.51 -26.80
C ILE B 725 -17.05 -9.18 -26.66
N GLN B 726 -17.69 -8.71 -27.74
CA GLN B 726 -18.42 -7.44 -27.70
C GLN B 726 -19.64 -7.53 -26.80
N ARG B 727 -20.32 -8.68 -26.78
CA ARG B 727 -21.52 -8.78 -25.95
C ARG B 727 -21.18 -8.86 -24.46
N VAL B 728 -20.01 -9.38 -24.12
CA VAL B 728 -19.50 -9.21 -22.77
C VAL B 728 -19.22 -7.74 -22.50
N LEU B 729 -18.64 -7.07 -23.50
CA LEU B 729 -18.20 -5.69 -23.34
C LEU B 729 -19.36 -4.71 -23.42
N THR B 730 -20.43 -5.04 -24.15
CA THR B 730 -21.60 -4.16 -24.18
C THR B 730 -22.63 -4.55 -23.13
N SER B 731 -23.19 -5.75 -23.22
CA SER B 731 -24.27 -6.13 -22.34
C SER B 731 -23.73 -6.86 -21.11
N ASP B 732 -24.62 -7.26 -20.21
CA ASP B 732 -24.28 -8.10 -19.06
C ASP B 732 -24.38 -9.55 -19.52
N TYR B 733 -23.25 -10.24 -19.54
CA TYR B 733 -23.08 -11.41 -20.40
C TYR B 733 -21.80 -12.11 -19.98
N ALA B 734 -21.80 -13.43 -20.11
CA ALA B 734 -20.59 -14.22 -19.89
C ALA B 734 -20.35 -15.06 -21.13
N PHE B 735 -19.09 -15.40 -21.38
CA PHE B 735 -18.77 -16.07 -22.64
C PHE B 735 -17.86 -17.27 -22.39
N LEU B 736 -18.12 -18.35 -23.11
CA LEU B 736 -17.46 -19.64 -22.93
C LEU B 736 -16.62 -19.93 -24.17
N MET B 737 -15.34 -19.61 -24.11
CA MET B 737 -14.38 -19.95 -25.14
C MET B 737 -13.20 -20.70 -24.50
N GLU B 738 -12.16 -20.91 -25.29
CA GLU B 738 -10.98 -21.61 -24.81
C GLU B 738 -10.19 -20.72 -23.86
N SER B 739 -9.32 -21.34 -23.07
CA SER B 739 -8.58 -20.59 -22.06
C SER B 739 -7.43 -19.80 -22.66
N THR B 740 -6.88 -20.24 -23.80
CA THR B 740 -5.76 -19.52 -24.39
C THR B 740 -6.22 -18.23 -25.04
N THR B 741 -7.41 -18.23 -25.64
CA THR B 741 -7.94 -17.00 -26.20
C THR B 741 -8.37 -16.04 -25.11
N ILE B 742 -8.81 -16.57 -23.96
CA ILE B 742 -9.07 -15.73 -22.79
C ILE B 742 -7.77 -15.12 -22.28
N GLU B 743 -6.71 -15.92 -22.18
CA GLU B 743 -5.42 -15.41 -21.71
C GLU B 743 -4.77 -14.46 -22.70
N PHE B 744 -5.26 -14.39 -23.94
CA PHE B 744 -4.75 -13.40 -24.87
C PHE B 744 -5.55 -12.10 -24.80
N VAL B 745 -6.87 -12.20 -24.73
CA VAL B 745 -7.72 -11.01 -24.75
C VAL B 745 -7.62 -10.25 -23.43
N THR B 746 -7.56 -10.97 -22.31
CA THR B 746 -7.49 -10.31 -21.01
C THR B 746 -6.13 -9.66 -20.75
N GLN B 747 -5.11 -9.97 -21.55
CA GLN B 747 -3.88 -9.19 -21.48
C GLN B 747 -3.96 -7.95 -22.35
N ARG B 748 -4.83 -7.95 -23.37
CA ARG B 748 -5.01 -6.78 -24.20
C ARG B 748 -5.95 -5.77 -23.53
N ASN B 749 -7.17 -6.18 -23.24
CA ASN B 749 -8.15 -5.29 -22.66
C ASN B 749 -8.14 -5.42 -21.14
N CYS B 750 -8.34 -4.28 -20.46
CA CYS B 750 -8.49 -4.26 -19.01
C CYS B 750 -9.94 -4.28 -18.56
N ASN B 751 -10.90 -4.26 -19.48
CA ASN B 751 -12.29 -4.41 -19.08
C ASN B 751 -12.58 -5.84 -18.63
N LEU B 752 -11.84 -6.80 -19.16
CA LEU B 752 -12.20 -8.21 -19.10
C LEU B 752 -11.30 -8.97 -18.14
N THR B 753 -11.82 -10.10 -17.66
CA THR B 753 -11.08 -10.97 -16.76
C THR B 753 -11.58 -12.39 -16.92
N GLN B 754 -10.83 -13.33 -16.34
CA GLN B 754 -11.16 -14.74 -16.39
C GLN B 754 -11.83 -15.15 -15.09
N ILE B 755 -12.91 -15.92 -15.18
CA ILE B 755 -13.69 -16.35 -14.02
C ILE B 755 -13.52 -17.85 -13.87
N GLY B 756 -12.96 -18.27 -12.74
CA GLY B 756 -12.83 -19.67 -12.44
C GLY B 756 -11.66 -20.33 -13.14
N GLY B 757 -11.53 -21.63 -12.91
CA GLY B 757 -10.46 -22.40 -13.50
C GLY B 757 -10.79 -22.89 -14.89
N LEU B 758 -10.46 -24.14 -15.18
CA LEU B 758 -10.69 -24.73 -16.48
C LEU B 758 -11.73 -25.83 -16.39
N ILE B 759 -12.61 -25.89 -17.38
CA ILE B 759 -13.67 -26.89 -17.38
C ILE B 759 -13.25 -28.16 -18.11
N ASP B 760 -12.75 -28.01 -19.33
CA ASP B 760 -12.31 -29.12 -20.15
C ASP B 760 -10.78 -29.17 -20.12
N SER B 761 -10.22 -30.20 -20.76
CA SER B 761 -8.78 -30.29 -20.94
C SER B 761 -8.52 -30.77 -22.36
N LYS B 762 -7.92 -29.91 -23.17
CA LYS B 762 -7.60 -30.21 -24.56
C LYS B 762 -6.14 -29.83 -24.81
N GLY B 763 -5.66 -30.11 -26.02
CA GLY B 763 -4.28 -29.80 -26.32
C GLY B 763 -4.00 -29.55 -27.79
N TYR B 764 -3.17 -28.55 -28.08
CA TYR B 764 -2.76 -28.24 -29.44
C TYR B 764 -1.60 -29.14 -29.84
N GLY B 765 -1.79 -29.91 -30.90
CA GLY B 765 -0.77 -30.82 -31.37
C GLY B 765 -0.45 -30.57 -32.83
N VAL B 766 0.79 -30.90 -33.22
CA VAL B 766 1.23 -30.73 -34.59
C VAL B 766 0.62 -31.84 -35.44
N GLY B 767 -0.14 -31.46 -36.46
CA GLY B 767 -0.72 -32.43 -37.35
C GLY B 767 0.33 -33.08 -38.24
N THR B 768 0.04 -34.32 -38.64
CA THR B 768 0.98 -35.20 -39.32
C THR B 768 0.17 -36.30 -39.98
N PRO B 769 0.47 -36.69 -41.22
CA PRO B 769 -0.25 -37.81 -41.83
C PRO B 769 0.10 -39.14 -41.15
N MET B 770 -0.70 -40.16 -41.49
CA MET B 770 -0.48 -41.49 -40.91
C MET B 770 0.82 -42.10 -41.38
N GLY B 771 1.53 -42.73 -40.43
CA GLY B 771 2.74 -43.45 -40.73
C GLY B 771 3.96 -42.60 -40.98
N SER B 772 3.85 -41.28 -40.90
CA SER B 772 4.99 -40.41 -41.20
C SER B 772 5.98 -40.44 -40.04
N PRO B 773 7.28 -40.57 -40.31
CA PRO B 773 8.27 -40.62 -39.23
C PRO B 773 8.52 -39.28 -38.56
N TYR B 774 7.98 -38.20 -39.09
CA TYR B 774 8.15 -36.89 -38.48
C TYR B 774 7.23 -36.67 -37.28
N ARG B 775 6.31 -37.60 -36.99
CA ARG B 775 5.52 -37.49 -35.77
C ARG B 775 6.40 -37.69 -34.54
N ASP B 776 7.11 -38.82 -34.48
CA ASP B 776 7.88 -39.16 -33.29
C ASP B 776 9.12 -38.27 -33.15
N LYS B 777 9.60 -37.70 -34.24
CA LYS B 777 10.77 -36.84 -34.16
C LYS B 777 10.44 -35.48 -33.58
N ILE B 778 9.29 -34.92 -33.95
CA ILE B 778 8.86 -33.66 -33.35
C ILE B 778 8.37 -33.89 -31.93
N THR B 779 7.79 -35.07 -31.65
CA THR B 779 7.38 -35.44 -30.30
C THR B 779 8.56 -35.45 -29.34
N ILE B 780 9.70 -36.00 -29.78
CA ILE B 780 10.94 -35.88 -29.01
C ILE B 780 11.38 -34.42 -28.94
N ALA B 781 11.17 -33.65 -30.01
CA ALA B 781 11.68 -32.30 -30.08
C ALA B 781 10.92 -31.35 -29.16
N ILE B 782 9.60 -31.53 -29.06
CA ILE B 782 8.78 -30.67 -28.19
C ILE B 782 9.16 -30.88 -26.73
N LEU B 783 9.39 -32.13 -26.34
CA LEU B 783 9.88 -32.42 -25.00
C LEU B 783 11.32 -31.92 -24.78
N GLN B 784 12.13 -31.86 -25.85
CA GLN B 784 13.42 -31.20 -25.74
C GLN B 784 13.27 -29.70 -25.56
N LEU B 785 12.36 -29.08 -26.30
CA LEU B 785 12.07 -27.66 -26.15
C LEU B 785 11.46 -27.32 -24.79
N GLN B 786 10.78 -28.28 -24.16
CA GLN B 786 10.08 -28.02 -22.91
C GLN B 786 10.98 -28.11 -21.69
N GLU B 787 11.86 -29.12 -21.63
CA GLU B 787 12.74 -29.31 -20.48
C GLU B 787 13.76 -28.18 -20.36
N GLU B 788 14.16 -27.60 -21.50
CA GLU B 788 15.03 -26.43 -21.47
C GLU B 788 14.27 -25.19 -21.03
N GLY B 789 12.94 -25.21 -21.14
CA GLY B 789 12.12 -24.12 -20.70
C GLY B 789 11.87 -23.04 -21.72
N LYS B 790 11.79 -23.39 -23.01
CA LYS B 790 11.66 -22.38 -24.05
C LYS B 790 10.21 -22.08 -24.40
N LEU B 791 9.29 -23.03 -24.23
CA LEU B 791 7.90 -22.76 -24.56
C LEU B 791 7.28 -21.79 -23.57
N HIS B 792 7.72 -21.82 -22.32
CA HIS B 792 7.31 -20.80 -21.37
C HIS B 792 7.88 -19.44 -21.75
N MET B 793 9.09 -19.41 -22.31
CA MET B 793 9.65 -18.17 -22.79
C MET B 793 8.97 -17.70 -24.07
N MET B 794 8.49 -18.64 -24.91
CA MET B 794 7.72 -18.26 -26.08
C MET B 794 6.36 -17.73 -25.70
N LYS B 795 5.70 -18.36 -24.72
CA LYS B 795 4.34 -17.99 -24.36
C LYS B 795 4.31 -16.62 -23.64
N GLU B 796 5.29 -16.36 -22.78
CA GLU B 796 5.39 -15.05 -22.14
C GLU B 796 5.73 -13.94 -23.13
N LYS B 797 6.28 -14.28 -24.30
CA LYS B 797 6.58 -13.26 -25.28
C LYS B 797 5.35 -12.87 -26.09
N TRP B 798 4.48 -13.83 -26.42
CA TRP B 798 3.39 -13.57 -27.34
C TRP B 798 2.05 -13.28 -26.66
N TRP B 799 1.84 -13.75 -25.44
CA TRP B 799 0.60 -13.45 -24.74
C TRP B 799 0.68 -12.25 -23.83
N ARG B 800 1.84 -11.97 -23.23
CA ARG B 800 2.01 -10.73 -22.49
C ARG B 800 2.17 -9.58 -23.48
N GLY B 801 1.22 -8.66 -23.47
CA GLY B 801 1.30 -7.51 -24.34
C GLY B 801 1.73 -6.27 -23.61
N ASN B 802 0.87 -5.26 -23.57
CA ASN B 802 1.16 -4.07 -22.78
C ASN B 802 1.11 -4.35 -21.29
N GLY B 803 0.33 -5.33 -20.88
CA GLY B 803 0.16 -5.62 -19.46
C GLY B 803 -0.89 -4.72 -18.82
N CYS B 804 -1.59 -5.21 -17.82
CA CYS B 804 -2.58 -4.41 -17.11
C CYS B 804 -2.28 -4.38 -15.62
N PRO B 805 -1.29 -3.62 -15.16
CA PRO B 805 -1.06 -3.48 -13.72
C PRO B 805 -1.83 -2.33 -13.09
N GLU B 806 -2.89 -1.87 -13.76
CA GLU B 806 -3.59 -0.61 -13.48
C GLU B 806 -4.14 -0.46 -12.06
N GLU B 807 -4.31 -1.57 -11.34
CA GLU B 807 -4.61 -1.47 -9.92
C GLU B 807 -3.40 -0.99 -9.14
N GLU B 808 -3.48 0.25 -8.64
CA GLU B 808 -2.46 0.81 -7.77
C GLU B 808 -3.08 1.93 -6.95
N SER B 809 -2.89 1.87 -5.62
CA SER B 809 -3.07 2.92 -4.61
C SER B 809 -4.24 3.84 -4.86
N LYS B 810 -5.44 3.24 -5.01
CA LYS B 810 -6.59 3.71 -5.80
C LYS B 810 -6.85 5.22 -5.75
N GLU B 811 -6.90 5.86 -6.91
CA GLU B 811 -7.11 7.29 -7.02
C GLU B 811 -8.49 7.64 -6.46
N ALA B 812 -8.49 8.36 -5.35
CA ALA B 812 -9.68 8.49 -4.53
C ALA B 812 -10.72 9.39 -5.20
N SER B 813 -11.90 8.85 -5.41
CA SER B 813 -13.04 9.63 -5.87
C SER B 813 -13.84 10.13 -4.68
N ALA B 814 -14.44 11.30 -4.85
CA ALA B 814 -15.27 11.88 -3.81
C ALA B 814 -16.54 11.05 -3.62
N LEU B 815 -17.11 11.14 -2.41
CA LEU B 815 -18.38 10.49 -2.15
C LEU B 815 -19.48 11.18 -2.95
N GLY B 816 -20.15 10.43 -3.81
CA GLY B 816 -21.18 11.01 -4.65
C GLY B 816 -22.56 10.54 -4.28
N VAL B 817 -23.55 10.88 -5.12
CA VAL B 817 -24.92 10.42 -4.87
C VAL B 817 -25.07 8.93 -5.14
N GLN B 818 -24.13 8.32 -5.85
CA GLN B 818 -24.09 6.87 -5.97
C GLN B 818 -23.37 6.21 -4.80
N ASN B 819 -22.64 6.98 -4.00
CA ASN B 819 -21.78 6.44 -2.95
C ASN B 819 -22.40 6.52 -1.57
N ILE B 820 -22.75 7.73 -1.09
CA ILE B 820 -23.50 7.80 0.16
C ILE B 820 -25.00 7.74 -0.11
N GLY B 821 -25.56 8.76 -0.76
CA GLY B 821 -26.77 8.63 -1.55
C GLY B 821 -28.07 8.12 -0.95
N GLY B 822 -28.03 7.58 0.27
CA GLY B 822 -29.15 6.86 0.82
C GLY B 822 -29.55 7.42 2.17
N ILE B 823 -28.68 8.27 2.72
CA ILE B 823 -29.08 9.11 3.85
C ILE B 823 -30.06 10.18 3.41
N PHE B 824 -30.10 10.51 2.12
CA PHE B 824 -31.11 11.41 1.60
C PHE B 824 -32.47 10.74 1.45
N ILE B 825 -32.51 9.41 1.33
CA ILE B 825 -33.78 8.71 1.37
C ILE B 825 -34.30 8.61 2.79
N VAL B 826 -33.43 8.24 3.75
CA VAL B 826 -33.91 8.06 5.11
C VAL B 826 -34.16 9.39 5.81
N LEU B 827 -33.57 10.48 5.32
CA LEU B 827 -33.95 11.81 5.80
C LEU B 827 -35.37 12.14 5.36
N ALA B 828 -35.66 11.95 4.07
CA ALA B 828 -37.01 12.19 3.56
C ALA B 828 -38.02 11.23 4.15
N ALA B 829 -37.60 9.99 4.44
CA ALA B 829 -38.49 9.03 5.09
C ALA B 829 -38.81 9.43 6.52
N GLY B 830 -37.86 10.04 7.22
CA GLY B 830 -38.13 10.49 8.57
C GLY B 830 -39.01 11.73 8.61
N LEU B 831 -38.85 12.62 7.62
CA LEU B 831 -39.69 13.81 7.57
C LEU B 831 -41.12 13.49 7.16
N VAL B 832 -41.31 12.48 6.29
CA VAL B 832 -42.67 12.06 5.95
C VAL B 832 -43.31 11.32 7.12
N LEU B 833 -42.50 10.54 7.86
CA LEU B 833 -43.00 9.88 9.06
C LEU B 833 -43.42 10.89 10.13
N SER B 834 -42.69 12.01 10.23
CA SER B 834 -42.96 12.98 11.27
C SER B 834 -44.21 13.81 10.99
N VAL B 835 -44.57 14.00 9.73
CA VAL B 835 -45.81 14.71 9.41
C VAL B 835 -47.01 13.89 9.86
N PHE B 836 -46.93 12.57 9.73
CA PHE B 836 -48.01 11.70 10.17
C PHE B 836 -48.09 11.65 11.69
N VAL B 837 -46.97 11.85 12.39
CA VAL B 837 -47.01 11.97 13.84
C VAL B 837 -47.58 13.33 14.24
N ALA B 838 -47.29 14.36 13.44
CA ALA B 838 -47.79 15.70 13.75
C ALA B 838 -49.30 15.79 13.60
N VAL B 839 -49.86 15.10 12.61
CA VAL B 839 -51.31 15.02 12.49
C VAL B 839 -51.87 14.14 13.60
N GLY B 840 -51.13 13.09 13.98
CA GLY B 840 -51.57 12.23 15.06
C GLY B 840 -51.53 12.91 16.42
N GLU B 841 -50.66 13.91 16.58
CA GLU B 841 -50.68 14.73 17.79
C GLU B 841 -51.70 15.86 17.68
N PHE B 842 -52.03 16.27 16.47
CA PHE B 842 -53.06 17.29 16.28
C PHE B 842 -54.44 16.74 16.59
N LEU B 843 -54.64 15.43 16.44
CA LEU B 843 -55.94 14.84 16.70
C LEU B 843 -56.06 14.35 18.14
N TYR B 844 -54.97 13.87 18.73
CA TYR B 844 -55.02 13.34 20.08
C TYR B 844 -55.21 14.45 21.10
N LYS B 845 -54.66 15.63 20.84
CA LYS B 845 -54.93 16.77 21.72
C LYS B 845 -56.35 17.28 21.53
N SER B 846 -56.84 17.28 20.28
CA SER B 846 -58.19 17.72 20.01
C SER B 846 -59.23 16.72 20.54
N LYS B 847 -58.85 15.44 20.64
CA LYS B 847 -59.73 14.48 21.30
C LYS B 847 -59.75 14.73 22.81
N LYS B 848 -58.62 15.17 23.36
CA LYS B 848 -58.60 15.57 24.76
C LYS B 848 -59.38 16.87 24.98
N ASN B 849 -59.38 17.77 24.00
CA ASN B 849 -60.29 18.91 24.05
C ASN B 849 -61.73 18.48 23.85
N ALA B 850 -61.96 17.37 23.13
CA ALA B 850 -63.32 16.90 22.87
C ALA B 850 -63.94 16.31 24.14
N GLN B 851 -63.12 15.97 25.13
CA GLN B 851 -63.63 15.58 26.44
C GLN B 851 -64.16 16.80 27.19
N LEU B 852 -63.74 18.01 26.79
CA LEU B 852 -64.14 19.23 27.46
C LEU B 852 -64.98 20.12 26.54
N GLU B 853 -65.11 19.74 25.27
CA GLU B 853 -65.84 20.54 24.28
C GLU B 853 -66.72 19.55 23.50
N LYS B 854 -67.24 19.93 22.34
CA LYS B 854 -68.15 19.08 21.58
C LYS B 854 -67.38 17.99 20.83
N ARG B 855 -68.06 17.28 19.94
CA ARG B 855 -67.63 15.98 19.44
C ARG B 855 -66.32 15.97 18.65
N SER B 856 -66.29 16.54 17.45
CA SER B 856 -65.05 16.52 16.68
C SER B 856 -64.77 17.82 15.94
N PHE B 857 -65.81 18.61 15.66
CA PHE B 857 -65.70 19.63 14.64
C PHE B 857 -65.24 20.98 15.18
N CYS B 858 -65.85 21.47 16.26
CA CYS B 858 -65.55 22.82 16.72
C CYS B 858 -64.21 22.89 17.44
N SER B 859 -63.80 21.81 18.10
CA SER B 859 -62.51 21.81 18.78
C SER B 859 -61.35 21.79 17.80
N ALA B 860 -61.53 21.18 16.64
CA ALA B 860 -60.47 21.14 15.64
C ALA B 860 -60.33 22.48 14.91
N MET B 861 -61.45 23.21 14.73
CA MET B 861 -61.39 24.45 13.97
C MET B 861 -60.80 25.60 14.80
N VAL B 862 -61.11 25.63 16.10
CA VAL B 862 -60.53 26.64 16.98
C VAL B 862 -59.03 26.39 17.14
N GLU B 863 -58.62 25.12 17.16
CA GLU B 863 -57.21 24.79 17.27
C GLU B 863 -56.44 25.19 16.01
N GLU B 864 -57.07 25.14 14.84
CA GLU B 864 -56.43 25.62 13.63
C GLU B 864 -56.29 27.13 13.60
N LEU B 865 -57.07 27.86 14.40
CA LEU B 865 -57.01 29.31 14.38
C LEU B 865 -55.73 29.83 15.03
N ARG B 866 -55.20 29.10 16.00
CA ARG B 866 -54.07 29.60 16.80
C ARG B 866 -52.79 29.68 15.97
N MET B 867 -52.68 28.85 14.92
CA MET B 867 -51.57 28.99 14.00
C MET B 867 -51.84 30.08 12.97
N SER B 868 -53.12 30.39 12.74
CA SER B 868 -53.51 31.48 11.86
C SER B 868 -53.52 32.83 12.59
N LEU B 869 -53.28 32.84 13.91
CA LEU B 869 -52.98 34.09 14.59
C LEU B 869 -51.61 34.65 14.22
N LYS B 870 -50.72 33.79 13.69
CA LYS B 870 -49.36 34.07 13.18
C LYS B 870 -48.47 34.86 14.14
N CYS B 871 -48.80 34.86 15.43
CA CYS B 871 -48.08 35.58 16.45
C CYS B 871 -47.22 34.61 17.25
N GLN B 872 -46.61 35.11 18.32
CA GLN B 872 -45.72 34.33 19.16
C GLN B 872 -46.31 34.00 20.53
N ARG B 873 -46.89 34.97 21.22
CA ARG B 873 -47.58 34.72 22.47
C ARG B 873 -49.07 34.54 22.19
N ARG B 874 -49.63 33.45 22.70
CA ARG B 874 -51.05 33.06 22.53
C ARG B 874 -51.48 32.99 21.07
N SER C 429 -8.41 -64.20 -26.57
CA SER C 429 -7.32 -64.74 -25.76
C SER C 429 -6.03 -64.83 -26.56
N ASN C 430 -5.43 -63.67 -26.85
CA ASN C 430 -4.22 -63.66 -27.67
C ASN C 430 -2.98 -63.95 -26.82
N ARG C 431 -2.68 -63.08 -25.86
CA ARG C 431 -1.48 -63.22 -25.07
C ARG C 431 -1.68 -63.04 -23.57
N SER C 432 -2.83 -62.53 -23.12
CA SER C 432 -3.13 -62.23 -21.71
C SER C 432 -2.07 -61.29 -21.12
N LEU C 433 -2.10 -60.06 -21.62
CA LEU C 433 -1.04 -59.07 -21.47
C LEU C 433 -0.72 -58.77 -20.01
N ILE C 434 0.55 -58.47 -19.75
CA ILE C 434 1.07 -58.24 -18.41
C ILE C 434 1.30 -56.75 -18.25
N VAL C 435 0.80 -56.20 -17.14
CA VAL C 435 0.76 -54.76 -16.90
C VAL C 435 1.39 -54.44 -15.55
N THR C 436 2.31 -53.47 -15.53
CA THR C 436 3.10 -53.14 -14.36
C THR C 436 2.73 -51.79 -13.78
N THR C 437 2.58 -51.73 -12.46
CA THR C 437 2.22 -50.52 -11.74
C THR C 437 3.19 -50.32 -10.59
N ILE C 438 2.94 -49.27 -9.79
CA ILE C 438 3.67 -48.99 -8.55
C ILE C 438 2.64 -48.60 -7.50
N LEU C 439 2.77 -49.16 -6.29
CA LEU C 439 1.78 -48.98 -5.24
C LEU C 439 1.78 -47.56 -4.69
N GLU C 440 1.23 -46.62 -5.45
CA GLU C 440 1.01 -45.26 -4.99
C GLU C 440 -0.49 -44.97 -5.03
N GLU C 441 -0.98 -44.40 -4.00
CA GLU C 441 -2.39 -44.09 -3.96
C GLU C 441 -2.63 -42.65 -4.39
N PRO C 442 -3.79 -42.31 -5.00
CA PRO C 442 -5.01 -43.06 -5.34
C PRO C 442 -4.90 -43.95 -6.56
N TYR C 443 -3.70 -44.09 -7.13
CA TYR C 443 -3.57 -44.64 -8.47
C TYR C 443 -3.80 -46.15 -8.48
N VAL C 444 -3.02 -46.89 -7.70
CA VAL C 444 -3.37 -48.28 -7.40
C VAL C 444 -3.30 -48.48 -5.90
N LEU C 445 -4.06 -49.45 -5.40
CA LEU C 445 -4.13 -49.76 -3.99
C LEU C 445 -4.10 -51.27 -3.75
N PHE C 446 -4.36 -51.67 -2.51
CA PHE C 446 -4.84 -53.01 -2.21
C PHE C 446 -6.30 -52.92 -1.81
N LYS C 447 -7.11 -53.84 -2.35
CA LYS C 447 -8.53 -53.86 -2.02
C LYS C 447 -8.70 -54.33 -0.58
N LYS C 448 -9.22 -53.44 0.26
CA LYS C 448 -9.25 -53.68 1.71
C LYS C 448 -10.29 -54.72 2.07
N SER C 449 -9.86 -55.97 2.18
CA SER C 449 -10.74 -57.08 2.56
C SER C 449 -9.88 -58.23 3.08
N ASP C 450 -10.55 -59.17 3.74
CA ASP C 450 -9.96 -60.43 4.15
C ASP C 450 -9.99 -61.45 3.02
N LYS C 451 -9.82 -62.74 3.35
CA LYS C 451 -9.98 -63.90 2.46
C LYS C 451 -9.02 -63.87 1.28
N PRO C 452 -7.74 -64.25 1.47
CA PRO C 452 -6.75 -64.23 0.37
C PRO C 452 -6.99 -65.27 -0.72
N LEU C 453 -5.97 -65.44 -1.57
CA LEU C 453 -5.93 -66.13 -2.88
C LEU C 453 -6.71 -65.33 -3.91
N TYR C 454 -6.51 -64.01 -3.90
CA TYR C 454 -7.00 -63.15 -4.95
C TYR C 454 -6.18 -63.35 -6.23
N GLY C 455 -6.67 -62.76 -7.32
CA GLY C 455 -5.91 -62.73 -8.56
C GLY C 455 -5.47 -61.31 -8.87
N ASN C 456 -6.03 -60.71 -9.91
CA ASN C 456 -5.89 -59.29 -10.13
C ASN C 456 -7.02 -58.50 -9.49
N ASP C 457 -7.83 -59.15 -8.66
CA ASP C 457 -8.91 -58.52 -7.92
C ASP C 457 -8.42 -57.93 -6.60
N ARG C 458 -7.14 -58.10 -6.27
CA ARG C 458 -6.56 -57.50 -5.08
C ARG C 458 -6.16 -56.06 -5.27
N PHE C 459 -6.34 -55.49 -6.46
CA PHE C 459 -5.97 -54.11 -6.74
C PHE C 459 -7.21 -53.26 -6.99
N GLU C 460 -7.09 -51.98 -6.64
CA GLU C 460 -8.10 -50.99 -6.99
C GLU C 460 -7.42 -49.64 -7.05
N GLY C 461 -8.07 -48.69 -7.70
CA GLY C 461 -7.55 -47.34 -7.77
C GLY C 461 -7.90 -46.70 -9.10
N TYR C 462 -7.22 -45.59 -9.38
CA TYR C 462 -7.45 -44.86 -10.62
C TYR C 462 -6.94 -45.64 -11.83
N CYS C 463 -5.69 -46.10 -11.77
CA CYS C 463 -5.10 -46.81 -12.89
C CYS C 463 -5.63 -48.23 -13.03
N ILE C 464 -6.34 -48.75 -12.04
CA ILE C 464 -7.04 -50.02 -12.21
C ILE C 464 -8.36 -49.82 -12.95
N ASP C 465 -9.04 -48.70 -12.69
CA ASP C 465 -10.26 -48.40 -13.43
C ASP C 465 -9.93 -47.93 -14.85
N LEU C 466 -8.78 -47.31 -15.03
CA LEU C 466 -8.34 -46.95 -16.39
C LEU C 466 -7.99 -48.20 -17.17
N LEU C 467 -7.33 -49.15 -16.53
CA LEU C 467 -6.98 -50.40 -17.18
C LEU C 467 -8.22 -51.25 -17.46
N ARG C 468 -9.26 -51.10 -16.66
CA ARG C 468 -10.50 -51.83 -16.91
C ARG C 468 -11.22 -51.29 -18.14
N GLU C 469 -11.41 -49.97 -18.20
CA GLU C 469 -12.14 -49.37 -19.32
C GLU C 469 -11.34 -49.36 -20.61
N LEU C 470 -10.01 -49.37 -20.54
CA LEU C 470 -9.22 -49.65 -21.72
C LEU C 470 -9.33 -51.10 -22.16
N SER C 471 -9.64 -52.02 -21.24
CA SER C 471 -9.78 -53.41 -21.63
C SER C 471 -11.15 -53.68 -22.26
N THR C 472 -12.18 -52.93 -21.88
CA THR C 472 -13.51 -53.17 -22.40
C THR C 472 -13.67 -52.72 -23.84
N ILE C 473 -12.99 -51.64 -24.25
CA ILE C 473 -13.18 -51.09 -25.58
C ILE C 473 -12.05 -51.44 -26.53
N LEU C 474 -11.05 -52.19 -26.07
CA LEU C 474 -9.96 -52.62 -26.94
C LEU C 474 -9.80 -54.13 -26.95
N GLY C 475 -10.38 -54.85 -25.99
CA GLY C 475 -10.43 -56.29 -26.03
C GLY C 475 -9.11 -57.00 -25.76
N PHE C 476 -8.65 -56.92 -24.51
CA PHE C 476 -7.46 -57.66 -24.11
C PHE C 476 -7.59 -58.00 -22.63
N THR C 477 -7.16 -59.22 -22.28
CA THR C 477 -7.13 -59.65 -20.89
C THR C 477 -5.82 -59.21 -20.26
N TYR C 478 -5.92 -58.53 -19.12
CA TYR C 478 -4.77 -57.99 -18.43
C TYR C 478 -4.47 -58.81 -17.17
N GLU C 479 -3.18 -59.02 -16.91
CA GLU C 479 -2.71 -59.65 -15.67
C GLU C 479 -1.80 -58.65 -14.97
N ILE C 480 -2.27 -58.12 -13.84
CA ILE C 480 -1.54 -57.07 -13.14
C ILE C 480 -0.39 -57.68 -12.37
N ARG C 481 0.79 -57.07 -12.49
CA ARG C 481 2.00 -57.57 -11.85
C ARG C 481 2.79 -56.37 -11.36
N LEU C 482 2.95 -56.26 -10.04
CA LEU C 482 3.73 -55.17 -9.47
C LEU C 482 5.19 -55.28 -9.87
N VAL C 483 5.81 -54.12 -10.11
CA VAL C 483 7.22 -54.11 -10.48
C VAL C 483 8.06 -54.48 -9.26
N GLU C 484 9.19 -55.15 -9.51
CA GLU C 484 9.98 -55.71 -8.41
C GLU C 484 10.72 -54.63 -7.65
N ASP C 485 11.20 -53.60 -8.35
CA ASP C 485 12.00 -52.56 -7.71
C ASP C 485 11.13 -51.64 -6.87
N GLY C 486 10.12 -51.03 -7.49
CA GLY C 486 9.32 -50.01 -6.85
C GLY C 486 9.66 -48.60 -7.27
N LYS C 487 10.63 -48.43 -8.17
CA LYS C 487 11.03 -47.13 -8.67
C LYS C 487 10.39 -46.89 -10.04
N TYR C 488 10.21 -45.61 -10.39
CA TYR C 488 9.61 -45.29 -11.68
C TYR C 488 10.60 -45.52 -12.81
N GLY C 489 11.72 -44.80 -12.78
CA GLY C 489 12.78 -45.04 -13.75
C GLY C 489 13.77 -43.90 -13.86
N ALA C 490 15.05 -44.25 -13.92
CA ALA C 490 16.14 -43.29 -14.03
C ALA C 490 17.38 -44.03 -14.52
N GLN C 491 18.27 -43.29 -15.15
CA GLN C 491 19.55 -43.85 -15.58
C GLN C 491 20.58 -43.72 -14.48
N ASP C 492 21.18 -44.84 -14.11
CA ASP C 492 22.38 -44.86 -13.28
C ASP C 492 23.58 -44.85 -14.22
N ASP C 493 24.41 -43.81 -14.12
CA ASP C 493 25.57 -43.67 -14.99
C ASP C 493 26.68 -44.67 -14.71
N VAL C 494 26.57 -45.45 -13.64
CA VAL C 494 27.49 -46.56 -13.41
C VAL C 494 27.35 -47.60 -14.53
N ASN C 495 26.11 -47.97 -14.85
CA ASN C 495 25.85 -48.97 -15.86
C ASN C 495 25.18 -48.41 -17.11
N GLY C 496 24.70 -47.18 -17.07
CA GLY C 496 24.00 -46.61 -18.22
C GLY C 496 22.67 -47.25 -18.52
N GLN C 497 22.04 -47.86 -17.53
CA GLN C 497 20.83 -48.64 -17.72
C GLN C 497 19.68 -48.04 -16.91
N TRP C 498 18.48 -48.52 -17.19
CA TRP C 498 17.29 -48.06 -16.51
C TRP C 498 16.92 -49.01 -15.37
N ASN C 499 16.01 -48.57 -14.53
CA ASN C 499 15.49 -49.36 -13.42
C ASN C 499 13.99 -49.19 -13.32
N GLY C 500 13.36 -50.11 -12.60
CA GLY C 500 11.93 -49.99 -12.34
C GLY C 500 11.10 -50.39 -13.54
N MET C 501 10.14 -49.53 -13.90
CA MET C 501 9.18 -49.90 -14.93
C MET C 501 9.74 -49.72 -16.33
N VAL C 502 10.52 -48.67 -16.57
CA VAL C 502 11.05 -48.46 -17.91
C VAL C 502 12.14 -49.49 -18.26
N ARG C 503 12.79 -50.07 -17.26
CA ARG C 503 13.63 -51.24 -17.50
C ARG C 503 12.78 -52.47 -17.81
N GLU C 504 11.63 -52.59 -17.14
CA GLU C 504 10.70 -53.68 -17.38
C GLU C 504 10.09 -53.64 -18.77
N LEU C 505 10.06 -52.46 -19.40
CA LEU C 505 9.51 -52.28 -20.73
C LEU C 505 10.54 -52.40 -21.85
N ILE C 506 11.78 -51.95 -21.65
CA ILE C 506 12.80 -52.10 -22.68
C ILE C 506 13.22 -53.57 -22.81
N ASP C 507 13.11 -54.34 -21.73
CA ASP C 507 13.47 -55.75 -21.77
C ASP C 507 12.36 -56.62 -22.33
N HIS C 508 11.21 -56.03 -22.70
CA HIS C 508 10.03 -56.70 -23.24
C HIS C 508 9.49 -57.77 -22.28
N LYS C 509 9.71 -57.58 -20.98
CA LYS C 509 9.17 -58.50 -20.00
C LYS C 509 7.69 -58.25 -19.78
N ALA C 510 7.27 -56.99 -19.88
CA ALA C 510 5.87 -56.61 -19.78
C ALA C 510 5.67 -55.28 -20.48
N ASP C 511 4.56 -55.16 -21.20
CA ASP C 511 4.13 -53.90 -21.78
C ASP C 511 3.20 -53.20 -20.80
N LEU C 512 2.54 -52.12 -21.26
CA LEU C 512 1.41 -51.47 -20.61
C LEU C 512 1.77 -50.95 -19.22
N ALA C 513 2.65 -49.95 -19.18
CA ALA C 513 3.00 -49.32 -17.91
C ALA C 513 1.93 -48.30 -17.53
N VAL C 514 0.79 -48.82 -17.08
CA VAL C 514 -0.36 -47.99 -16.71
C VAL C 514 -0.14 -47.58 -15.25
N ALA C 515 0.44 -46.39 -15.07
CA ALA C 515 0.99 -45.99 -13.78
C ALA C 515 1.22 -44.49 -13.79
N PRO C 516 1.52 -43.86 -12.65
CA PRO C 516 1.99 -42.46 -12.70
C PRO C 516 3.37 -42.31 -13.31
N LEU C 517 3.52 -42.58 -14.60
CA LEU C 517 4.82 -42.53 -15.26
C LEU C 517 4.76 -41.27 -16.12
N ALA C 518 5.33 -40.18 -15.62
CA ALA C 518 5.21 -38.90 -16.28
C ALA C 518 6.02 -38.86 -17.56
N ILE C 519 5.43 -38.27 -18.60
CA ILE C 519 6.06 -38.16 -19.91
C ILE C 519 7.13 -37.09 -19.80
N THR C 520 8.39 -37.50 -19.74
CA THR C 520 9.52 -36.59 -19.76
C THR C 520 10.45 -36.97 -20.91
N TYR C 521 11.46 -36.12 -21.13
CA TYR C 521 12.26 -36.19 -22.35
C TYR C 521 13.15 -37.42 -22.40
N VAL C 522 13.84 -37.74 -21.29
CA VAL C 522 14.78 -38.85 -21.32
C VAL C 522 14.06 -40.20 -21.32
N ARG C 523 12.80 -40.24 -20.89
CA ARG C 523 12.06 -41.49 -20.86
C ARG C 523 11.44 -41.86 -22.19
N GLU C 524 11.41 -40.96 -23.17
CA GLU C 524 10.81 -41.33 -24.43
C GLU C 524 11.85 -41.73 -25.47
N LYS C 525 13.13 -41.51 -25.18
CA LYS C 525 14.18 -42.09 -26.01
C LYS C 525 14.24 -43.60 -25.87
N VAL C 526 13.79 -44.13 -24.75
CA VAL C 526 13.84 -45.57 -24.48
C VAL C 526 12.50 -46.25 -24.79
N ILE C 527 11.38 -45.71 -24.30
CA ILE C 527 10.10 -46.36 -24.51
C ILE C 527 9.17 -45.40 -25.24
N ASP C 528 7.96 -45.87 -25.55
CA ASP C 528 6.95 -45.07 -26.24
C ASP C 528 5.75 -44.88 -25.32
N PHE C 529 5.29 -43.64 -25.21
CA PHE C 529 4.11 -43.33 -24.44
C PHE C 529 2.87 -43.34 -25.31
N SER C 530 1.72 -43.17 -24.68
CA SER C 530 0.53 -42.74 -25.37
C SER C 530 0.36 -41.25 -25.14
N LYS C 531 -0.72 -40.68 -25.66
CA LYS C 531 -1.05 -39.32 -25.31
C LYS C 531 -1.56 -39.28 -23.87
N PRO C 532 -1.37 -38.16 -23.16
CA PRO C 532 -1.60 -38.16 -21.71
C PRO C 532 -3.04 -38.38 -21.30
N PHE C 533 -3.21 -38.88 -20.09
CA PHE C 533 -4.53 -39.03 -19.50
C PHE C 533 -4.72 -38.19 -18.25
N MET C 534 -3.75 -37.35 -17.88
CA MET C 534 -3.90 -36.55 -16.67
C MET C 534 -2.99 -35.33 -16.77
N THR C 535 -3.60 -34.16 -16.86
CA THR C 535 -2.84 -32.92 -16.94
C THR C 535 -2.28 -32.58 -15.57
N LEU C 536 -1.05 -32.07 -15.53
CA LEU C 536 -0.32 -32.04 -14.28
C LEU C 536 0.72 -30.93 -14.31
N GLY C 537 1.17 -30.53 -13.12
CA GLY C 537 2.22 -29.54 -13.02
C GLY C 537 2.78 -29.51 -11.62
N ILE C 538 3.66 -28.54 -11.39
CA ILE C 538 4.25 -28.30 -10.08
C ILE C 538 3.53 -27.11 -9.46
N SER C 539 3.11 -27.26 -8.20
CA SER C 539 2.45 -26.18 -7.49
C SER C 539 2.98 -26.16 -6.06
N ILE C 540 2.29 -25.42 -5.19
CA ILE C 540 2.80 -25.09 -3.86
C ILE C 540 1.81 -25.58 -2.82
N LEU C 541 2.25 -26.45 -1.91
CA LEU C 541 1.54 -26.66 -0.67
C LEU C 541 1.82 -25.52 0.31
N TYR C 542 0.81 -25.20 1.10
CA TYR C 542 0.92 -24.23 2.18
C TYR C 542 -0.26 -24.45 3.12
N ARG C 543 -0.07 -24.11 4.39
CA ARG C 543 -1.12 -24.30 5.37
C ARG C 543 -2.22 -23.26 5.15
N LYS C 544 -3.47 -23.70 5.32
CA LYS C 544 -4.62 -22.80 5.20
C LYS C 544 -4.53 -21.74 6.30
N PRO C 545 -4.74 -20.44 5.98
CA PRO C 545 -4.49 -19.38 6.96
C PRO C 545 -5.43 -19.42 8.15
N ASN C 546 -4.85 -19.80 9.29
CA ASN C 546 -5.58 -20.03 10.52
C ASN C 546 -5.78 -18.71 11.25
N GLY C 547 -7.00 -18.49 11.74
CA GLY C 547 -7.20 -17.56 12.82
C GLY C 547 -7.37 -16.11 12.46
N THR C 548 -6.24 -15.38 12.54
CA THR C 548 -6.01 -13.92 12.53
C THR C 548 -6.43 -13.29 13.86
N ASN C 549 -7.08 -14.09 14.74
CA ASN C 549 -7.43 -13.93 16.15
C ASN C 549 -7.84 -12.50 16.53
N PRO C 550 -8.99 -12.00 16.08
CA PRO C 550 -9.39 -10.64 16.49
C PRO C 550 -9.76 -10.55 17.96
N GLY C 551 -10.59 -11.48 18.45
CA GLY C 551 -10.89 -11.55 19.87
C GLY C 551 -11.82 -10.47 20.37
N VAL C 552 -12.39 -10.72 21.53
CA VAL C 552 -13.17 -9.75 22.28
C VAL C 552 -12.17 -8.73 22.83
N PHE C 553 -12.67 -7.50 23.08
CA PHE C 553 -11.89 -6.38 23.61
C PHE C 553 -10.79 -5.94 22.64
N SER C 554 -11.01 -6.12 21.35
CA SER C 554 -10.05 -5.68 20.35
C SER C 554 -10.18 -4.21 20.02
N PHE C 555 -11.23 -3.55 20.51
CA PHE C 555 -11.32 -2.08 20.43
C PHE C 555 -10.30 -1.41 21.31
N LEU C 556 -9.75 -2.12 22.30
CA LEU C 556 -8.86 -1.57 23.29
C LEU C 556 -7.42 -1.49 22.79
N ASN C 557 -7.15 -1.99 21.58
CA ASN C 557 -5.83 -2.06 20.95
C ASN C 557 -5.16 -0.75 20.50
N PRO C 558 -5.83 0.26 19.92
CA PRO C 558 -5.07 1.42 19.41
C PRO C 558 -4.40 2.30 20.45
N LEU C 559 -4.57 2.03 21.74
CA LEU C 559 -3.79 2.68 22.78
C LEU C 559 -3.18 1.60 23.66
N SER C 560 -1.96 1.85 24.13
CA SER C 560 -1.27 0.89 24.98
C SER C 560 -1.93 0.85 26.36
N PRO C 561 -1.77 -0.24 27.10
CA PRO C 561 -2.37 -0.32 28.45
C PRO C 561 -1.78 0.66 29.45
N ASP C 562 -0.62 1.26 29.17
CA ASP C 562 -0.18 2.40 29.95
C ASP C 562 -1.07 3.61 29.71
N ILE C 563 -1.51 3.80 28.46
CA ILE C 563 -2.28 4.98 28.09
C ILE C 563 -3.72 4.87 28.60
N TRP C 564 -4.32 3.68 28.52
CA TRP C 564 -5.68 3.50 29.03
C TRP C 564 -5.75 3.67 30.54
N MET C 565 -4.65 3.41 31.24
CA MET C 565 -4.63 3.66 32.69
C MET C 565 -4.34 5.12 32.99
N TYR C 566 -3.45 5.74 32.22
CA TYR C 566 -3.04 7.12 32.51
C TYR C 566 -4.15 8.11 32.21
N VAL C 567 -4.93 7.87 31.16
CA VAL C 567 -6.10 8.69 30.87
C VAL C 567 -7.16 8.51 31.97
N LEU C 568 -7.30 7.29 32.49
CA LEU C 568 -8.20 7.05 33.60
C LEU C 568 -7.72 7.75 34.87
N LEU C 569 -6.40 7.75 35.12
CA LEU C 569 -5.89 8.49 36.26
C LEU C 569 -5.88 10.00 36.02
N ALA C 570 -5.89 10.44 34.76
CA ALA C 570 -6.00 11.87 34.49
C ALA C 570 -7.40 12.37 34.78
N CYS C 571 -8.42 11.58 34.45
CA CYS C 571 -9.80 11.98 34.72
C CYS C 571 -10.10 11.96 36.21
N LEU C 572 -9.48 11.06 36.96
CA LEU C 572 -9.59 11.08 38.42
C LEU C 572 -8.61 12.06 39.06
N GLY C 573 -7.74 12.69 38.28
CA GLY C 573 -6.81 13.64 38.83
C GLY C 573 -7.23 15.07 38.58
N VAL C 574 -7.71 15.35 37.37
CA VAL C 574 -8.16 16.69 37.01
C VAL C 574 -9.43 17.04 37.76
N SER C 575 -10.35 16.07 37.89
CA SER C 575 -11.58 16.29 38.63
C SER C 575 -11.35 16.45 40.13
N CYS C 576 -10.24 15.96 40.66
CA CYS C 576 -9.90 16.28 42.04
C CYS C 576 -9.24 17.65 42.15
N VAL C 577 -8.56 18.10 41.09
CA VAL C 577 -8.01 19.44 41.08
C VAL C 577 -9.12 20.46 40.90
N LEU C 578 -10.02 20.21 39.94
CA LEU C 578 -11.14 21.12 39.67
C LEU C 578 -12.11 21.22 40.85
N PHE C 579 -12.17 20.20 41.70
CA PHE C 579 -12.93 20.31 42.94
C PHE C 579 -12.27 21.28 43.91
N VAL C 580 -10.93 21.26 43.98
CA VAL C 580 -10.23 22.11 44.93
C VAL C 580 -10.18 23.55 44.43
N ILE C 581 -9.97 23.75 43.13
CA ILE C 581 -9.87 25.10 42.58
C ILE C 581 -11.23 25.81 42.63
N ALA C 582 -12.31 25.10 42.31
CA ALA C 582 -13.63 25.72 42.34
C ALA C 582 -14.13 25.95 43.75
N ARG C 583 -13.60 25.23 44.74
CA ARG C 583 -13.97 25.51 46.11
C ARG C 583 -13.25 26.75 46.63
N PHE C 584 -11.95 26.87 46.33
CA PHE C 584 -11.16 28.00 46.78
C PHE C 584 -11.42 29.28 45.99
N SER C 585 -11.93 29.19 44.77
CA SER C 585 -12.08 30.40 43.98
C SER C 585 -13.30 31.20 44.43
N PRO C 586 -13.18 32.51 44.56
CA PRO C 586 -14.32 33.32 45.00
C PRO C 586 -15.34 33.53 43.91
N TYR C 587 -14.88 33.62 42.67
CA TYR C 587 -15.76 33.92 41.55
C TYR C 587 -16.66 32.76 41.15
N GLU C 588 -16.38 31.55 41.63
CA GLU C 588 -17.28 30.44 41.38
C GLU C 588 -18.50 30.51 42.28
N TRP C 589 -18.35 31.04 43.49
CA TRP C 589 -19.47 31.23 44.40
C TRP C 589 -20.38 32.35 43.90
N TYR C 590 -21.41 32.00 43.16
CA TYR C 590 -22.30 32.96 42.54
C TYR C 590 -23.66 32.92 43.24
N ASN C 591 -24.58 33.75 42.75
CA ASN C 591 -25.92 33.81 43.32
C ASN C 591 -26.86 32.92 42.53
N PRO C 592 -27.41 31.87 43.12
CA PRO C 592 -28.43 31.06 42.46
C PRO C 592 -29.78 31.77 42.49
N HIS C 593 -30.82 31.04 42.04
CA HIS C 593 -32.22 31.46 42.04
C HIS C 593 -32.42 32.78 41.32
N PRO C 594 -32.39 32.82 39.97
CA PRO C 594 -32.26 34.11 39.26
C PRO C 594 -33.46 35.05 39.33
N CYS C 595 -33.93 35.32 40.54
CA CYS C 595 -34.85 36.39 40.89
C CYS C 595 -34.21 37.06 42.10
N ASN C 596 -34.97 37.92 42.82
CA ASN C 596 -34.74 38.29 44.21
C ASN C 596 -33.34 38.85 44.52
N PRO C 597 -33.08 40.16 44.24
CA PRO C 597 -31.71 40.71 44.21
C PRO C 597 -30.83 40.46 45.43
N ASP C 598 -29.78 39.67 45.15
CA ASP C 598 -28.64 39.25 45.98
C ASP C 598 -29.00 38.24 47.07
N SER C 599 -30.29 38.14 47.43
CA SER C 599 -30.94 36.96 48.04
C SER C 599 -30.34 36.39 49.32
N ASP C 600 -29.25 36.99 49.82
CA ASP C 600 -28.44 36.51 50.95
C ASP C 600 -28.03 35.03 50.80
N VAL C 601 -27.67 34.65 49.57
CA VAL C 601 -27.19 33.30 49.31
C VAL C 601 -25.99 33.35 48.37
N VAL C 602 -25.10 32.37 48.52
CA VAL C 602 -24.09 32.02 47.53
C VAL C 602 -24.13 30.51 47.35
N GLU C 603 -23.57 30.04 46.24
CA GLU C 603 -23.68 28.63 45.89
C GLU C 603 -22.50 28.19 45.05
N ASN C 604 -21.97 27.02 45.37
CA ASN C 604 -20.96 26.34 44.56
C ASN C 604 -21.62 25.14 43.89
N ASN C 605 -21.67 25.15 42.56
CA ASN C 605 -22.22 24.00 41.86
C ASN C 605 -21.25 22.83 41.85
N PHE C 606 -19.95 23.11 41.78
CA PHE C 606 -18.94 22.05 41.66
C PHE C 606 -18.74 21.42 43.02
N THR C 607 -19.53 20.39 43.30
CA THR C 607 -19.29 19.53 44.45
C THR C 607 -18.27 18.47 44.05
N LEU C 608 -18.12 17.43 44.88
CA LEU C 608 -17.21 16.35 44.53
C LEU C 608 -17.80 15.51 43.41
N LEU C 609 -19.08 15.13 43.54
CA LEU C 609 -19.72 14.32 42.51
C LEU C 609 -19.93 15.08 41.21
N ASN C 610 -20.24 16.37 41.29
CA ASN C 610 -20.44 17.18 40.10
C ASN C 610 -19.14 17.50 39.37
N SER C 611 -17.99 17.31 40.00
CA SER C 611 -16.72 17.57 39.34
C SER C 611 -16.15 16.34 38.64
N PHE C 612 -16.42 15.14 39.15
CA PHE C 612 -16.14 13.94 38.37
C PHE C 612 -17.00 13.90 37.11
N TRP C 613 -18.28 14.26 37.24
CA TRP C 613 -19.21 14.22 36.12
C TRP C 613 -18.89 15.26 35.06
N PHE C 614 -18.21 16.34 35.42
CA PHE C 614 -17.68 17.24 34.41
C PHE C 614 -16.52 16.59 33.66
N GLY C 615 -15.60 15.96 34.39
CA GLY C 615 -14.42 15.38 33.76
C GLY C 615 -14.72 14.14 32.95
N VAL C 616 -15.71 13.35 33.37
CA VAL C 616 -16.12 12.20 32.58
C VAL C 616 -16.86 12.66 31.33
N GLY C 617 -17.72 13.68 31.46
CA GLY C 617 -18.48 14.15 30.33
C GLY C 617 -17.61 14.82 29.27
N ALA C 618 -16.61 15.57 29.70
CA ALA C 618 -15.67 16.16 28.76
C ALA C 618 -14.78 15.11 28.12
N LEU C 619 -14.57 13.98 28.81
CA LEU C 619 -13.76 12.91 28.24
C LEU C 619 -14.48 12.22 27.10
N MET C 620 -15.80 12.02 27.22
CA MET C 620 -16.60 11.42 26.18
C MET C 620 -17.27 12.45 25.28
N GLN C 621 -16.67 13.63 25.14
CA GLN C 621 -16.98 14.65 24.14
C GLN C 621 -18.37 15.26 24.24
N GLN C 622 -19.16 14.89 25.24
CA GLN C 622 -20.52 15.39 25.38
C GLN C 622 -20.58 16.19 26.66
N GLY C 623 -20.74 17.51 26.52
CA GLY C 623 -20.61 18.40 27.65
C GLY C 623 -21.71 18.22 28.67
N SER C 624 -21.36 18.43 29.94
CA SER C 624 -22.29 18.22 31.04
C SER C 624 -23.22 19.42 31.18
N GLU C 625 -24.06 19.38 32.21
CA GLU C 625 -25.05 20.43 32.42
C GLU C 625 -24.46 21.67 33.06
N LEU C 626 -23.21 21.61 33.53
CA LEU C 626 -22.59 22.73 34.20
C LEU C 626 -21.20 22.97 33.62
N MET C 627 -20.83 24.24 33.50
CA MET C 627 -19.55 24.67 32.99
C MET C 627 -18.93 25.62 34.00
N PRO C 628 -17.60 25.74 34.02
CA PRO C 628 -16.96 26.72 34.90
C PRO C 628 -17.31 28.15 34.55
N LYS C 629 -17.23 29.03 35.55
CA LYS C 629 -17.55 30.44 35.37
C LYS C 629 -16.43 31.37 35.81
N ALA C 630 -15.35 30.83 36.39
CA ALA C 630 -14.21 31.62 36.80
C ALA C 630 -13.02 31.26 35.92
N LEU C 631 -12.11 32.23 35.74
CA LEU C 631 -10.96 32.04 34.87
C LEU C 631 -9.98 30.99 35.41
N SER C 632 -9.98 30.76 36.72
CA SER C 632 -9.16 29.67 37.27
C SER C 632 -9.71 28.32 36.84
N THR C 633 -11.01 28.12 36.97
CA THR C 633 -11.61 26.85 36.60
C THR C 633 -11.87 26.72 35.10
N ARG C 634 -11.82 27.82 34.35
CA ARG C 634 -11.90 27.72 32.90
C ARG C 634 -10.56 27.39 32.25
N ILE C 635 -9.47 27.44 33.00
CA ILE C 635 -8.20 26.95 32.47
C ILE C 635 -8.07 25.44 32.73
N VAL C 636 -8.60 24.95 33.85
CA VAL C 636 -8.66 23.51 34.10
C VAL C 636 -9.56 22.83 33.09
N GLY C 637 -10.77 23.38 32.90
CA GLY C 637 -11.67 22.82 31.92
C GLY C 637 -11.21 23.05 30.49
N GLY C 638 -10.53 24.17 30.25
CA GLY C 638 -10.08 24.47 28.91
C GLY C 638 -8.91 23.62 28.46
N ILE C 639 -8.07 23.18 29.39
CA ILE C 639 -6.94 22.34 29.02
C ILE C 639 -7.29 20.86 29.11
N TRP C 640 -8.34 20.50 29.86
CA TRP C 640 -8.85 19.15 29.82
C TRP C 640 -9.61 18.89 28.53
N TRP C 641 -10.18 19.93 27.93
CA TRP C 641 -10.84 19.78 26.65
C TRP C 641 -9.84 19.55 25.52
N PHE C 642 -8.69 20.22 25.57
CA PHE C 642 -7.66 20.01 24.56
C PHE C 642 -6.99 18.65 24.73
N PHE C 643 -6.89 18.17 25.98
CA PHE C 643 -6.36 16.84 26.23
C PHE C 643 -7.24 15.77 25.60
N THR C 644 -8.54 15.86 25.81
CA THR C 644 -9.46 14.86 25.27
C THR C 644 -9.67 14.98 23.78
N LEU C 645 -9.40 16.14 23.18
CA LEU C 645 -9.50 16.23 21.73
C LEU C 645 -8.39 15.45 21.06
N ILE C 646 -7.20 15.41 21.67
CA ILE C 646 -6.10 14.66 21.10
C ILE C 646 -6.30 13.16 21.32
N ILE C 647 -6.84 12.79 22.48
CA ILE C 647 -7.03 11.38 22.84
C ILE C 647 -8.05 10.70 21.92
N ILE C 648 -9.17 11.37 21.65
CA ILE C 648 -10.17 10.77 20.76
C ILE C 648 -9.67 10.78 19.32
N SER C 649 -8.88 11.80 18.95
CA SER C 649 -8.31 11.81 17.61
C SER C 649 -7.21 10.78 17.46
N SER C 650 -6.40 10.58 18.50
CA SER C 650 -5.33 9.58 18.41
C SER C 650 -5.89 8.17 18.47
N TYR C 651 -7.04 7.98 19.12
CA TYR C 651 -7.67 6.68 19.11
C TYR C 651 -8.26 6.37 17.74
N THR C 652 -8.92 7.34 17.12
CA THR C 652 -9.56 7.12 15.84
C THR C 652 -8.54 6.95 14.72
N ALA C 653 -7.48 7.76 14.74
CA ALA C 653 -6.47 7.71 13.69
C ALA C 653 -5.64 6.44 13.76
N ASN C 654 -5.38 5.93 14.97
CA ASN C 654 -4.67 4.67 15.08
C ASN C 654 -5.55 3.49 14.69
N LEU C 655 -6.84 3.57 15.05
CA LEU C 655 -7.76 2.51 14.65
C LEU C 655 -7.98 2.50 13.14
N ALA C 656 -7.86 3.67 12.51
CA ALA C 656 -7.83 3.70 11.05
C ALA C 656 -6.53 3.19 10.47
N ALA C 657 -5.49 3.07 11.29
CA ALA C 657 -4.23 2.48 10.84
C ALA C 657 -4.20 0.98 11.04
N PHE C 658 -4.77 0.48 12.14
CA PHE C 658 -4.89 -0.96 12.36
C PHE C 658 -5.80 -1.61 11.32
N LEU C 659 -6.93 -0.98 11.02
CA LEU C 659 -7.88 -1.60 10.11
C LEU C 659 -7.46 -1.44 8.65
N THR C 660 -6.52 -0.55 8.36
CA THR C 660 -6.04 -0.41 6.99
C THR C 660 -4.97 -1.44 6.68
N VAL C 661 -3.99 -1.59 7.58
CA VAL C 661 -2.86 -2.47 7.28
C VAL C 661 -3.23 -3.95 7.33
N GLU C 662 -4.29 -4.33 8.05
CA GLU C 662 -4.75 -5.70 7.99
C GLU C 662 -5.74 -5.92 6.85
N ARG C 663 -6.15 -4.84 6.19
CA ARG C 663 -6.86 -4.94 4.93
C ARG C 663 -5.89 -5.02 3.75
N MET C 664 -4.67 -4.51 3.92
CA MET C 664 -3.64 -4.68 2.92
C MET C 664 -2.87 -5.99 3.07
N GLU C 665 -3.12 -6.75 4.14
CA GLU C 665 -2.47 -8.05 4.30
C GLU C 665 -3.05 -9.03 3.30
N SER C 666 -2.38 -9.21 2.18
CA SER C 666 -2.76 -10.22 1.23
C SER C 666 -2.01 -11.51 1.52
N PRO C 667 -2.66 -12.66 1.46
CA PRO C 667 -1.95 -13.93 1.66
C PRO C 667 -1.08 -14.26 0.45
N ILE C 668 -0.26 -15.30 0.60
CA ILE C 668 0.66 -15.68 -0.45
C ILE C 668 -0.14 -16.31 -1.58
N ASP C 669 -0.01 -15.73 -2.78
CA ASP C 669 -0.87 -16.08 -3.90
C ASP C 669 -0.09 -16.67 -5.07
N SER C 670 1.24 -16.60 -5.04
CA SER C 670 2.04 -17.11 -6.15
C SER C 670 3.41 -17.50 -5.63
N ALA C 671 4.19 -18.15 -6.51
CA ALA C 671 5.58 -18.41 -6.19
C ALA C 671 6.41 -17.14 -6.24
N ASP C 672 5.97 -16.16 -7.04
CA ASP C 672 6.63 -14.86 -7.04
C ASP C 672 6.39 -14.12 -5.73
N ASP C 673 5.28 -14.41 -5.04
CA ASP C 673 5.07 -13.86 -3.71
C ASP C 673 6.01 -14.49 -2.70
N LEU C 674 6.43 -15.73 -2.92
CA LEU C 674 7.42 -16.35 -2.06
C LEU C 674 8.83 -15.87 -2.34
N ALA C 675 9.05 -15.19 -3.48
CA ALA C 675 10.40 -14.79 -3.86
C ALA C 675 10.95 -13.72 -2.92
N LYS C 676 10.14 -12.69 -2.64
CA LYS C 676 10.54 -11.68 -1.68
C LYS C 676 10.39 -12.17 -0.25
N GLN C 677 9.60 -13.22 -0.05
CA GLN C 677 9.28 -13.70 1.29
C GLN C 677 10.47 -14.44 1.88
N THR C 678 10.65 -14.31 3.20
CA THR C 678 11.85 -14.82 3.85
C THR C 678 11.53 -15.73 5.04
N LYS C 679 10.47 -15.38 5.79
CA LYS C 679 10.18 -16.06 7.06
C LYS C 679 9.67 -17.49 6.82
N ILE C 680 8.59 -17.62 6.04
CA ILE C 680 8.09 -18.95 5.69
C ILE C 680 9.04 -19.56 4.67
N GLU C 681 9.58 -20.73 5.01
CA GLU C 681 10.63 -21.35 4.22
C GLU C 681 10.06 -22.23 3.11
N TYR C 682 10.87 -22.45 2.09
CA TYR C 682 10.50 -23.27 0.93
C TYR C 682 10.60 -24.75 1.29
N GLY C 683 10.51 -25.61 0.28
CA GLY C 683 10.74 -27.02 0.49
C GLY C 683 10.63 -27.78 -0.81
N ALA C 684 11.20 -28.98 -0.80
CA ALA C 684 11.17 -29.88 -1.94
C ALA C 684 11.50 -31.28 -1.45
N VAL C 685 11.35 -32.25 -2.34
CA VAL C 685 11.78 -33.62 -2.08
C VAL C 685 13.17 -33.78 -2.69
N GLU C 686 14.02 -34.57 -2.03
CA GLU C 686 15.41 -34.68 -2.44
C GLU C 686 15.54 -35.55 -3.69
N ASP C 687 16.21 -34.99 -4.71
CA ASP C 687 16.54 -35.67 -5.97
C ASP C 687 15.27 -36.13 -6.70
N GLY C 688 14.22 -35.34 -6.59
CA GLY C 688 12.99 -35.55 -7.32
C GLY C 688 12.94 -34.70 -8.58
N ALA C 689 11.83 -34.85 -9.30
CA ALA C 689 11.65 -34.08 -10.53
C ALA C 689 11.31 -32.62 -10.27
N THR C 690 10.95 -32.27 -9.03
CA THR C 690 10.60 -30.89 -8.71
C THR C 690 11.85 -30.03 -8.59
N MET C 691 12.81 -30.47 -7.77
CA MET C 691 14.07 -29.74 -7.65
C MET C 691 14.94 -29.89 -8.90
N THR C 692 14.70 -30.93 -9.71
CA THR C 692 15.36 -31.04 -11.00
C THR C 692 14.94 -29.91 -11.93
N PHE C 693 13.68 -29.47 -11.82
CA PHE C 693 13.21 -28.33 -12.61
C PHE C 693 13.89 -27.05 -12.20
N PHE C 694 14.19 -26.89 -10.90
CA PHE C 694 14.75 -25.64 -10.42
C PHE C 694 16.24 -25.51 -10.75
N LYS C 695 16.93 -26.64 -10.94
CA LYS C 695 18.32 -26.58 -11.36
C LYS C 695 18.46 -26.13 -12.81
N LYS C 696 17.57 -26.61 -13.67
CA LYS C 696 17.60 -26.27 -15.08
C LYS C 696 16.89 -24.96 -15.39
N SER C 697 16.27 -24.32 -14.40
CA SER C 697 15.44 -23.16 -14.64
C SER C 697 16.28 -21.92 -14.89
N LYS C 698 15.91 -21.17 -15.93
CA LYS C 698 16.53 -19.89 -16.23
C LYS C 698 15.66 -18.72 -15.81
N ILE C 699 14.49 -18.98 -15.22
CA ILE C 699 13.62 -17.92 -14.74
C ILE C 699 14.22 -17.35 -13.46
N SER C 700 14.37 -16.02 -13.41
CA SER C 700 15.00 -15.35 -12.28
C SER C 700 14.18 -15.47 -11.00
N THR C 701 12.86 -15.60 -11.13
CA THR C 701 12.03 -15.87 -9.97
C THR C 701 12.29 -17.26 -9.41
N TYR C 702 12.47 -18.24 -10.30
CA TYR C 702 12.68 -19.61 -9.87
C TYR C 702 14.12 -19.87 -9.49
N ASP C 703 15.05 -19.10 -10.06
CA ASP C 703 16.46 -19.28 -9.72
C ASP C 703 16.76 -18.75 -8.32
N LYS C 704 16.08 -17.67 -7.91
CA LYS C 704 16.17 -17.21 -6.53
C LYS C 704 15.57 -18.23 -5.57
N MET C 705 14.56 -18.98 -6.01
CA MET C 705 14.02 -20.06 -5.20
C MET C 705 15.01 -21.20 -5.04
N TRP C 706 15.88 -21.42 -6.03
CA TRP C 706 16.94 -22.40 -5.87
C TRP C 706 18.13 -21.86 -5.10
N ALA C 707 18.31 -20.53 -5.07
CA ALA C 707 19.34 -19.94 -4.22
C ALA C 707 19.04 -20.15 -2.74
N PHE C 708 17.75 -20.23 -2.39
CA PHE C 708 17.38 -20.70 -1.06
C PHE C 708 17.77 -22.16 -0.88
N MET C 709 17.55 -22.98 -1.90
CA MET C 709 17.60 -24.43 -1.73
C MET C 709 19.02 -24.98 -1.88
N SER C 710 19.84 -24.38 -2.72
CA SER C 710 21.20 -24.90 -2.91
C SER C 710 22.07 -24.65 -1.69
N SER C 711 21.73 -23.65 -0.88
CA SER C 711 22.45 -23.43 0.36
C SER C 711 21.90 -24.31 1.48
N ARG C 712 20.62 -24.15 1.79
CA ARG C 712 20.02 -24.79 2.96
C ARG C 712 19.37 -26.13 2.60
N ARG C 713 20.13 -27.03 1.98
CA ARG C 713 19.54 -28.33 1.63
C ARG C 713 19.74 -29.38 2.71
N GLN C 714 19.46 -28.99 3.95
CA GLN C 714 19.39 -29.92 5.07
C GLN C 714 18.15 -29.71 5.93
N SER C 715 17.57 -28.51 5.94
CA SER C 715 16.40 -28.23 6.75
C SER C 715 15.11 -28.13 5.95
N VAL C 716 15.16 -27.82 4.66
CA VAL C 716 13.97 -27.72 3.85
C VAL C 716 13.85 -28.81 2.80
N LEU C 717 14.95 -29.31 2.24
CA LEU C 717 14.89 -30.41 1.28
C LEU C 717 14.72 -31.70 2.05
N VAL C 718 13.51 -32.24 2.04
CA VAL C 718 13.15 -33.39 2.87
C VAL C 718 13.21 -34.64 1.97
N LYS C 719 13.22 -35.80 2.63
CA LYS C 719 13.51 -37.06 1.95
C LYS C 719 12.32 -37.64 1.21
N SER C 720 11.12 -37.56 1.78
CA SER C 720 9.94 -38.20 1.20
C SER C 720 8.80 -37.21 1.09
N ASN C 721 7.78 -37.59 0.31
CA ASN C 721 6.61 -36.74 0.15
C ASN C 721 5.78 -36.66 1.43
N GLU C 722 5.65 -37.79 2.14
CA GLU C 722 4.86 -37.81 3.37
C GLU C 722 5.54 -37.09 4.52
N GLU C 723 6.87 -36.97 4.48
CA GLU C 723 7.57 -36.18 5.50
C GLU C 723 7.34 -34.70 5.28
N GLY C 724 7.31 -34.26 4.02
CA GLY C 724 7.12 -32.85 3.73
C GLY C 724 5.72 -32.37 4.01
N ILE C 725 4.74 -33.27 4.01
CA ILE C 725 3.38 -32.90 4.40
C ILE C 725 3.33 -32.59 5.89
N GLN C 726 4.05 -33.37 6.71
CA GLN C 726 4.14 -33.09 8.13
C GLN C 726 4.92 -31.81 8.41
N ARG C 727 5.83 -31.44 7.51
CA ARG C 727 6.57 -30.18 7.69
C ARG C 727 5.69 -28.96 7.45
N VAL C 728 4.71 -29.06 6.54
CA VAL C 728 3.80 -27.95 6.31
C VAL C 728 2.92 -27.72 7.53
N LEU C 729 2.59 -28.79 8.24
CA LEU C 729 1.76 -28.70 9.43
C LEU C 729 2.50 -28.02 10.58
N THR C 730 3.57 -28.65 11.09
CA THR C 730 4.28 -28.14 12.25
C THR C 730 5.57 -27.40 11.82
N SER C 731 5.38 -26.32 11.06
CA SER C 731 6.38 -25.30 10.75
C SER C 731 5.70 -24.17 10.01
N ASP C 732 6.51 -23.19 9.60
CA ASP C 732 6.11 -22.18 8.61
C ASP C 732 6.82 -22.60 7.31
N TYR C 733 6.17 -23.48 6.57
CA TYR C 733 6.82 -24.27 5.53
C TYR C 733 5.92 -24.30 4.30
N ALA C 734 6.56 -24.33 3.14
CA ALA C 734 5.83 -24.36 1.86
C ALA C 734 6.48 -25.43 0.99
N PHE C 735 5.77 -26.54 0.79
CA PHE C 735 6.34 -27.69 0.13
C PHE C 735 5.97 -27.70 -1.34
N LEU C 736 6.91 -28.16 -2.17
CA LEU C 736 6.77 -28.13 -3.62
C LEU C 736 6.76 -29.55 -4.15
N MET C 737 5.62 -29.96 -4.72
CA MET C 737 5.49 -31.30 -5.27
C MET C 737 4.50 -31.20 -6.43
N GLU C 738 4.06 -32.35 -6.94
CA GLU C 738 3.23 -32.36 -8.13
C GLU C 738 1.80 -31.94 -7.78
N SER C 739 1.08 -31.41 -8.78
CA SER C 739 -0.21 -30.79 -8.54
C SER C 739 -1.28 -31.80 -8.14
N THR C 740 -1.16 -33.04 -8.61
CA THR C 740 -2.16 -34.04 -8.25
C THR C 740 -2.02 -34.48 -6.81
N THR C 741 -0.79 -34.66 -6.34
CA THR C 741 -0.59 -35.03 -4.96
C THR C 741 -0.79 -33.87 -4.00
N ILE C 742 -0.80 -32.62 -4.49
CA ILE C 742 -1.27 -31.52 -3.67
C ILE C 742 -2.79 -31.53 -3.57
N GLU C 743 -3.46 -31.60 -4.71
CA GLU C 743 -4.91 -31.54 -4.74
C GLU C 743 -5.58 -32.81 -4.22
N PHE C 744 -4.82 -33.84 -3.87
CA PHE C 744 -5.39 -34.97 -3.16
C PHE C 744 -5.35 -34.79 -1.65
N VAL C 745 -4.21 -34.33 -1.13
CA VAL C 745 -4.10 -34.19 0.33
C VAL C 745 -4.82 -32.96 0.84
N THR C 746 -5.13 -31.99 -0.02
CA THR C 746 -6.01 -30.89 0.40
C THR C 746 -7.46 -31.35 0.50
N GLN C 747 -7.84 -32.43 -0.18
CA GLN C 747 -9.16 -33.00 0.02
C GLN C 747 -9.23 -33.83 1.29
N ARG C 748 -8.08 -34.30 1.79
CA ARG C 748 -8.05 -35.14 2.98
C ARG C 748 -7.82 -34.34 4.25
N ASN C 749 -7.29 -33.13 4.14
CA ASN C 749 -7.06 -32.27 5.29
C ASN C 749 -7.61 -30.88 5.00
N CYS C 750 -8.45 -30.37 5.89
CA CYS C 750 -8.94 -29.01 5.80
C CYS C 750 -7.97 -27.98 6.36
N ASN C 751 -6.78 -28.42 6.77
CA ASN C 751 -5.76 -27.51 7.29
C ASN C 751 -4.83 -27.00 6.19
N LEU C 752 -4.96 -27.53 4.96
CA LEU C 752 -4.01 -27.32 3.89
C LEU C 752 -4.72 -26.66 2.70
N THR C 753 -3.93 -25.99 1.86
CA THR C 753 -4.47 -25.26 0.72
C THR C 753 -3.38 -25.09 -0.34
N GLN C 754 -3.68 -25.50 -1.57
CA GLN C 754 -2.86 -25.13 -2.71
C GLN C 754 -2.91 -23.62 -2.92
N ILE C 755 -1.75 -22.97 -2.96
CA ILE C 755 -1.67 -21.56 -3.31
C ILE C 755 -0.85 -21.43 -4.58
N GLY C 756 -1.31 -20.58 -5.49
CA GLY C 756 -0.67 -20.41 -6.77
C GLY C 756 -1.24 -21.30 -7.85
N GLY C 757 -0.83 -21.03 -9.08
CA GLY C 757 -1.26 -21.81 -10.22
C GLY C 757 -0.40 -23.04 -10.42
N LEU C 758 0.03 -23.27 -11.65
CA LEU C 758 0.92 -24.38 -11.97
C LEU C 758 2.23 -23.84 -12.51
N ILE C 759 3.33 -24.25 -11.89
CA ILE C 759 4.65 -23.81 -12.32
C ILE C 759 5.09 -24.53 -13.59
N ASP C 760 5.07 -25.85 -13.55
CA ASP C 760 5.50 -26.66 -14.67
C ASP C 760 4.27 -27.17 -15.43
N SER C 761 4.50 -27.82 -16.56
CA SER C 761 3.40 -28.40 -17.35
C SER C 761 3.87 -29.73 -17.89
N LYS C 762 3.22 -30.81 -17.46
CA LYS C 762 3.63 -32.17 -17.78
C LYS C 762 2.42 -33.07 -17.58
N GLY C 763 2.56 -34.36 -17.90
CA GLY C 763 1.40 -35.22 -17.89
C GLY C 763 1.74 -36.68 -17.81
N TYR C 764 0.82 -37.44 -17.20
CA TYR C 764 0.95 -38.89 -17.09
C TYR C 764 0.41 -39.55 -18.36
N GLY C 765 1.21 -40.43 -18.96
CA GLY C 765 0.73 -41.28 -20.01
C GLY C 765 1.11 -42.72 -19.72
N VAL C 766 0.39 -43.64 -20.33
CA VAL C 766 0.71 -45.05 -20.15
C VAL C 766 1.97 -45.37 -20.94
N GLY C 767 2.68 -46.39 -20.51
CA GLY C 767 3.98 -46.72 -21.08
C GLY C 767 3.91 -47.99 -21.90
N THR C 768 4.48 -47.95 -23.10
CA THR C 768 4.59 -49.07 -24.01
C THR C 768 6.04 -49.23 -24.43
N PRO C 769 6.46 -50.43 -24.80
CA PRO C 769 7.82 -50.61 -25.33
C PRO C 769 8.00 -49.90 -26.67
N MET C 770 9.27 -49.70 -27.03
CA MET C 770 9.61 -48.97 -28.24
C MET C 770 9.17 -49.74 -29.48
N GLY C 771 8.32 -49.10 -30.29
CA GLY C 771 7.81 -49.72 -31.49
C GLY C 771 6.74 -50.77 -31.22
N SER C 772 5.88 -50.48 -30.26
CA SER C 772 4.80 -51.43 -30.04
C SER C 772 3.60 -51.07 -30.91
N PRO C 773 2.81 -52.06 -31.33
CA PRO C 773 1.59 -51.76 -32.09
C PRO C 773 0.38 -51.36 -31.25
N TYR C 774 0.57 -51.03 -29.97
CA TYR C 774 -0.54 -50.74 -29.08
C TYR C 774 -0.71 -49.28 -28.71
N ARG C 775 0.35 -48.47 -28.82
CA ARG C 775 0.27 -47.08 -28.36
C ARG C 775 -0.68 -46.24 -29.22
N ASP C 776 -0.89 -46.64 -30.47
CA ASP C 776 -1.87 -45.95 -31.29
C ASP C 776 -3.29 -46.37 -30.92
N LYS C 777 -3.49 -47.66 -30.61
CA LYS C 777 -4.83 -48.12 -30.23
C LYS C 777 -5.24 -47.60 -28.86
N ILE C 778 -4.28 -47.29 -28.00
CA ILE C 778 -4.59 -46.76 -26.68
C ILE C 778 -4.87 -45.27 -26.76
N THR C 779 -4.13 -44.55 -27.62
CA THR C 779 -4.32 -43.12 -27.79
C THR C 779 -5.73 -42.79 -28.29
N ILE C 780 -6.21 -43.56 -29.28
CA ILE C 780 -7.61 -43.47 -29.69
C ILE C 780 -8.54 -43.90 -28.57
N ALA C 781 -8.14 -44.90 -27.78
CA ALA C 781 -8.97 -45.33 -26.66
C ALA C 781 -9.02 -44.29 -25.55
N ILE C 782 -7.92 -43.58 -25.32
CA ILE C 782 -7.89 -42.55 -24.28
C ILE C 782 -8.70 -41.34 -24.71
N LEU C 783 -8.58 -40.91 -25.97
CA LEU C 783 -9.37 -39.80 -26.48
C LEU C 783 -10.86 -40.14 -26.56
N GLN C 784 -11.21 -41.42 -26.70
CA GLN C 784 -12.62 -41.80 -26.67
C GLN C 784 -13.21 -41.63 -25.27
N LEU C 785 -12.44 -41.98 -24.23
CA LEU C 785 -12.91 -41.77 -22.87
C LEU C 785 -12.95 -40.30 -22.48
N GLN C 786 -12.15 -39.45 -23.13
CA GLN C 786 -12.18 -38.03 -22.81
C GLN C 786 -13.39 -37.35 -23.43
N GLU C 787 -13.78 -37.76 -24.63
CA GLU C 787 -14.97 -37.19 -25.25
C GLU C 787 -16.25 -37.63 -24.53
N GLU C 788 -16.27 -38.85 -23.99
CA GLU C 788 -17.42 -39.31 -23.23
C GLU C 788 -17.51 -38.66 -21.86
N GLY C 789 -16.41 -38.10 -21.36
CA GLY C 789 -16.40 -37.53 -20.02
C GLY C 789 -16.03 -38.51 -18.93
N LYS C 790 -15.34 -39.59 -19.26
CA LYS C 790 -15.01 -40.59 -18.24
C LYS C 790 -13.91 -40.12 -17.32
N LEU C 791 -12.86 -39.51 -17.89
CA LEU C 791 -11.68 -39.13 -17.11
C LEU C 791 -11.97 -38.03 -16.10
N HIS C 792 -12.97 -37.19 -16.35
CA HIS C 792 -13.38 -36.27 -15.31
C HIS C 792 -14.20 -36.98 -14.23
N MET C 793 -14.95 -38.01 -14.59
CA MET C 793 -15.66 -38.80 -13.60
C MET C 793 -14.72 -39.77 -12.89
N MET C 794 -13.74 -40.32 -13.60
CA MET C 794 -12.82 -41.27 -13.00
C MET C 794 -11.85 -40.64 -12.03
N LYS C 795 -11.59 -39.34 -12.14
CA LYS C 795 -10.87 -38.66 -11.08
C LYS C 795 -11.71 -38.63 -9.81
N GLU C 796 -12.87 -37.98 -9.89
CA GLU C 796 -13.67 -37.58 -8.72
C GLU C 796 -14.13 -38.74 -7.86
N LYS C 797 -14.18 -39.95 -8.40
CA LYS C 797 -14.44 -41.13 -7.57
C LYS C 797 -13.29 -41.41 -6.63
N TRP C 798 -12.05 -41.38 -7.14
CA TRP C 798 -10.88 -41.61 -6.32
C TRP C 798 -10.23 -40.33 -5.81
N TRP C 799 -10.90 -39.18 -5.91
CA TRP C 799 -10.26 -37.91 -5.63
C TRP C 799 -10.88 -37.20 -4.43
N ARG C 800 -12.20 -37.03 -4.45
CA ARG C 800 -12.91 -36.19 -3.50
C ARG C 800 -13.78 -37.03 -2.60
N GLY C 801 -13.60 -36.88 -1.29
CA GLY C 801 -14.41 -37.57 -0.32
C GLY C 801 -14.51 -36.78 0.97
N ASN C 802 -15.72 -36.69 1.52
CA ASN C 802 -16.07 -35.87 2.68
C ASN C 802 -15.66 -34.41 2.45
N GLY C 803 -16.40 -33.79 1.52
CA GLY C 803 -16.08 -32.43 1.11
C GLY C 803 -16.22 -31.44 2.25
N CYS C 804 -15.19 -30.63 2.40
CA CYS C 804 -14.94 -29.76 3.53
C CYS C 804 -15.89 -28.56 3.49
N PRO C 805 -16.43 -28.15 4.64
CA PRO C 805 -17.26 -26.94 4.68
C PRO C 805 -16.48 -25.67 4.42
N GLU C 806 -15.19 -25.66 4.77
CA GLU C 806 -14.15 -24.70 4.33
C GLU C 806 -14.28 -23.30 4.96
N GLU C 807 -15.39 -23.03 5.66
CA GLU C 807 -15.66 -21.79 6.40
C GLU C 807 -15.52 -20.54 5.53
N GLU C 808 -15.81 -20.64 4.24
CA GLU C 808 -15.43 -19.61 3.28
C GLU C 808 -16.46 -18.48 3.29
N SER C 809 -16.20 -17.47 4.10
CA SER C 809 -16.80 -16.16 3.89
C SER C 809 -15.75 -15.14 3.49
N LYS C 810 -14.76 -14.88 4.33
CA LYS C 810 -13.48 -14.23 4.04
C LYS C 810 -13.59 -12.75 3.62
N GLU C 811 -14.80 -12.20 3.51
CA GLU C 811 -15.00 -10.76 3.44
C GLU C 811 -15.69 -10.25 4.69
N ALA C 812 -15.28 -10.79 5.84
CA ALA C 812 -15.84 -10.43 7.14
C ALA C 812 -15.10 -9.26 7.77
N SER C 813 -14.51 -8.40 6.95
CA SER C 813 -13.87 -7.18 7.43
C SER C 813 -14.90 -6.06 7.54
N ALA C 814 -15.90 -6.29 8.39
CA ALA C 814 -16.98 -5.33 8.55
C ALA C 814 -17.34 -5.18 10.01
N LEU C 815 -16.37 -5.43 10.91
CA LEU C 815 -16.47 -5.24 12.35
C LEU C 815 -17.65 -5.95 12.99
N GLY C 816 -17.68 -7.27 12.96
CA GLY C 816 -18.77 -8.03 13.55
C GLY C 816 -18.62 -8.15 15.05
N VAL C 817 -19.34 -9.11 15.61
CA VAL C 817 -19.29 -9.36 17.05
C VAL C 817 -17.94 -9.94 17.43
N GLN C 818 -17.27 -10.62 16.49
CA GLN C 818 -15.91 -11.09 16.72
C GLN C 818 -14.93 -9.93 16.86
N ASN C 819 -15.16 -8.85 16.11
CA ASN C 819 -14.21 -7.74 16.11
C ASN C 819 -14.46 -6.79 17.28
N ILE C 820 -15.62 -6.14 17.32
CA ILE C 820 -15.82 -5.10 18.32
C ILE C 820 -16.20 -5.76 19.64
N GLY C 821 -17.38 -6.36 19.69
CA GLY C 821 -17.72 -7.33 20.72
C GLY C 821 -17.83 -6.84 22.15
N GLY C 822 -16.74 -6.30 22.67
CA GLY C 822 -16.58 -6.13 24.10
C GLY C 822 -17.26 -4.92 24.69
N ILE C 823 -17.59 -3.92 23.87
CA ILE C 823 -18.32 -2.78 24.41
C ILE C 823 -19.78 -3.10 24.69
N PHE C 824 -20.28 -4.24 24.21
CA PHE C 824 -21.56 -4.75 24.68
C PHE C 824 -21.44 -5.43 26.02
N ILE C 825 -20.25 -5.93 26.37
CA ILE C 825 -20.04 -6.52 27.69
C ILE C 825 -19.93 -5.43 28.75
N VAL C 826 -19.12 -4.40 28.50
CA VAL C 826 -18.92 -3.36 29.50
C VAL C 826 -20.14 -2.44 29.61
N LEU C 827 -20.97 -2.36 28.56
CA LEU C 827 -22.27 -1.72 28.71
C LEU C 827 -23.16 -2.52 29.63
N ALA C 828 -23.20 -3.85 29.43
CA ALA C 828 -23.96 -4.71 30.32
C ALA C 828 -23.35 -4.76 31.71
N ALA C 829 -22.03 -4.58 31.81
CA ALA C 829 -21.40 -4.53 33.12
C ALA C 829 -21.70 -3.22 33.85
N GLY C 830 -21.94 -2.15 33.10
CA GLY C 830 -22.27 -0.87 33.70
C GLY C 830 -23.72 -0.78 34.13
N LEU C 831 -24.61 -1.37 33.34
CA LEU C 831 -26.03 -1.36 33.70
C LEU C 831 -26.33 -2.26 34.89
N VAL C 832 -25.56 -3.33 35.09
CA VAL C 832 -25.73 -4.16 36.28
C VAL C 832 -25.14 -3.45 37.50
N LEU C 833 -24.03 -2.75 37.31
CA LEU C 833 -23.43 -1.98 38.40
C LEU C 833 -24.33 -0.83 38.87
N SER C 834 -25.08 -0.24 37.94
CA SER C 834 -25.95 0.88 38.29
C SER C 834 -27.17 0.45 39.10
N VAL C 835 -27.62 -0.79 38.92
CA VAL C 835 -28.74 -1.28 39.71
C VAL C 835 -28.31 -1.47 41.16
N PHE C 836 -27.06 -1.86 41.39
CA PHE C 836 -26.55 -1.99 42.75
C PHE C 836 -26.38 -0.63 43.42
N VAL C 837 -26.10 0.42 42.64
CA VAL C 837 -26.03 1.75 43.20
C VAL C 837 -27.43 2.32 43.45
N ALA C 838 -28.39 1.99 42.59
CA ALA C 838 -29.75 2.48 42.76
C ALA C 838 -30.42 1.89 43.99
N VAL C 839 -30.10 0.65 44.33
CA VAL C 839 -30.55 0.10 45.61
C VAL C 839 -29.83 0.79 46.77
N GLY C 840 -28.53 1.10 46.58
CA GLY C 840 -27.79 1.79 47.60
C GLY C 840 -28.23 3.23 47.82
N GLU C 841 -28.67 3.90 46.75
CA GLU C 841 -29.26 5.22 46.91
C GLU C 841 -30.64 5.13 47.55
N PHE C 842 -31.37 4.04 47.30
CA PHE C 842 -32.68 3.87 47.89
C PHE C 842 -32.59 3.59 49.39
N LEU C 843 -31.58 2.83 49.81
CA LEU C 843 -31.44 2.50 51.22
C LEU C 843 -30.87 3.66 52.02
N TYR C 844 -29.95 4.43 51.43
CA TYR C 844 -29.33 5.53 52.14
C TYR C 844 -30.31 6.68 52.38
N LYS C 845 -31.24 6.89 51.45
CA LYS C 845 -32.29 7.89 51.67
C LYS C 845 -33.30 7.39 52.69
N SER C 846 -33.69 6.12 52.60
CA SER C 846 -34.70 5.58 53.51
C SER C 846 -34.15 5.41 54.92
N LYS C 847 -32.84 5.27 55.08
CA LYS C 847 -32.26 5.25 56.42
C LYS C 847 -32.26 6.63 57.03
N LYS C 848 -31.96 7.65 56.22
CA LYS C 848 -32.06 9.03 56.71
C LYS C 848 -33.52 9.45 56.88
N ASN C 849 -34.43 8.87 56.09
CA ASN C 849 -35.84 9.15 56.28
C ASN C 849 -36.38 8.46 57.52
N ALA C 850 -35.77 7.33 57.90
CA ALA C 850 -36.10 6.66 59.15
C ALA C 850 -35.23 7.12 60.32
N GLN C 851 -34.46 8.19 60.15
CA GLN C 851 -33.70 8.74 61.26
C GLN C 851 -34.58 9.59 62.17
N LEU C 852 -35.70 10.10 61.67
CA LEU C 852 -36.53 11.05 62.41
C LEU C 852 -37.93 10.52 62.70
N GLU C 853 -38.58 9.86 61.74
CA GLU C 853 -39.99 9.53 61.88
C GLU C 853 -40.24 8.04 62.01
N LYS C 854 -39.82 7.23 61.04
CA LYS C 854 -40.18 5.82 60.97
C LYS C 854 -39.02 4.97 61.49
N ARG C 855 -39.31 3.69 61.77
CA ARG C 855 -38.25 2.89 62.38
C ARG C 855 -37.29 2.25 61.38
N SER C 856 -37.74 1.22 60.64
CA SER C 856 -36.84 0.60 59.67
C SER C 856 -37.51 0.24 58.35
N PHE C 857 -38.73 -0.29 58.41
CA PHE C 857 -39.31 -1.01 57.29
C PHE C 857 -40.50 -0.29 56.66
N CYS C 858 -41.37 0.31 57.47
CA CYS C 858 -42.50 1.05 56.93
C CYS C 858 -42.09 2.34 56.24
N SER C 859 -40.87 2.83 56.50
CA SER C 859 -40.32 3.90 55.68
C SER C 859 -40.02 3.41 54.27
N ALA C 860 -39.49 2.20 54.14
CA ALA C 860 -39.18 1.66 52.82
C ALA C 860 -40.44 1.24 52.08
N MET C 861 -41.51 0.90 52.79
CA MET C 861 -42.74 0.50 52.13
C MET C 861 -43.50 1.69 51.56
N VAL C 862 -43.50 2.81 52.28
CA VAL C 862 -44.17 4.00 51.75
C VAL C 862 -43.34 4.72 50.71
N GLU C 863 -42.02 4.45 50.65
CA GLU C 863 -41.17 5.10 49.66
C GLU C 863 -41.19 4.37 48.33
N GLU C 864 -41.33 3.04 48.37
CA GLU C 864 -41.51 2.27 47.14
C GLU C 864 -42.86 2.60 46.49
N LEU C 865 -43.89 2.82 47.31
CA LEU C 865 -45.18 3.24 46.78
C LEU C 865 -45.20 4.73 46.45
N ARG C 866 -44.25 5.49 47.01
CA ARG C 866 -44.12 6.91 46.64
C ARG C 866 -43.70 7.06 45.19
N MET C 867 -42.86 6.16 44.70
CA MET C 867 -42.33 6.21 43.36
C MET C 867 -43.21 5.47 42.35
N SER C 868 -44.31 4.86 42.81
CA SER C 868 -45.21 4.10 41.95
C SER C 868 -46.52 4.84 41.67
N LEU C 869 -46.49 6.17 41.66
CA LEU C 869 -47.67 6.95 41.34
C LEU C 869 -47.93 7.09 39.85
N LYS C 870 -47.04 6.52 39.00
CA LYS C 870 -47.08 6.54 37.51
C LYS C 870 -47.42 7.91 36.92
N CYS C 871 -46.93 8.97 37.56
CA CYS C 871 -47.27 10.34 37.20
C CYS C 871 -46.00 11.11 36.85
N GLN C 872 -46.15 12.42 36.67
CA GLN C 872 -45.04 13.32 36.38
C GLN C 872 -44.69 14.22 37.56
N ARG C 873 -45.65 14.59 38.39
CA ARG C 873 -45.43 15.50 39.51
C ARG C 873 -45.86 14.83 40.80
N ARG C 874 -44.95 14.85 41.79
CA ARG C 874 -45.11 14.20 43.11
C ARG C 874 -45.41 12.70 42.98
N SER D 429 50.63 -24.79 -21.52
CA SER D 429 50.55 -25.69 -20.37
C SER D 429 51.90 -25.83 -19.69
N ASN D 430 52.55 -24.69 -19.45
CA ASN D 430 53.87 -24.65 -18.83
C ASN D 430 53.84 -23.67 -17.67
N ARG D 431 54.41 -24.08 -16.53
CA ARG D 431 54.57 -23.30 -15.28
C ARG D 431 53.25 -22.64 -14.85
N SER D 432 52.34 -23.53 -14.40
CA SER D 432 51.02 -23.18 -13.86
C SER D 432 51.07 -22.01 -12.89
N LEU D 433 50.13 -21.08 -13.07
CA LEU D 433 50.26 -19.75 -12.50
C LEU D 433 49.98 -19.76 -10.99
N ILE D 434 50.87 -19.12 -10.24
CA ILE D 434 50.74 -18.99 -8.80
C ILE D 434 49.95 -17.72 -8.53
N VAL D 435 48.67 -17.88 -8.19
CA VAL D 435 47.80 -16.76 -7.89
C VAL D 435 47.91 -16.46 -6.40
N THR D 436 48.47 -15.30 -6.06
CA THR D 436 48.44 -14.86 -4.67
C THR D 436 47.12 -14.16 -4.38
N THR D 437 46.62 -14.35 -3.15
CA THR D 437 45.25 -13.98 -2.81
C THR D 437 45.13 -13.89 -1.30
N ILE D 438 44.52 -12.82 -0.80
CA ILE D 438 44.23 -12.67 0.61
C ILE D 438 42.79 -13.12 0.85
N LEU D 439 42.47 -13.46 2.10
CA LEU D 439 41.13 -13.92 2.46
C LEU D 439 40.28 -12.75 2.91
N GLU D 440 39.17 -12.52 2.20
CA GLU D 440 38.19 -11.53 2.63
C GLU D 440 36.83 -11.87 2.05
N GLU D 441 35.84 -11.95 2.91
CA GLU D 441 34.47 -12.17 2.48
C GLU D 441 33.93 -10.92 1.79
N PRO D 442 33.16 -11.06 0.69
CA PRO D 442 32.73 -12.23 -0.07
C PRO D 442 33.62 -12.53 -1.25
N TYR D 443 34.85 -12.03 -1.23
CA TYR D 443 35.71 -12.16 -2.39
C TYR D 443 36.34 -13.54 -2.45
N VAL D 444 37.13 -13.89 -1.45
CA VAL D 444 37.70 -15.24 -1.32
C VAL D 444 37.59 -15.67 0.14
N LEU D 445 36.88 -16.77 0.38
CA LEU D 445 36.84 -17.39 1.69
C LEU D 445 36.67 -18.90 1.50
N PHE D 446 36.85 -19.63 2.59
CA PHE D 446 36.75 -21.07 2.55
C PHE D 446 35.29 -21.52 2.35
N LYS D 447 35.14 -22.75 1.89
CA LYS D 447 33.82 -23.32 1.67
C LYS D 447 33.37 -24.09 2.91
N LYS D 448 32.10 -23.91 3.28
CA LYS D 448 31.57 -24.48 4.51
C LYS D 448 31.23 -25.95 4.28
N SER D 449 32.25 -26.79 4.38
CA SER D 449 32.09 -28.24 4.28
C SER D 449 33.13 -28.88 5.19
N ASP D 450 32.85 -30.12 5.63
CA ASP D 450 33.79 -30.77 6.53
C ASP D 450 34.95 -31.37 5.74
N LYS D 451 34.67 -32.47 5.00
CA LYS D 451 35.29 -33.01 3.77
C LYS D 451 36.75 -32.63 3.52
N PRO D 452 37.68 -33.00 4.39
CA PRO D 452 38.97 -32.29 4.43
C PRO D 452 39.92 -32.69 3.31
N LEU D 453 40.91 -31.82 3.10
CA LEU D 453 42.17 -32.10 2.40
C LEU D 453 41.98 -32.51 0.94
N TYR D 454 41.46 -31.58 0.13
CA TYR D 454 41.40 -31.78 -1.31
C TYR D 454 42.03 -30.66 -2.12
N GLY D 455 41.89 -29.41 -1.69
CA GLY D 455 42.68 -28.33 -2.29
C GLY D 455 42.17 -27.77 -3.60
N ASN D 456 42.20 -26.44 -3.70
CA ASN D 456 41.95 -25.62 -4.90
C ASN D 456 40.52 -25.65 -5.42
N ASP D 457 39.67 -26.49 -4.83
CA ASP D 457 38.24 -26.24 -4.77
C ASP D 457 37.89 -25.85 -3.33
N ARG D 458 38.92 -25.65 -2.52
CA ARG D 458 38.78 -25.30 -1.11
C ARG D 458 38.20 -23.90 -0.94
N PHE D 459 38.49 -22.99 -1.86
CA PHE D 459 38.04 -21.61 -1.77
C PHE D 459 36.80 -21.40 -2.63
N GLU D 460 36.05 -20.35 -2.29
CA GLU D 460 34.81 -20.03 -2.97
C GLU D 460 34.44 -18.58 -2.68
N GLY D 461 34.04 -17.85 -3.70
CA GLY D 461 33.64 -16.46 -3.51
C GLY D 461 33.55 -15.74 -4.86
N TYR D 462 33.60 -14.40 -4.77
CA TYR D 462 33.54 -13.58 -5.98
C TYR D 462 34.83 -13.71 -6.79
N CYS D 463 35.98 -13.56 -6.14
CA CYS D 463 37.25 -13.65 -6.83
C CYS D 463 37.67 -15.08 -7.16
N ILE D 464 36.81 -16.06 -6.90
CA ILE D 464 37.00 -17.41 -7.41
C ILE D 464 36.22 -17.61 -8.71
N ASP D 465 34.97 -17.09 -8.75
CA ASP D 465 34.14 -17.25 -9.94
C ASP D 465 34.64 -16.40 -11.10
N LEU D 466 35.15 -15.20 -10.83
CA LEU D 466 35.78 -14.40 -11.88
C LEU D 466 37.03 -15.07 -12.40
N LEU D 467 37.87 -15.55 -11.47
CA LEU D 467 39.12 -16.22 -11.80
C LEU D 467 38.89 -17.54 -12.52
N ARG D 468 37.76 -18.19 -12.26
CA ARG D 468 37.38 -19.42 -12.96
C ARG D 468 37.15 -19.16 -14.44
N GLU D 469 36.38 -18.10 -14.74
CA GLU D 469 36.03 -17.80 -16.12
C GLU D 469 37.08 -16.94 -16.82
N LEU D 470 38.19 -16.61 -16.13
CA LEU D 470 39.34 -16.08 -16.85
C LEU D 470 40.11 -17.21 -17.54
N SER D 471 40.25 -18.35 -16.86
CA SER D 471 40.88 -19.53 -17.46
C SER D 471 39.93 -20.33 -18.34
N THR D 472 38.68 -19.87 -18.49
CA THR D 472 37.80 -20.43 -19.50
C THR D 472 38.10 -19.82 -20.86
N ILE D 473 38.31 -18.51 -20.90
CA ILE D 473 38.63 -17.83 -22.16
C ILE D 473 40.12 -17.92 -22.44
N LEU D 474 40.95 -17.56 -21.46
CA LEU D 474 42.39 -17.78 -21.58
C LEU D 474 42.69 -19.24 -21.29
N GLY D 475 43.96 -19.63 -21.45
CA GLY D 475 44.37 -20.96 -21.05
C GLY D 475 45.51 -20.91 -20.05
N PHE D 476 45.22 -21.27 -18.80
CA PHE D 476 46.21 -21.37 -17.75
C PHE D 476 45.62 -22.21 -16.63
N THR D 477 46.45 -22.56 -15.65
CA THR D 477 46.05 -23.44 -14.57
C THR D 477 46.53 -22.93 -13.22
N TYR D 478 45.93 -23.49 -12.17
CA TYR D 478 45.94 -23.02 -10.79
C TYR D 478 47.02 -23.67 -9.94
N GLU D 479 46.72 -23.87 -8.63
CA GLU D 479 47.48 -23.60 -7.41
C GLU D 479 47.30 -22.14 -7.01
N ILE D 480 46.04 -21.78 -6.73
CA ILE D 480 45.70 -20.62 -5.91
C ILE D 480 46.48 -20.71 -4.61
N ARG D 481 47.25 -19.67 -4.29
CA ARG D 481 48.09 -19.67 -3.09
C ARG D 481 47.71 -18.49 -2.21
N LEU D 482 47.49 -18.76 -0.93
CA LEU D 482 47.28 -17.67 0.02
C LEU D 482 48.60 -16.94 0.27
N VAL D 483 48.50 -15.64 0.54
CA VAL D 483 49.69 -14.86 0.84
C VAL D 483 50.20 -15.23 2.23
N GLU D 484 51.51 -15.33 2.37
CA GLU D 484 52.14 -15.78 3.61
C GLU D 484 52.40 -14.64 4.58
N ASP D 485 51.75 -13.49 4.38
CA ASP D 485 51.89 -12.36 5.26
C ASP D 485 50.56 -11.77 5.72
N GLY D 486 49.48 -11.98 4.97
CA GLY D 486 48.18 -11.50 5.38
C GLY D 486 47.96 -10.02 5.18
N LYS D 487 48.64 -9.42 4.21
CA LYS D 487 48.47 -8.01 3.89
C LYS D 487 48.24 -7.85 2.38
N TYR D 488 47.84 -6.64 1.99
CA TYR D 488 47.71 -6.32 0.58
C TYR D 488 49.04 -5.87 0.00
N GLY D 489 49.60 -4.80 0.56
CA GLY D 489 50.87 -4.27 0.12
C GLY D 489 51.01 -2.80 0.40
N ALA D 490 52.15 -2.39 0.96
CA ALA D 490 52.35 -1.01 1.37
C ALA D 490 53.85 -0.74 1.48
N GLN D 491 54.17 0.47 1.91
CA GLN D 491 55.55 0.92 2.09
C GLN D 491 56.00 0.71 3.53
N ASP D 492 57.29 0.42 3.70
CA ASP D 492 57.88 0.32 5.02
C ASP D 492 58.44 1.66 5.49
N ASP D 493 58.83 2.52 4.54
CA ASP D 493 59.31 3.89 4.73
C ASP D 493 60.61 3.98 5.54
N VAL D 494 61.30 2.87 5.79
CA VAL D 494 62.62 2.87 6.38
C VAL D 494 63.66 2.25 5.46
N ASN D 495 63.22 1.40 4.53
CA ASN D 495 64.08 0.82 3.52
C ASN D 495 63.42 0.69 2.15
N GLY D 496 62.16 1.08 2.01
CA GLY D 496 61.44 0.92 0.77
C GLY D 496 60.96 -0.48 0.48
N GLN D 497 61.06 -1.38 1.46
CA GLN D 497 60.67 -2.77 1.24
C GLN D 497 59.15 -2.90 1.21
N TRP D 498 58.65 -3.73 0.30
CA TRP D 498 57.23 -3.93 0.13
C TRP D 498 56.74 -5.06 1.01
N ASN D 499 55.42 -5.21 1.09
CA ASN D 499 54.79 -6.25 1.91
C ASN D 499 53.62 -6.83 1.13
N GLY D 500 52.94 -7.78 1.77
CA GLY D 500 51.65 -8.23 1.27
C GLY D 500 51.74 -9.04 0.00
N MET D 501 50.72 -8.87 -0.86
CA MET D 501 50.70 -9.59 -2.13
C MET D 501 51.70 -9.01 -3.11
N VAL D 502 51.77 -7.68 -3.21
CA VAL D 502 52.60 -7.02 -4.22
C VAL D 502 54.09 -7.20 -3.96
N ARG D 503 54.48 -7.61 -2.76
CA ARG D 503 55.85 -8.05 -2.53
C ARG D 503 56.15 -9.33 -3.30
N GLU D 504 55.15 -10.19 -3.47
CA GLU D 504 55.32 -11.41 -4.24
C GLU D 504 55.14 -11.17 -5.74
N LEU D 505 54.52 -10.07 -6.13
CA LEU D 505 54.43 -9.75 -7.56
C LEU D 505 55.76 -9.26 -8.11
N ILE D 506 56.58 -8.63 -7.26
CA ILE D 506 57.85 -8.06 -7.72
C ILE D 506 58.87 -9.17 -7.98
N ASP D 507 59.10 -10.03 -6.99
CA ASP D 507 60.12 -11.06 -7.11
C ASP D 507 59.59 -12.34 -7.71
N HIS D 508 58.45 -12.28 -8.40
CA HIS D 508 57.90 -13.35 -9.26
C HIS D 508 57.59 -14.62 -8.49
N LYS D 509 57.36 -14.54 -7.18
CA LYS D 509 56.84 -15.67 -6.43
C LYS D 509 55.32 -15.62 -6.36
N ALA D 510 54.72 -15.34 -7.52
CA ALA D 510 53.30 -15.17 -7.81
C ALA D 510 53.20 -14.88 -9.30
N ASP D 511 52.00 -15.03 -9.84
CA ASP D 511 51.79 -14.67 -11.23
C ASP D 511 50.59 -13.73 -11.40
N LEU D 512 49.52 -13.97 -10.63
CA LEU D 512 48.34 -13.12 -10.64
C LEU D 512 47.96 -12.78 -9.22
N ALA D 513 47.14 -11.74 -9.07
CA ALA D 513 46.74 -11.24 -7.77
C ALA D 513 45.25 -10.92 -7.75
N VAL D 514 44.44 -11.88 -8.20
CA VAL D 514 42.99 -11.69 -8.22
C VAL D 514 42.48 -11.64 -6.78
N ALA D 515 42.16 -10.44 -6.30
CA ALA D 515 41.92 -10.10 -4.91
C ALA D 515 41.39 -8.66 -4.87
N PRO D 516 40.84 -8.19 -3.73
CA PRO D 516 40.50 -6.76 -3.62
C PRO D 516 41.73 -5.87 -3.57
N LEU D 517 42.40 -5.70 -4.70
CA LEU D 517 43.64 -4.94 -4.77
C LEU D 517 43.35 -3.67 -5.55
N ALA D 518 43.19 -2.56 -4.84
CA ALA D 518 42.81 -1.30 -5.46
C ALA D 518 43.97 -0.70 -6.23
N ILE D 519 43.65 -0.05 -7.34
CA ILE D 519 44.66 0.57 -8.20
C ILE D 519 45.13 1.86 -7.54
N THR D 520 46.44 1.98 -7.33
CA THR D 520 47.00 3.10 -6.62
C THR D 520 48.21 3.60 -7.38
N TYR D 521 48.46 4.91 -7.32
CA TYR D 521 49.63 5.52 -7.97
C TYR D 521 50.93 4.97 -7.41
N VAL D 522 50.97 4.68 -6.12
CA VAL D 522 52.18 4.11 -5.52
C VAL D 522 52.38 2.68 -5.99
N ARG D 523 51.29 1.94 -6.16
CA ARG D 523 51.39 0.52 -6.50
C ARG D 523 51.79 0.31 -7.94
N GLU D 524 51.23 1.06 -8.88
CA GLU D 524 51.48 0.78 -10.29
C GLU D 524 52.82 1.34 -10.75
N LYS D 525 53.52 2.11 -9.92
CA LYS D 525 54.90 2.45 -10.25
C LYS D 525 55.86 1.28 -10.05
N VAL D 526 55.41 0.16 -9.48
CA VAL D 526 56.26 -1.02 -9.34
C VAL D 526 55.63 -2.29 -9.91
N ILE D 527 54.31 -2.37 -10.07
CA ILE D 527 53.66 -3.51 -10.71
C ILE D 527 52.72 -2.97 -11.79
N ASP D 528 51.96 -3.89 -12.40
CA ASP D 528 51.00 -3.52 -13.42
C ASP D 528 49.64 -4.09 -13.08
N PHE D 529 48.60 -3.29 -13.26
CA PHE D 529 47.23 -3.70 -13.02
C PHE D 529 46.50 -3.91 -14.34
N SER D 530 45.45 -4.72 -14.29
CA SER D 530 44.54 -4.81 -15.41
C SER D 530 43.50 -3.70 -15.31
N LYS D 531 42.62 -3.63 -16.27
CA LYS D 531 41.54 -2.66 -16.15
C LYS D 531 40.53 -3.14 -15.11
N PRO D 532 39.86 -2.23 -14.39
CA PRO D 532 39.12 -2.62 -13.18
C PRO D 532 37.92 -3.50 -13.47
N PHE D 533 37.68 -4.45 -12.57
CA PHE D 533 36.47 -5.27 -12.62
C PHE D 533 35.42 -4.84 -11.60
N MET D 534 35.77 -3.99 -10.64
CA MET D 534 34.79 -3.41 -9.74
C MET D 534 35.12 -1.94 -9.53
N THR D 535 34.07 -1.13 -9.44
CA THR D 535 34.20 0.30 -9.15
C THR D 535 33.68 0.56 -7.75
N LEU D 536 34.36 1.43 -7.02
CA LEU D 536 34.03 1.64 -5.63
C LEU D 536 34.37 3.07 -5.25
N GLY D 537 34.17 3.39 -3.98
CA GLY D 537 34.49 4.71 -3.47
C GLY D 537 34.21 4.76 -1.99
N ILE D 538 34.58 5.87 -1.39
CA ILE D 538 34.34 6.08 0.03
C ILE D 538 32.89 6.52 0.22
N SER D 539 32.20 5.88 1.16
CA SER D 539 30.82 6.23 1.47
C SER D 539 30.63 6.11 2.98
N ILE D 540 29.38 6.17 3.42
CA ILE D 540 29.04 6.37 4.83
C ILE D 540 28.14 5.24 5.31
N LEU D 541 28.56 4.57 6.39
CA LEU D 541 27.65 3.73 7.17
C LEU D 541 27.00 4.55 8.27
N TYR D 542 25.73 4.24 8.53
CA TYR D 542 24.95 4.83 9.61
C TYR D 542 23.75 3.93 9.83
N ARG D 543 23.20 4.00 11.05
CA ARG D 543 22.03 3.19 11.39
C ARG D 543 20.82 3.65 10.61
N LYS D 544 20.05 2.68 10.10
CA LYS D 544 18.79 2.97 9.44
C LYS D 544 17.83 3.63 10.44
N PRO D 545 17.04 4.62 10.01
CA PRO D 545 16.10 5.27 10.94
C PRO D 545 15.05 4.29 11.44
N ASN D 546 14.57 4.56 12.65
CA ASN D 546 13.84 3.55 13.41
C ASN D 546 12.42 3.98 13.76
N GLY D 547 12.22 5.23 14.16
CA GLY D 547 10.91 5.69 14.56
C GLY D 547 10.50 5.28 15.95
N THR D 548 11.46 4.92 16.80
CA THR D 548 11.19 4.53 18.17
C THR D 548 10.84 5.72 19.06
N ASN D 549 11.62 6.80 18.98
CA ASN D 549 11.32 8.04 19.67
C ASN D 549 11.08 9.13 18.62
N PRO D 550 9.84 9.31 18.16
CA PRO D 550 9.56 10.35 17.17
C PRO D 550 9.54 11.77 17.73
N GLY D 551 9.70 11.92 19.04
CA GLY D 551 9.49 13.19 19.70
C GLY D 551 8.51 12.97 20.85
N VAL D 552 8.69 13.70 21.95
CA VAL D 552 7.84 13.46 23.11
C VAL D 552 6.45 14.03 22.86
N PHE D 553 6.32 15.05 22.03
CA PHE D 553 4.98 15.54 21.65
C PHE D 553 4.45 14.72 20.48
N SER D 554 5.02 14.93 19.28
CA SER D 554 4.80 14.11 18.08
C SER D 554 3.35 14.02 17.58
N PHE D 555 2.40 14.68 18.25
CA PHE D 555 1.02 14.76 17.80
C PHE D 555 0.74 16.04 17.05
N LEU D 556 1.68 16.98 17.11
CA LEU D 556 1.48 18.32 16.60
C LEU D 556 1.86 18.42 15.13
N ASN D 557 2.34 17.32 14.56
CA ASN D 557 2.77 17.13 13.18
C ASN D 557 1.72 17.18 12.07
N PRO D 558 0.49 16.64 12.19
CA PRO D 558 -0.43 16.70 11.04
C PRO D 558 -0.90 18.08 10.64
N LEU D 559 -0.72 19.10 11.48
CA LEU D 559 -0.94 20.46 11.05
C LEU D 559 0.39 21.20 11.08
N SER D 560 0.55 22.10 10.11
CA SER D 560 1.78 22.88 9.99
C SER D 560 1.90 23.86 11.16
N PRO D 561 3.13 24.18 11.57
CA PRO D 561 3.31 25.16 12.65
C PRO D 561 2.79 26.56 12.34
N ASP D 562 2.61 26.90 11.06
CA ASP D 562 1.83 28.09 10.72
C ASP D 562 0.37 27.91 11.11
N ILE D 563 -0.19 26.71 10.84
CA ILE D 563 -1.60 26.47 11.05
C ILE D 563 -1.93 26.37 12.54
N TRP D 564 -1.01 25.84 13.35
CA TRP D 564 -1.22 25.82 14.79
C TRP D 564 -1.24 27.22 15.38
N MET D 565 -0.48 28.16 14.82
CA MET D 565 -0.54 29.52 15.30
C MET D 565 -1.68 30.32 14.69
N TYR D 566 -2.11 29.97 13.48
CA TYR D 566 -3.16 30.74 12.83
C TYR D 566 -4.54 30.46 13.42
N VAL D 567 -4.71 29.32 14.11
CA VAL D 567 -5.99 29.06 14.75
C VAL D 567 -6.07 29.73 16.11
N LEU D 568 -4.93 29.98 16.76
CA LEU D 568 -4.95 30.81 17.96
C LEU D 568 -5.20 32.27 17.61
N LEU D 569 -4.68 32.74 16.48
CA LEU D 569 -5.02 34.07 16.00
C LEU D 569 -6.44 34.13 15.47
N ALA D 570 -7.03 32.99 15.13
CA ALA D 570 -8.45 32.95 14.76
C ALA D 570 -9.34 32.99 15.99
N CYS D 571 -8.93 32.29 17.07
CA CYS D 571 -9.70 32.34 18.32
C CYS D 571 -9.67 33.72 18.94
N LEU D 572 -8.50 34.35 19.00
CA LEU D 572 -8.41 35.69 19.55
C LEU D 572 -9.01 36.71 18.60
N GLY D 573 -9.04 36.40 17.31
CA GLY D 573 -9.61 37.30 16.32
C GLY D 573 -11.13 37.30 16.32
N VAL D 574 -11.73 36.10 16.27
CA VAL D 574 -13.18 35.98 16.18
C VAL D 574 -13.84 36.45 17.46
N SER D 575 -13.26 36.11 18.62
CA SER D 575 -13.85 36.47 19.89
C SER D 575 -13.80 37.98 20.15
N CYS D 576 -12.80 38.67 19.62
CA CYS D 576 -12.84 40.12 19.66
C CYS D 576 -13.86 40.67 18.68
N VAL D 577 -14.05 40.01 17.53
CA VAL D 577 -15.07 40.44 16.59
C VAL D 577 -16.47 40.12 17.13
N LEU D 578 -16.61 38.93 17.74
CA LEU D 578 -17.89 38.55 18.33
C LEU D 578 -18.24 39.41 19.54
N PHE D 579 -17.24 39.95 20.23
CA PHE D 579 -17.52 40.86 21.34
C PHE D 579 -18.05 42.19 20.85
N VAL D 580 -17.47 42.73 19.77
CA VAL D 580 -17.87 44.04 19.27
C VAL D 580 -19.27 43.98 18.66
N ILE D 581 -19.56 42.90 17.93
CA ILE D 581 -20.87 42.76 17.28
C ILE D 581 -21.96 42.55 18.32
N ALA D 582 -21.67 41.80 19.38
CA ALA D 582 -22.68 41.54 20.41
C ALA D 582 -22.98 42.79 21.23
N ARG D 583 -22.04 43.72 21.32
CA ARG D 583 -22.34 44.98 22.00
C ARG D 583 -23.10 45.93 21.10
N PHE D 584 -22.72 46.02 19.82
CA PHE D 584 -23.34 46.94 18.88
C PHE D 584 -24.51 46.33 18.12
N SER D 585 -25.17 45.32 18.68
CA SER D 585 -26.40 44.81 18.10
C SER D 585 -27.54 44.92 19.11
N PRO D 586 -28.71 45.39 18.68
CA PRO D 586 -29.80 45.61 19.65
C PRO D 586 -30.44 44.33 20.14
N TYR D 587 -30.58 43.33 19.28
CA TYR D 587 -31.31 42.12 19.66
C TYR D 587 -30.52 41.19 20.56
N GLU D 588 -29.22 41.44 20.75
CA GLU D 588 -28.47 40.69 21.73
C GLU D 588 -28.72 41.23 23.14
N TRP D 589 -28.96 42.53 23.26
CA TRP D 589 -29.35 43.13 24.54
C TRP D 589 -30.78 42.68 24.85
N TYR D 590 -30.91 41.60 25.60
CA TYR D 590 -32.21 40.99 25.86
C TYR D 590 -32.59 41.18 27.32
N ASN D 591 -33.77 40.69 27.68
CA ASN D 591 -34.30 40.83 29.03
C ASN D 591 -33.81 39.70 29.89
N PRO D 592 -33.04 39.97 30.95
CA PRO D 592 -32.64 38.89 31.87
C PRO D 592 -33.76 38.48 32.81
N HIS D 593 -33.44 37.60 33.75
CA HIS D 593 -34.33 37.03 34.77
C HIS D 593 -35.56 36.37 34.17
N PRO D 594 -35.44 35.18 33.55
CA PRO D 594 -36.63 34.54 32.96
C PRO D 594 -37.55 33.88 34.00
N CYS D 595 -37.89 34.59 35.07
CA CYS D 595 -38.78 34.07 36.09
C CYS D 595 -40.01 34.92 36.32
N ASN D 596 -39.86 36.24 36.33
CA ASN D 596 -40.99 37.15 36.22
C ASN D 596 -40.65 38.32 35.30
N PRO D 597 -40.47 38.10 33.98
CA PRO D 597 -39.95 39.20 33.15
C PRO D 597 -41.03 40.23 32.83
N ASP D 598 -41.01 41.32 33.60
CA ASP D 598 -41.76 42.54 33.35
C ASP D 598 -41.00 43.69 33.98
N SER D 599 -40.14 44.34 33.20
CA SER D 599 -39.18 45.30 33.73
C SER D 599 -38.54 46.13 32.64
N ASP D 600 -37.53 46.91 32.99
CA ASP D 600 -36.77 47.67 32.01
C ASP D 600 -35.29 47.32 32.04
N VAL D 601 -34.85 46.49 32.98
CA VAL D 601 -33.44 46.11 33.07
C VAL D 601 -33.08 45.18 31.91
N VAL D 602 -31.94 45.42 31.30
CA VAL D 602 -31.49 44.71 30.10
C VAL D 602 -30.01 44.38 30.28
N GLU D 603 -29.67 43.11 30.18
CA GLU D 603 -28.29 42.66 30.34
C GLU D 603 -27.75 42.09 29.03
N ASN D 604 -26.50 41.64 29.09
CA ASN D 604 -25.79 41.12 27.94
C ASN D 604 -24.85 40.03 28.44
N ASN D 605 -24.98 38.82 27.91
CA ASN D 605 -24.14 37.72 28.34
C ASN D 605 -22.74 37.77 27.76
N PHE D 606 -22.56 38.41 26.60
CA PHE D 606 -21.26 38.43 25.94
C PHE D 606 -20.42 39.55 26.54
N THR D 607 -19.64 39.21 27.55
CA THR D 607 -18.57 40.07 28.02
C THR D 607 -17.33 39.76 27.19
N LEU D 608 -16.19 40.34 27.57
CA LEU D 608 -14.96 39.97 26.89
C LEU D 608 -14.48 38.60 27.36
N LEU D 609 -14.67 38.30 28.64
CA LEU D 609 -14.31 36.98 29.18
C LEU D 609 -15.18 35.89 28.58
N ASN D 610 -16.48 36.16 28.43
CA ASN D 610 -17.39 35.18 27.87
C ASN D 610 -17.24 35.00 26.36
N SER D 611 -16.59 35.94 25.68
CA SER D 611 -16.44 35.82 24.23
C SER D 611 -15.31 34.88 23.86
N PHE D 612 -14.23 34.86 24.63
CA PHE D 612 -13.19 33.86 24.39
C PHE D 612 -13.68 32.47 24.78
N TRP D 613 -14.50 32.39 25.83
CA TRP D 613 -15.04 31.11 26.28
C TRP D 613 -16.02 30.51 25.29
N PHE D 614 -16.65 31.34 24.45
CA PHE D 614 -17.38 30.80 23.32
C PHE D 614 -16.42 30.26 22.27
N GLY D 615 -15.42 31.05 21.89
CA GLY D 615 -14.54 30.66 20.81
C GLY D 615 -13.62 29.52 21.14
N VAL D 616 -13.24 29.39 22.41
CA VAL D 616 -12.50 28.21 22.84
C VAL D 616 -13.43 27.00 22.89
N GLY D 617 -14.61 27.17 23.50
CA GLY D 617 -15.53 26.05 23.67
C GLY D 617 -16.13 25.56 22.37
N ALA D 618 -16.29 26.43 21.39
CA ALA D 618 -16.72 25.98 20.08
C ALA D 618 -15.59 25.31 19.32
N LEU D 619 -14.35 25.74 19.57
CA LEU D 619 -13.19 25.11 18.93
C LEU D 619 -13.00 23.68 19.43
N MET D 620 -13.20 23.46 20.72
CA MET D 620 -12.89 22.18 21.32
C MET D 620 -14.03 21.18 21.21
N GLN D 621 -15.07 21.49 20.42
CA GLN D 621 -16.22 20.63 20.18
C GLN D 621 -16.94 20.28 21.48
N GLN D 622 -17.22 21.31 22.29
CA GLN D 622 -17.81 21.11 23.60
C GLN D 622 -19.01 22.00 23.90
N GLY D 623 -19.15 23.14 23.23
CA GLY D 623 -20.25 24.05 23.53
C GLY D 623 -20.03 24.80 24.83
N SER D 624 -20.98 25.69 25.11
CA SER D 624 -20.91 26.52 26.31
C SER D 624 -22.32 26.80 26.81
N GLU D 625 -22.40 27.41 28.00
CA GLU D 625 -23.67 27.84 28.56
C GLU D 625 -24.33 28.95 27.77
N LEU D 626 -23.54 29.73 27.03
CA LEU D 626 -24.04 30.88 26.30
C LEU D 626 -24.10 30.56 24.83
N MET D 627 -25.21 30.95 24.19
CA MET D 627 -25.43 30.66 22.80
C MET D 627 -25.98 31.92 22.16
N PRO D 628 -25.44 32.35 21.02
CA PRO D 628 -25.82 33.65 20.46
C PRO D 628 -27.25 33.67 19.95
N LYS D 629 -27.98 34.71 20.34
CA LYS D 629 -29.18 35.14 19.63
C LYS D 629 -28.74 36.18 18.60
N ALA D 630 -29.67 36.97 18.05
CA ALA D 630 -29.36 38.18 17.29
C ALA D 630 -28.51 37.94 16.07
N LEU D 631 -29.13 37.45 14.98
CA LEU D 631 -28.57 36.80 13.79
C LEU D 631 -27.18 37.24 13.32
N SER D 632 -26.86 38.53 13.47
CA SER D 632 -25.51 39.03 13.21
C SER D 632 -24.47 38.33 14.07
N THR D 633 -24.81 37.96 15.30
CA THR D 633 -23.88 37.17 16.10
C THR D 633 -23.98 35.68 15.82
N ARG D 634 -25.08 35.22 15.23
CA ARG D 634 -25.19 33.83 14.85
C ARG D 634 -24.43 33.52 13.57
N ILE D 635 -24.23 34.51 12.71
CA ILE D 635 -23.40 34.31 11.53
C ILE D 635 -21.94 34.15 11.94
N VAL D 636 -21.51 34.86 12.98
CA VAL D 636 -20.17 34.66 13.52
C VAL D 636 -20.06 33.28 14.16
N GLY D 637 -21.05 32.91 14.98
CA GLY D 637 -21.04 31.60 15.60
C GLY D 637 -21.27 30.47 14.62
N GLY D 638 -21.97 30.73 13.53
CA GLY D 638 -22.19 29.72 12.52
C GLY D 638 -20.97 29.45 11.68
N ILE D 639 -20.24 30.52 11.33
CA ILE D 639 -19.06 30.34 10.48
C ILE D 639 -17.85 29.90 11.30
N TRP D 640 -17.85 30.12 12.61
CA TRP D 640 -16.77 29.62 13.44
C TRP D 640 -16.93 28.13 13.72
N TRP D 641 -18.16 27.64 13.71
CA TRP D 641 -18.38 26.20 13.85
C TRP D 641 -17.93 25.45 12.62
N PHE D 642 -18.14 26.03 11.44
CA PHE D 642 -17.72 25.38 10.21
C PHE D 642 -16.20 25.44 10.04
N PHE D 643 -15.58 26.53 10.48
CA PHE D 643 -14.12 26.60 10.52
C PHE D 643 -13.55 25.53 11.45
N THR D 644 -14.18 25.37 12.61
CA THR D 644 -13.72 24.39 13.60
C THR D 644 -13.82 22.97 13.07
N LEU D 645 -14.95 22.63 12.45
CA LEU D 645 -15.22 21.26 12.03
C LEU D 645 -14.29 20.79 10.92
N ILE D 646 -13.78 21.71 10.11
CA ILE D 646 -12.81 21.33 9.09
C ILE D 646 -11.45 21.06 9.72
N ILE D 647 -11.08 21.85 10.75
CA ILE D 647 -9.77 21.72 11.39
C ILE D 647 -9.63 20.37 12.10
N ILE D 648 -10.62 19.99 12.89
CA ILE D 648 -10.57 18.72 13.61
C ILE D 648 -10.70 17.54 12.65
N SER D 649 -11.47 17.70 11.57
CA SER D 649 -11.53 16.65 10.56
C SER D 649 -10.23 16.55 9.78
N SER D 650 -9.57 17.69 9.53
CA SER D 650 -8.28 17.63 8.84
C SER D 650 -7.19 17.10 9.76
N TYR D 651 -7.29 17.38 11.05
CA TYR D 651 -6.30 16.86 11.99
C TYR D 651 -6.44 15.36 12.19
N THR D 652 -7.67 14.87 12.27
CA THR D 652 -7.89 13.45 12.49
C THR D 652 -7.54 12.64 11.24
N ALA D 653 -7.81 13.19 10.06
CA ALA D 653 -7.55 12.47 8.82
C ALA D 653 -6.06 12.42 8.50
N ASN D 654 -5.35 13.53 8.71
CA ASN D 654 -3.92 13.54 8.41
C ASN D 654 -3.14 12.73 9.43
N LEU D 655 -3.60 12.70 10.69
CA LEU D 655 -2.98 11.81 11.66
C LEU D 655 -3.25 10.36 11.32
N ALA D 656 -4.38 10.06 10.69
CA ALA D 656 -4.64 8.72 10.18
C ALA D 656 -3.79 8.40 8.97
N ALA D 657 -3.27 9.42 8.27
CA ALA D 657 -2.34 9.18 7.18
C ALA D 657 -0.93 8.94 7.70
N PHE D 658 -0.54 9.59 8.79
CA PHE D 658 0.79 9.39 9.35
C PHE D 658 0.94 8.01 9.95
N LEU D 659 -0.03 7.59 10.75
CA LEU D 659 0.08 6.34 11.48
C LEU D 659 -0.10 5.13 10.56
N THR D 660 -0.73 5.31 9.42
CA THR D 660 -0.84 4.22 8.45
C THR D 660 0.43 4.08 7.64
N VAL D 661 0.92 5.18 7.08
CA VAL D 661 2.06 5.18 6.17
C VAL D 661 3.21 5.88 6.90
N GLU D 662 4.08 5.10 7.53
CA GLU D 662 5.22 5.65 8.22
C GLU D 662 6.35 5.90 7.23
N ARG D 663 6.69 7.17 7.01
CA ARG D 663 7.75 7.56 6.09
C ARG D 663 8.89 8.14 6.91
N MET D 664 9.88 7.30 7.19
CA MET D 664 11.00 7.66 8.04
C MET D 664 11.94 8.61 7.31
N GLU D 665 12.79 9.29 8.08
CA GLU D 665 13.74 10.24 7.51
C GLU D 665 15.00 10.27 8.36
N SER D 666 16.15 10.15 7.71
CA SER D 666 17.44 10.20 8.38
C SER D 666 17.82 11.64 8.70
N PRO D 667 18.58 11.86 9.78
CA PRO D 667 19.10 13.20 10.07
C PRO D 667 20.10 13.67 9.04
N ILE D 668 20.96 12.76 8.60
CA ILE D 668 22.01 13.06 7.63
C ILE D 668 21.60 12.54 6.26
N ASP D 669 22.13 13.20 5.22
CA ASP D 669 21.86 12.77 3.85
C ASP D 669 23.11 12.74 2.98
N SER D 670 24.15 13.47 3.32
CA SER D 670 25.35 13.53 2.51
C SER D 670 26.54 13.84 3.42
N ALA D 671 27.67 14.20 2.82
CA ALA D 671 28.85 14.53 3.62
C ALA D 671 28.73 15.93 4.20
N ASP D 672 28.28 16.90 3.42
CA ASP D 672 28.09 18.26 3.93
C ASP D 672 26.98 18.34 4.96
N ASP D 673 25.98 17.46 4.86
CA ASP D 673 24.96 17.38 5.90
C ASP D 673 25.49 16.69 7.16
N LEU D 674 26.60 15.99 7.04
CA LEU D 674 27.31 15.38 8.15
C LEU D 674 28.51 16.21 8.60
N ALA D 675 29.01 17.08 7.73
CA ALA D 675 30.08 18.00 8.09
C ALA D 675 29.63 19.15 8.97
N LYS D 676 28.33 19.31 9.20
CA LYS D 676 27.81 20.39 10.02
C LYS D 676 27.44 19.91 11.43
N GLN D 677 26.78 18.76 11.51
CA GLN D 677 26.27 18.27 12.78
C GLN D 677 27.40 17.77 13.67
N THR D 678 27.35 18.13 14.94
CA THR D 678 28.37 17.77 15.91
C THR D 678 27.94 16.58 16.77
N LYS D 679 26.63 16.32 16.87
CA LYS D 679 26.14 15.24 17.73
C LYS D 679 26.53 13.87 17.17
N ILE D 680 26.49 13.72 15.85
CA ILE D 680 27.09 12.55 15.23
C ILE D 680 28.61 12.72 15.16
N GLU D 681 29.33 11.60 15.29
CA GLU D 681 30.77 11.61 15.23
C GLU D 681 31.22 10.69 14.10
N TYR D 682 32.39 11.00 13.54
CA TYR D 682 32.78 10.47 12.24
C TYR D 682 33.53 9.17 12.51
N GLY D 683 34.20 8.61 11.49
CA GLY D 683 35.00 7.44 11.78
C GLY D 683 35.59 6.67 10.61
N ALA D 684 36.86 6.28 10.75
CA ALA D 684 37.53 5.48 9.74
C ALA D 684 38.61 4.64 10.42
N VAL D 685 39.15 3.69 9.66
CA VAL D 685 40.19 2.81 10.17
C VAL D 685 41.49 3.60 10.26
N GLU D 686 42.17 3.48 11.41
CA GLU D 686 43.42 4.19 11.62
C GLU D 686 44.52 3.64 10.72
N ASP D 687 45.24 4.54 10.05
CA ASP D 687 46.27 4.24 9.05
C ASP D 687 45.72 3.38 7.92
N GLY D 688 44.47 3.63 7.54
CA GLY D 688 43.84 2.97 6.42
C GLY D 688 43.93 3.79 5.15
N ALA D 689 43.39 3.21 4.07
CA ALA D 689 43.36 3.89 2.79
C ALA D 689 42.27 4.93 2.70
N THR D 690 41.36 5.00 3.68
CA THR D 690 40.28 5.97 3.63
C THR D 690 40.68 7.29 4.28
N MET D 691 41.30 7.23 5.47
CA MET D 691 41.78 8.45 6.12
C MET D 691 42.96 9.08 5.40
N THR D 692 43.65 8.32 4.54
CA THR D 692 44.70 8.92 3.71
C THR D 692 44.09 9.87 2.69
N PHE D 693 42.87 9.58 2.24
CA PHE D 693 42.17 10.50 1.35
C PHE D 693 41.77 11.78 2.08
N PHE D 694 41.33 11.67 3.33
CA PHE D 694 40.92 12.85 4.07
C PHE D 694 42.11 13.67 4.54
N LYS D 695 43.24 13.02 4.81
CA LYS D 695 44.44 13.76 5.17
C LYS D 695 44.96 14.57 3.99
N LYS D 696 44.97 13.97 2.81
CA LYS D 696 45.49 14.62 1.60
C LYS D 696 44.46 15.48 0.90
N SER D 697 43.26 15.63 1.45
CA SER D 697 42.20 16.33 0.74
C SER D 697 42.43 17.84 0.74
N LYS D 698 41.69 18.51 -0.14
CA LYS D 698 41.74 19.96 -0.25
C LYS D 698 40.34 20.56 -0.37
N ILE D 699 39.32 19.73 -0.63
CA ILE D 699 37.95 20.20 -0.74
C ILE D 699 37.47 20.68 0.63
N SER D 700 36.76 21.83 0.63
CA SER D 700 36.43 22.54 1.87
C SER D 700 35.51 21.75 2.79
N THR D 701 34.73 20.80 2.24
CA THR D 701 33.91 19.96 3.10
C THR D 701 34.78 18.92 3.80
N TYR D 702 35.67 18.28 3.06
CA TYR D 702 36.47 17.19 3.62
C TYR D 702 37.68 17.70 4.38
N ASP D 703 38.06 18.97 4.19
CA ASP D 703 39.09 19.56 5.04
C ASP D 703 38.53 19.84 6.43
N LYS D 704 37.25 20.17 6.51
CA LYS D 704 36.60 20.31 7.82
C LYS D 704 36.43 18.95 8.49
N MET D 705 36.09 17.93 7.70
CA MET D 705 35.92 16.58 8.25
C MET D 705 37.22 15.97 8.76
N TRP D 706 38.36 16.38 8.21
CA TRP D 706 39.63 15.90 8.76
C TRP D 706 40.02 16.64 10.03
N ALA D 707 39.71 17.94 10.12
CA ALA D 707 40.03 18.71 11.31
C ALA D 707 39.22 18.24 12.52
N PHE D 708 38.04 17.66 12.29
CA PHE D 708 37.30 16.95 13.33
C PHE D 708 38.11 15.77 13.84
N MET D 709 38.38 14.80 12.95
CA MET D 709 38.95 13.53 13.36
C MET D 709 40.46 13.56 13.54
N SER D 710 41.14 14.67 13.23
CA SER D 710 42.55 14.77 13.61
C SER D 710 42.70 15.25 15.04
N SER D 711 41.85 16.18 15.47
CA SER D 711 41.87 16.64 16.85
C SER D 711 41.30 15.57 17.79
N ARG D 712 40.32 14.81 17.32
CA ARG D 712 39.67 13.78 18.13
C ARG D 712 40.21 12.39 17.82
N ARG D 713 41.52 12.29 17.56
CA ARG D 713 42.17 11.00 17.40
C ARG D 713 42.13 10.24 18.72
N GLN D 714 42.18 8.90 18.61
CA GLN D 714 42.01 7.89 19.66
C GLN D 714 40.61 7.86 20.24
N SER D 715 39.66 8.53 19.60
CA SER D 715 38.27 8.54 20.03
C SER D 715 37.31 8.18 18.89
N VAL D 716 37.59 8.59 17.66
CA VAL D 716 36.74 8.28 16.52
C VAL D 716 37.48 7.47 15.46
N LEU D 717 38.79 7.30 15.60
CA LEU D 717 39.59 6.55 14.63
C LEU D 717 39.76 5.13 15.17
N VAL D 718 39.01 4.20 14.59
CA VAL D 718 38.99 2.80 14.99
C VAL D 718 40.18 2.11 14.32
N LYS D 719 40.49 0.88 14.72
CA LYS D 719 41.62 0.16 14.17
C LYS D 719 41.24 -1.01 13.28
N SER D 720 39.95 -1.27 13.05
CA SER D 720 39.54 -2.36 12.18
C SER D 720 38.17 -2.07 11.60
N ASN D 721 37.83 -2.79 10.52
CA ASN D 721 36.53 -2.63 9.90
C ASN D 721 35.41 -3.17 10.79
N GLU D 722 35.61 -4.36 11.37
CA GLU D 722 34.55 -5.00 12.13
C GLU D 722 34.31 -4.30 13.46
N GLU D 723 35.34 -3.68 14.02
CA GLU D 723 35.14 -2.91 15.25
C GLU D 723 34.43 -1.58 14.95
N GLY D 724 34.63 -1.04 13.74
CA GLY D 724 33.96 0.19 13.38
C GLY D 724 32.50 -0.01 13.04
N ILE D 725 32.13 -1.22 12.59
CA ILE D 725 30.72 -1.53 12.36
C ILE D 725 29.98 -1.62 13.69
N GLN D 726 30.67 -2.11 14.73
CA GLN D 726 30.06 -2.23 16.06
C GLN D 726 29.77 -0.87 16.66
N ARG D 727 30.65 0.11 16.44
CA ARG D 727 30.43 1.43 17.03
C ARG D 727 29.30 2.18 16.35
N VAL D 728 29.04 1.91 15.06
CA VAL D 728 27.79 2.36 14.46
C VAL D 728 26.62 1.65 15.12
N LEU D 729 26.78 0.35 15.37
CA LEU D 729 25.69 -0.46 15.88
C LEU D 729 25.46 -0.26 17.37
N THR D 730 26.49 0.11 18.13
CA THR D 730 26.29 0.41 19.55
C THR D 730 26.03 1.89 19.79
N SER D 731 27.00 2.75 19.45
CA SER D 731 26.88 4.16 19.78
C SER D 731 26.27 4.93 18.61
N ASP D 732 26.11 6.24 18.78
CA ASP D 732 25.68 7.13 17.71
C ASP D 732 26.94 7.59 16.99
N TYR D 733 27.08 7.19 15.72
CA TYR D 733 28.38 7.10 15.09
C TYR D 733 28.16 6.88 13.60
N ALA D 734 29.06 7.43 12.79
CA ALA D 734 29.07 7.19 11.35
C ALA D 734 30.43 6.66 10.97
N PHE D 735 30.49 5.87 9.90
CA PHE D 735 31.74 5.21 9.56
C PHE D 735 32.04 5.35 8.08
N LEU D 736 33.32 5.58 7.78
CA LEU D 736 33.80 5.88 6.43
C LEU D 736 34.67 4.71 5.96
N MET D 737 34.07 3.81 5.20
CA MET D 737 34.78 2.71 4.55
C MET D 737 34.47 2.74 3.06
N GLU D 738 34.89 1.69 2.36
CA GLU D 738 34.63 1.59 0.93
C GLU D 738 33.18 1.25 0.67
N SER D 739 32.73 1.51 -0.57
CA SER D 739 31.33 1.32 -0.89
C SER D 739 30.97 -0.14 -1.08
N THR D 740 31.93 -0.98 -1.47
CA THR D 740 31.62 -2.39 -1.68
C THR D 740 31.42 -3.12 -0.36
N THR D 741 32.20 -2.75 0.66
CA THR D 741 32.01 -3.34 1.98
C THR D 741 30.71 -2.84 2.62
N ILE D 742 30.31 -1.60 2.29
CA ILE D 742 29.00 -1.12 2.72
C ILE D 742 27.89 -1.89 2.03
N GLU D 743 28.03 -2.11 0.71
CA GLU D 743 27.02 -2.86 -0.03
C GLU D 743 26.98 -4.34 0.35
N PHE D 744 27.98 -4.85 1.07
CA PHE D 744 27.92 -6.21 1.57
C PHE D 744 27.29 -6.28 2.96
N VAL D 745 27.67 -5.36 3.84
CA VAL D 745 27.17 -5.40 5.22
C VAL D 745 25.70 -5.00 5.28
N THR D 746 25.30 -3.99 4.49
CA THR D 746 23.91 -3.54 4.52
C THR D 746 22.95 -4.53 3.87
N GLN D 747 23.45 -5.52 3.14
CA GLN D 747 22.59 -6.62 2.71
C GLN D 747 22.48 -7.69 3.78
N ARG D 748 23.47 -7.78 4.67
CA ARG D 748 23.41 -8.74 5.76
C ARG D 748 22.54 -8.22 6.91
N ASN D 749 22.92 -7.07 7.47
CA ASN D 749 22.21 -6.51 8.60
C ASN D 749 21.16 -5.51 8.12
N CYS D 750 20.01 -5.50 8.81
CA CYS D 750 18.98 -4.51 8.55
C CYS D 750 19.05 -3.32 9.49
N ASN D 751 19.98 -3.31 10.44
CA ASN D 751 20.16 -2.11 11.26
C ASN D 751 20.78 -0.98 10.46
N LEU D 752 21.57 -1.32 9.44
CA LEU D 752 22.49 -0.39 8.80
C LEU D 752 22.00 0.00 7.41
N THR D 753 22.49 1.16 6.96
CA THR D 753 22.15 1.66 5.64
C THR D 753 23.30 2.54 5.14
N GLN D 754 23.24 2.88 3.86
CA GLN D 754 24.24 3.72 3.22
C GLN D 754 23.71 5.15 3.11
N ILE D 755 24.55 6.13 3.44
CA ILE D 755 24.17 7.53 3.45
C ILE D 755 24.94 8.23 2.34
N GLY D 756 24.21 8.78 1.37
CA GLY D 756 24.82 9.54 0.31
C GLY D 756 25.41 8.68 -0.78
N GLY D 757 26.01 9.36 -1.75
CA GLY D 757 26.64 8.69 -2.87
C GLY D 757 28.05 8.25 -2.57
N LEU D 758 28.95 8.45 -3.53
CA LEU D 758 30.35 8.06 -3.41
C LEU D 758 31.23 9.29 -3.35
N ILE D 759 32.24 9.25 -2.50
CA ILE D 759 33.14 10.38 -2.34
C ILE D 759 34.35 10.25 -3.26
N ASP D 760 35.03 9.11 -3.23
CA ASP D 760 36.20 8.85 -4.04
C ASP D 760 35.80 7.94 -5.20
N SER D 761 36.74 7.68 -6.09
CA SER D 761 36.55 6.70 -7.15
C SER D 761 37.82 5.88 -7.28
N LYS D 762 37.73 4.59 -6.97
CA LYS D 762 38.86 3.67 -7.04
C LYS D 762 38.40 2.43 -7.79
N GLY D 763 39.33 1.50 -8.01
CA GLY D 763 38.99 0.30 -8.75
C GLY D 763 39.84 -0.91 -8.41
N TYR D 764 39.21 -2.07 -8.32
CA TYR D 764 39.92 -3.32 -8.08
C TYR D 764 40.45 -3.87 -9.39
N GLY D 765 41.76 -4.06 -9.47
CA GLY D 765 42.40 -4.56 -10.67
C GLY D 765 43.23 -5.79 -10.37
N VAL D 766 43.37 -6.64 -11.38
CA VAL D 766 44.17 -7.85 -11.24
C VAL D 766 45.65 -7.48 -11.28
N GLY D 767 46.37 -7.83 -10.21
CA GLY D 767 47.79 -7.56 -10.17
C GLY D 767 48.57 -8.46 -11.12
N THR D 768 49.70 -7.94 -11.59
CA THR D 768 50.49 -8.56 -12.65
C THR D 768 51.87 -7.93 -12.59
N PRO D 769 52.95 -8.71 -12.73
CA PRO D 769 54.29 -8.11 -12.75
C PRO D 769 54.51 -7.28 -14.01
N MET D 770 55.61 -6.52 -13.99
CA MET D 770 55.94 -5.65 -15.13
C MET D 770 56.31 -6.48 -16.36
N GLY D 771 55.80 -6.05 -17.52
CA GLY D 771 56.14 -6.66 -18.78
C GLY D 771 55.46 -7.97 -19.08
N SER D 772 54.62 -8.47 -18.19
CA SER D 772 54.00 -9.77 -18.40
C SER D 772 52.90 -9.65 -19.43
N PRO D 773 52.83 -10.57 -20.41
CA PRO D 773 51.79 -10.49 -21.43
C PRO D 773 50.40 -10.87 -20.95
N TYR D 774 50.27 -11.37 -19.72
CA TYR D 774 48.96 -11.70 -19.18
C TYR D 774 48.19 -10.49 -18.68
N ARG D 775 48.80 -9.30 -18.67
CA ARG D 775 48.04 -8.10 -18.34
C ARG D 775 47.03 -7.78 -19.42
N ASP D 776 47.49 -7.65 -20.67
CA ASP D 776 46.60 -7.24 -21.76
C ASP D 776 45.62 -8.34 -22.14
N LYS D 777 45.94 -9.59 -21.84
CA LYS D 777 45.04 -10.68 -22.19
C LYS D 777 43.85 -10.75 -21.24
N ILE D 778 44.08 -10.52 -19.95
CA ILE D 778 43.00 -10.47 -18.99
C ILE D 778 42.21 -9.17 -19.14
N THR D 779 42.90 -8.09 -19.54
CA THR D 779 42.24 -6.81 -19.82
C THR D 779 41.21 -6.94 -20.94
N ILE D 780 41.57 -7.67 -22.01
CA ILE D 780 40.59 -8.03 -23.03
C ILE D 780 39.51 -8.94 -22.46
N ALA D 781 39.90 -9.83 -21.54
CA ALA D 781 38.96 -10.84 -21.04
C ALA D 781 37.91 -10.23 -20.11
N ILE D 782 38.30 -9.25 -19.29
CA ILE D 782 37.35 -8.61 -18.38
C ILE D 782 36.31 -7.84 -19.15
N LEU D 783 36.72 -7.16 -20.22
CA LEU D 783 35.78 -6.49 -21.10
C LEU D 783 34.92 -7.48 -21.89
N GLN D 784 35.45 -8.68 -22.18
CA GLN D 784 34.62 -9.74 -22.74
C GLN D 784 33.59 -10.23 -21.72
N LEU D 785 34.01 -10.41 -20.48
CA LEU D 785 33.10 -10.81 -19.41
C LEU D 785 32.05 -9.75 -19.10
N GLN D 786 32.35 -8.47 -19.37
CA GLN D 786 31.47 -7.38 -19.02
C GLN D 786 30.38 -7.14 -20.05
N GLU D 787 30.72 -7.17 -21.34
CA GLU D 787 29.74 -6.92 -22.40
C GLU D 787 28.69 -8.02 -22.46
N GLU D 788 29.06 -9.24 -22.11
CA GLU D 788 28.08 -10.31 -22.01
C GLU D 788 27.19 -10.15 -20.77
N GLY D 789 27.64 -9.38 -19.80
CA GLY D 789 26.88 -9.10 -18.61
C GLY D 789 27.02 -10.10 -17.49
N LYS D 790 28.21 -10.68 -17.33
CA LYS D 790 28.40 -11.72 -16.32
C LYS D 790 28.87 -11.19 -14.98
N LEU D 791 29.59 -10.06 -14.95
CA LEU D 791 30.03 -9.52 -13.67
C LEU D 791 28.87 -8.97 -12.87
N HIS D 792 27.84 -8.45 -13.54
CA HIS D 792 26.62 -8.09 -12.84
C HIS D 792 25.92 -9.32 -12.29
N MET D 793 25.97 -10.43 -13.02
CA MET D 793 25.41 -11.67 -12.51
C MET D 793 26.26 -12.25 -11.39
N MET D 794 27.57 -12.04 -11.43
CA MET D 794 28.42 -12.47 -10.32
C MET D 794 28.18 -11.63 -9.08
N LYS D 795 28.03 -10.32 -9.25
CA LYS D 795 27.90 -9.41 -8.11
C LYS D 795 26.55 -9.58 -7.41
N GLU D 796 25.48 -9.78 -8.19
CA GLU D 796 24.17 -10.06 -7.60
C GLU D 796 24.13 -11.41 -6.89
N LYS D 797 25.04 -12.33 -7.21
CA LYS D 797 25.06 -13.61 -6.53
C LYS D 797 25.75 -13.52 -5.17
N TRP D 798 26.83 -12.74 -5.07
CA TRP D 798 27.64 -12.75 -3.86
C TRP D 798 27.33 -11.63 -2.88
N TRP D 799 26.76 -10.52 -3.33
CA TRP D 799 26.40 -9.44 -2.42
C TRP D 799 24.96 -9.49 -1.95
N ARG D 800 24.04 -9.97 -2.78
CA ARG D 800 22.68 -10.20 -2.31
C ARG D 800 22.65 -11.46 -1.46
N GLY D 801 22.33 -11.29 -0.18
CA GLY D 801 22.25 -12.43 0.72
C GLY D 801 20.82 -12.83 0.99
N ASN D 802 20.40 -12.73 2.25
CA ASN D 802 19.02 -12.99 2.58
C ASN D 802 18.10 -11.90 2.06
N GLY D 803 18.62 -10.68 1.92
CA GLY D 803 17.80 -9.56 1.49
C GLY D 803 17.05 -8.94 2.65
N CYS D 804 16.80 -7.63 2.60
CA CYS D 804 16.05 -6.95 3.65
C CYS D 804 14.86 -6.22 3.06
N PRO D 805 13.78 -6.92 2.70
CA PRO D 805 12.56 -6.22 2.24
C PRO D 805 11.60 -5.89 3.38
N GLU D 806 12.10 -5.86 4.62
CA GLU D 806 11.30 -5.84 5.85
C GLU D 806 10.31 -4.69 5.97
N GLU D 807 10.52 -3.60 5.22
CA GLU D 807 9.49 -2.58 5.13
C GLU D 807 8.29 -3.09 4.35
N GLU D 808 7.17 -3.30 5.06
CA GLU D 808 5.90 -3.67 4.44
C GLU D 808 4.77 -3.29 5.39
N SER D 809 3.79 -2.55 4.87
CA SER D 809 2.45 -2.29 5.39
C SER D 809 2.37 -2.14 6.91
N LYS D 810 3.17 -1.22 7.45
CA LYS D 810 3.78 -1.22 8.79
C LYS D 810 2.89 -1.72 9.91
N GLU D 811 3.37 -2.72 10.66
CA GLU D 811 2.62 -3.33 11.74
C GLU D 811 2.36 -2.29 12.83
N ALA D 812 1.09 -1.92 12.99
CA ALA D 812 0.73 -0.73 13.75
C ALA D 812 0.95 -0.93 15.24
N SER D 813 1.77 -0.06 15.82
CA SER D 813 1.94 0.00 17.26
C SER D 813 0.97 0.99 17.85
N ALA D 814 0.54 0.72 19.07
CA ALA D 814 -0.36 1.62 19.77
C ALA D 814 0.34 2.92 20.14
N LEU D 815 -0.44 3.98 20.30
CA LEU D 815 0.12 5.25 20.75
C LEU D 815 0.57 5.11 22.19
N GLY D 816 1.85 5.35 22.44
CA GLY D 816 2.41 5.19 23.77
C GLY D 816 2.79 6.51 24.39
N VAL D 817 3.47 6.45 25.55
CA VAL D 817 3.94 7.67 26.19
C VAL D 817 5.11 8.30 25.43
N GLN D 818 5.76 7.55 24.54
CA GLN D 818 6.72 8.14 23.63
C GLN D 818 6.07 8.72 22.39
N ASN D 819 4.80 8.41 22.13
CA ASN D 819 4.14 8.77 20.89
C ASN D 819 3.22 9.98 21.05
N ILE D 820 2.22 9.94 21.93
CA ILE D 820 1.46 11.14 22.21
C ILE D 820 2.10 11.93 23.34
N GLY D 821 2.10 11.41 24.56
CA GLY D 821 3.11 11.73 25.56
C GLY D 821 3.34 13.17 26.03
N GLY D 822 2.74 14.15 25.36
CA GLY D 822 3.09 15.54 25.57
C GLY D 822 1.86 16.36 25.87
N ILE D 823 0.69 15.76 25.63
CA ILE D 823 -0.55 16.33 26.16
C ILE D 823 -0.63 16.16 27.67
N PHE D 824 0.14 15.22 28.24
CA PHE D 824 0.24 15.11 29.68
C PHE D 824 1.14 16.17 30.29
N ILE D 825 2.04 16.75 29.51
CA ILE D 825 2.80 17.90 29.99
C ILE D 825 1.95 19.16 29.94
N VAL D 826 1.24 19.38 28.83
CA VAL D 826 0.48 20.62 28.71
C VAL D 826 -0.79 20.59 29.55
N LEU D 827 -1.27 19.40 29.93
CA LEU D 827 -2.34 19.31 30.93
C LEU D 827 -1.83 19.77 32.29
N ALA D 828 -0.68 19.23 32.71
CA ALA D 828 -0.09 19.64 33.98
C ALA D 828 0.35 21.10 33.95
N ALA D 829 0.79 21.60 32.79
CA ALA D 829 1.14 23.01 32.68
C ALA D 829 -0.07 23.91 32.80
N GLY D 830 -1.23 23.46 32.31
CA GLY D 830 -2.43 24.26 32.44
C GLY D 830 -2.98 24.27 33.86
N LEU D 831 -2.85 23.13 34.56
CA LEU D 831 -3.32 23.06 35.94
C LEU D 831 -2.42 23.85 36.88
N VAL D 832 -1.12 23.89 36.61
CA VAL D 832 -0.23 24.74 37.42
C VAL D 832 -0.46 26.21 37.13
N LEU D 833 -0.75 26.53 35.86
CA LEU D 833 -1.09 27.91 35.49
C LEU D 833 -2.40 28.36 36.16
N SER D 834 -3.35 27.44 36.30
CA SER D 834 -4.64 27.79 36.85
C SER D 834 -4.62 28.02 38.36
N VAL D 835 -3.70 27.37 39.07
CA VAL D 835 -3.57 27.61 40.50
C VAL D 835 -3.07 29.02 40.75
N PHE D 836 -2.17 29.51 39.89
CA PHE D 836 -1.67 30.87 40.02
C PHE D 836 -2.74 31.90 39.66
N VAL D 837 -3.67 31.53 38.78
CA VAL D 837 -4.81 32.40 38.50
C VAL D 837 -5.79 32.37 39.67
N ALA D 838 -5.93 31.21 40.33
CA ALA D 838 -6.85 31.09 41.46
C ALA D 838 -6.38 31.89 42.66
N VAL D 839 -5.07 31.95 42.88
CA VAL D 839 -4.53 32.82 43.93
C VAL D 839 -4.66 34.28 43.50
N GLY D 840 -4.48 34.54 42.20
CA GLY D 840 -4.65 35.90 41.69
C GLY D 840 -6.08 36.40 41.75
N GLU D 841 -7.05 35.48 41.70
CA GLU D 841 -8.44 35.87 41.92
C GLU D 841 -8.78 35.90 43.40
N PHE D 842 -8.04 35.16 44.23
CA PHE D 842 -8.25 35.21 45.66
C PHE D 842 -7.78 36.52 46.25
N LEU D 843 -6.80 37.17 45.61
CA LEU D 843 -6.27 38.43 46.12
C LEU D 843 -6.99 39.63 45.54
N TYR D 844 -7.43 39.53 44.27
CA TYR D 844 -8.09 40.66 43.62
C TYR D 844 -9.47 40.90 44.20
N LYS D 845 -10.17 39.84 44.61
CA LYS D 845 -11.44 40.02 45.30
C LYS D 845 -11.23 40.55 46.70
N SER D 846 -10.18 40.07 47.39
CA SER D 846 -9.88 40.55 48.73
C SER D 846 -9.37 41.97 48.73
N LYS D 847 -8.75 42.41 47.62
CA LYS D 847 -8.42 43.83 47.49
C LYS D 847 -9.67 44.66 47.26
N LYS D 848 -10.66 44.10 46.58
CA LYS D 848 -11.95 44.77 46.45
C LYS D 848 -12.70 44.78 47.78
N ASN D 849 -12.53 43.74 48.60
CA ASN D 849 -13.03 43.80 49.97
C ASN D 849 -12.22 44.79 50.81
N ALA D 850 -10.94 45.00 50.47
CA ALA D 850 -10.10 45.92 51.23
C ALA D 850 -10.49 47.37 50.99
N GLN D 851 -11.24 47.63 49.92
CA GLN D 851 -11.83 48.94 49.70
C GLN D 851 -12.98 49.18 50.66
N LEU D 852 -13.55 48.10 51.23
CA LEU D 852 -14.69 48.19 52.12
C LEU D 852 -14.33 47.72 53.53
N GLU D 853 -13.12 47.19 53.72
CA GLU D 853 -12.69 46.65 55.01
C GLU D 853 -11.27 47.18 55.22
N LYS D 854 -10.50 46.60 56.15
CA LYS D 854 -9.17 47.10 56.47
C LYS D 854 -8.16 46.66 55.41
N ARG D 855 -6.87 46.86 55.70
CA ARG D 855 -5.81 46.90 54.69
C ARG D 855 -5.59 45.59 53.92
N SER D 856 -5.06 44.55 54.58
CA SER D 856 -4.82 43.31 53.85
C SER D 856 -5.15 42.06 54.66
N PHE D 857 -5.14 42.17 56.00
CA PHE D 857 -5.05 40.98 56.82
C PHE D 857 -6.40 40.40 57.20
N CYS D 858 -7.34 41.23 57.67
CA CYS D 858 -8.60 40.69 58.19
C CYS D 858 -9.52 40.26 57.06
N SER D 859 -9.47 40.93 55.90
CA SER D 859 -10.33 40.54 54.79
C SER D 859 -9.91 39.21 54.18
N ALA D 860 -8.61 38.90 54.23
CA ALA D 860 -8.15 37.62 53.69
C ALA D 860 -8.47 36.46 54.61
N MET D 861 -8.49 36.70 55.93
CA MET D 861 -8.70 35.61 56.87
C MET D 861 -10.18 35.22 56.95
N VAL D 862 -11.08 36.21 56.86
CA VAL D 862 -12.51 35.91 56.85
C VAL D 862 -12.90 35.19 55.55
N GLU D 863 -12.23 35.55 54.45
CA GLU D 863 -12.49 34.89 53.17
C GLU D 863 -12.01 33.44 53.18
N GLU D 864 -10.94 33.13 53.92
CA GLU D 864 -10.52 31.75 54.07
C GLU D 864 -11.48 30.93 54.93
N LEU D 865 -12.30 31.57 55.76
CA LEU D 865 -13.20 30.85 56.63
C LEU D 865 -14.35 30.20 55.86
N ARG D 866 -14.77 30.82 54.75
CA ARG D 866 -15.95 30.38 54.03
C ARG D 866 -15.74 29.03 53.36
N MET D 867 -14.50 28.70 53.03
CA MET D 867 -14.20 27.36 52.55
C MET D 867 -14.03 26.37 53.69
N SER D 868 -13.71 26.88 54.88
CA SER D 868 -13.64 26.06 56.09
C SER D 868 -15.00 25.89 56.76
N LEU D 869 -16.04 26.55 56.25
CA LEU D 869 -17.40 26.21 56.64
C LEU D 869 -17.84 24.86 56.09
N LYS D 870 -17.17 24.36 55.04
CA LYS D 870 -17.33 23.08 54.33
C LYS D 870 -18.77 22.75 53.94
N CYS D 871 -19.63 23.75 53.85
CA CYS D 871 -21.03 23.60 53.52
C CYS D 871 -21.26 24.02 52.07
N GLN D 872 -22.52 24.07 51.66
CA GLN D 872 -22.90 24.41 50.30
C GLN D 872 -23.54 25.78 50.17
N ARG D 873 -24.49 26.11 51.03
CA ARG D 873 -25.08 27.45 51.05
C ARG D 873 -24.36 28.29 52.10
N ARG D 874 -23.90 29.48 51.70
CA ARG D 874 -23.16 30.42 52.53
C ARG D 874 -21.91 29.81 53.18
C1 NAG E . 4.72 21.14 -15.01
C2 NAG E . 3.53 20.26 -15.42
C3 NAG E . 3.65 19.88 -16.91
C4 NAG E . 3.87 21.10 -17.80
C5 NAG E . 5.06 21.90 -17.27
C6 NAG E . 5.29 23.19 -18.01
C7 NAG E . 2.27 18.48 -14.29
C8 NAG E . 2.38 17.25 -13.43
N2 NAG E . 3.43 19.08 -14.60
O3 NAG E . 2.46 19.18 -17.30
O4 NAG E . 4.20 20.72 -19.12
O5 NAG E . 4.84 22.25 -15.89
O6 NAG E . 4.38 24.20 -17.58
O7 NAG E . 1.20 18.90 -14.69
C1 NAG E . 3.11 20.74 -20.07
C2 NAG E . 3.40 21.66 -21.29
C3 NAG E . 2.36 21.49 -22.42
C4 NAG E . 2.15 20.01 -22.74
C5 NAG E . 1.80 19.25 -21.47
C6 NAG E . 1.61 17.77 -21.70
C7 NAG E . 3.00 24.11 -20.48
C8 NAG E . 1.58 23.89 -20.02
N2 NAG E . 3.71 23.07 -21.01
O3 NAG E . 2.81 22.18 -23.59
O4 NAG E . 1.09 19.87 -23.69
O5 NAG E . 2.86 19.40 -20.52
O6 NAG E . 2.38 17.31 -22.81
O7 NAG E . 3.53 25.21 -20.36
C1 NAG F . 11.39 25.27 -15.27
C2 NAG F . 12.02 26.35 -16.20
C3 NAG F . 10.98 27.37 -16.67
C4 NAG F . 9.76 26.64 -17.19
C5 NAG F . 9.02 26.03 -16.00
C6 NAG F . 8.21 24.81 -16.37
C7 NAG F . 14.32 27.19 -16.11
C8 NAG F . 15.34 27.90 -15.28
N2 NAG F . 13.12 27.02 -15.53
O3 NAG F . 11.57 28.16 -17.69
O4 NAG F . 8.91 27.50 -17.95
O5 NAG F . 9.94 25.63 -14.96
O6 NAG F . 7.14 24.61 -15.45
O7 NAG F . 14.56 26.80 -17.24
C1 NAG F . 8.37 28.64 -17.25
C2 NAG F . 8.57 29.90 -18.13
C3 NAG F . 7.23 30.58 -18.40
C4 NAG F . 6.23 29.56 -18.93
C5 NAG F . 5.90 28.57 -17.82
C6 NAG F . 5.69 27.16 -18.32
C7 NAG F . 10.57 31.37 -18.17
C8 NAG F . 10.76 30.97 -19.61
N2 NAG F . 9.51 30.84 -17.53
O3 NAG F . 7.43 31.61 -19.37
O4 NAG F . 5.05 30.23 -19.34
O5 NAG F . 6.95 28.53 -16.81
O6 NAG F . 4.44 27.03 -18.96
O7 NAG F . 11.32 32.16 -17.61
C1 NAG G . -18.09 0.12 -14.95
C2 NAG G . -18.08 0.69 -16.36
C3 NAG G . -19.51 0.74 -16.90
C4 NAG G . -20.19 -0.61 -16.80
C5 NAG G . -20.05 -1.19 -15.38
C6 NAG G . -20.55 -2.61 -15.26
C7 NAG G . -16.19 2.20 -16.75
C8 NAG G . -15.72 3.63 -16.74
N2 NAG G . -17.46 2.01 -16.41
O3 NAG G . -19.45 1.18 -18.26
O4 NAG G . -21.59 -0.46 -17.07
O5 NAG G . -18.67 -1.19 -14.97
O6 NAG G . -21.95 -2.69 -15.52
O7 NAG G . -15.44 1.28 -17.02
C1 NAG G . -21.94 -0.93 -18.39
C2 NAG G . -23.44 -1.19 -18.44
C3 NAG G . -23.84 -1.66 -19.86
C4 NAG G . -23.32 -0.71 -20.94
C5 NAG G . -21.84 -0.41 -20.74
C6 NAG G . -21.34 0.69 -21.66
C7 NAG G . -25.01 -2.19 -16.85
C8 NAG G . -25.23 -3.28 -15.85
N2 NAG G . -23.82 -2.19 -17.45
O3 NAG G . -25.26 -1.76 -19.93
O4 NAG G . -23.44 -1.37 -22.20
O5 NAG G . -21.59 0.04 -19.40
O6 NAG G . -20.08 1.18 -21.22
O7 NAG G . -25.87 -1.34 -17.10
C1 BMA G . -24.32 -0.90 -23.28
C2 BMA G . -25.62 -0.13 -22.84
C3 BMA G . -26.48 -0.06 -24.10
C4 BMA G . -25.75 0.73 -25.23
C5 BMA G . -24.31 0.14 -25.48
C6 BMA G . -23.47 0.98 -26.42
O2 BMA G . -25.39 1.22 -22.50
O3 BMA G . -27.77 0.46 -23.85
O4 BMA G . -26.49 0.67 -26.42
O5 BMA G . -23.61 -0.01 -24.20
O6 BMA G . -23.80 0.62 -27.76
C1 BMA G . -28.61 -0.65 -23.51
C2 BMA G . -29.51 -0.27 -22.31
C3 BMA G . -30.48 -1.43 -21.99
C4 BMA G . -31.21 -1.95 -23.24
C5 BMA G . -30.20 -2.26 -24.37
C6 BMA G . -30.86 -2.68 -25.67
O2 BMA G . -30.32 0.85 -22.61
O3 BMA G . -31.41 -1.08 -20.98
O4 BMA G . -31.94 -3.13 -22.92
O5 BMA G . -29.42 -1.06 -24.62
O6 BMA G . -30.68 -4.07 -25.83
C1 NAG H . -13.11 -0.20 -20.09
C2 NAG H . -12.06 0.44 -21.00
C3 NAG H . -12.10 1.96 -20.83
C4 NAG H . -13.52 2.52 -21.00
C5 NAG H . -14.54 1.72 -20.18
C6 NAG H . -15.97 2.06 -20.50
C7 NAG H . -9.82 -0.25 -21.71
C8 NAG H . -8.49 -0.78 -21.26
N2 NAG H . -10.73 -0.07 -20.74
O3 NAG H . -11.23 2.55 -21.79
O4 NAG H . -13.52 3.84 -20.47
O5 NAG H . -14.40 0.31 -20.42
O6 NAG H . -16.16 2.26 -21.90
O7 NAG H . -10.06 0.02 -22.88
C1 NAG H . -13.81 4.91 -21.40
C2 NAG H . -12.48 5.63 -21.69
C3 NAG H . -12.50 6.37 -23.06
C4 NAG H . -13.91 6.69 -23.57
C5 NAG H . -14.92 5.55 -23.39
C6 NAG H . -15.39 4.97 -24.70
C7 NAG H . -12.67 7.58 -20.11
C8 NAG H . -11.98 8.29 -18.99
N2 NAG H . -12.04 6.51 -20.61
O3 NAG H . -11.81 5.59 -24.02
O4 NAG H . -14.41 7.86 -22.91
O5 NAG H . -14.37 4.47 -22.63
O6 NAG H . -16.31 5.84 -25.35
O7 NAG H . -13.76 7.99 -20.56
C1 NAG I . -3.36 -22.54 13.51
C2 NAG I . -2.20 -21.64 13.96
C3 NAG I . -0.88 -22.42 13.96
C4 NAG I . -1.01 -23.72 14.75
C5 NAG I . -2.19 -24.53 14.23
C6 NAG I . -2.46 -25.78 15.02
C7 NAG I . -1.67 -19.27 13.56
C8 NAG I . -1.61 -18.17 12.54
N2 NAG I . -2.08 -20.46 13.12
O3 NAG I . 0.14 -21.58 14.50
O4 NAG I . 0.15 -24.53 14.58
O5 NAG I . -3.38 -23.74 14.29
O6 NAG I . -3.13 -25.48 16.24
O7 NAG I . -1.35 -19.09 14.72
C1 NAG I . 1.14 -24.44 15.62
C2 NAG I . 1.43 -25.81 16.30
C3 NAG I . 2.66 -25.77 17.23
C4 NAG I . 3.85 -25.11 16.55
C5 NAG I . 3.44 -23.74 16.00
C6 NAG I . 4.55 -23.04 15.26
C7 NAG I . -0.57 -26.25 17.92
C8 NAG I . -0.40 -24.97 18.72
N2 NAG I . 0.28 -26.53 16.88
O3 NAG I . 3.00 -27.09 17.64
O4 NAG I . 4.92 -24.95 17.47
O5 NAG I . 2.36 -23.90 15.07
O6 NAG I . 5.42 -23.96 14.62
O7 NAG I . -1.47 -27.04 18.21
C1 NAG J . -7.60 -28.77 11.20
C2 NAG J . -7.74 -30.25 11.67
C3 NAG J . -7.70 -30.36 13.18
C4 NAG J . -6.55 -29.54 13.74
C5 NAG J . -6.90 -28.07 13.60
C6 NAG J . -5.70 -27.16 13.54
C7 NAG J . -8.97 -31.82 10.26
C8 NAG J . -10.32 -32.30 9.83
N2 NAG J . -8.97 -30.83 11.14
O3 NAG J . -7.54 -31.74 13.53
O4 NAG J . -6.24 -29.88 15.08
O5 NAG J . -7.68 -27.82 12.40
O6 NAG J . -6.08 -25.80 13.75
O7 NAG J . -7.94 -32.31 9.83
C1 NAG J . -7.29 -29.67 16.06
C2 NAG J . -7.44 -30.95 16.91
C3 NAG J . -7.32 -30.63 18.40
C4 NAG J . -6.03 -29.87 18.66
C5 NAG J . -6.10 -28.50 17.99
C6 NAG J . -4.80 -28.07 17.36
C7 NAG J . -8.80 -32.93 16.32
C8 NAG J . -7.52 -33.71 16.24
N2 NAG J . -8.69 -31.63 16.63
O3 NAG J . -7.33 -31.84 19.14
O4 NAG J . -5.84 -29.71 20.05
O5 NAG J . -7.11 -28.47 16.95
O6 NAG J . -3.92 -27.53 18.33
O7 NAG J . -9.90 -33.45 16.10
C1 NAG K . 15.91 1.95 17.27
C2 NAG K . 16.64 0.79 17.93
C3 NAG K . 17.44 1.29 19.13
C4 NAG K . 18.34 2.46 18.74
C5 NAG K . 17.57 3.53 17.96
C6 NAG K . 18.47 4.60 17.37
C7 NAG K . 15.51 -1.36 17.58
C8 NAG K . 14.54 -2.36 18.14
N2 NAG K . 15.73 -0.27 18.32
O3 NAG K . 18.21 0.20 19.64
O4 NAG K . 18.81 3.09 19.93
O5 NAG K . 16.86 2.94 16.86
O6 NAG K . 19.15 5.32 18.38
O7 NAG K . 16.04 -1.51 16.47
C1 NAG K . 20.18 2.73 20.24
C2 NAG K . 20.75 3.76 21.20
C3 NAG K . 22.18 3.39 21.61
C4 NAG K . 22.27 1.95 22.09
C5 NAG K . 21.59 1.00 21.11
C6 NAG K . 21.48 -0.42 21.62
C7 NAG K . 20.57 6.21 21.28
C8 NAG K . 20.57 7.49 20.49
N2 NAG K . 20.73 5.08 20.59
O3 NAG K . 22.63 4.28 22.63
O4 NAG K . 23.65 1.58 22.10
O5 NAG K . 20.25 1.44 20.85
O6 NAG K . 20.59 -1.19 20.84
O7 NAG K . 20.42 6.22 22.51
C1 BMA K . 24.37 1.20 23.33
C2 BMA K . 23.94 1.94 24.65
C3 BMA K . 25.05 1.64 25.64
C4 BMA K . 25.16 0.11 25.90
C5 BMA K . 25.32 -0.66 24.55
C6 BMA K . 25.24 -2.18 24.70
O2 BMA K . 22.78 1.38 25.24
O3 BMA K . 24.90 2.38 26.84
O4 BMA K . 26.28 -0.17 26.74
O5 BMA K . 24.29 -0.23 23.61
O6 BMA K . 26.57 -2.71 24.61
C1 BMA K . 25.47 3.68 26.59
C2 BMA K . 24.54 4.77 27.20
C3 BMA K . 25.18 6.16 27.03
C4 BMA K . 26.65 6.18 27.51
C5 BMA K . 27.45 5.05 26.84
C6 BMA K . 28.88 4.96 27.32
O2 BMA K . 24.37 4.56 28.60
O3 BMA K . 24.44 7.17 27.70
O4 BMA K . 27.24 7.43 27.18
O5 BMA K . 26.79 3.79 27.14
O6 BMA K . 29.69 4.55 26.22
C1 NAG L . 18.51 -4.20 14.77
C2 NAG L . 18.50 -5.72 14.63
C3 NAG L . 17.41 -6.32 15.53
C4 NAG L . 17.52 -5.81 16.96
C5 NAG L . 17.73 -4.29 17.03
C6 NAG L . 18.12 -3.79 18.40
C7 NAG L . 18.87 -7.24 12.74
C8 NAG L . 18.55 -7.55 11.31
N2 NAG L . 18.29 -6.15 13.25
O3 NAG L . 17.51 -7.73 15.52
O4 NAG L . 16.28 -6.07 17.62
O5 NAG L . 18.77 -3.85 16.12
O6 NAG L . 19.32 -4.41 18.86
O7 NAG L . 19.61 -7.95 13.41
C1 NAG L . 16.32 -7.04 18.70
C2 NAG L . 15.64 -8.33 18.18
C3 NAG L . 16.12 -9.59 18.94
C4 NAG L . 16.71 -9.29 20.32
C5 NAG L . 17.65 -8.08 20.36
C6 NAG L . 19.09 -8.44 20.64
C7 NAG L . 13.34 -8.05 19.16
C8 NAG L . 11.89 -8.01 18.81
N2 NAG L . 14.19 -8.24 18.13
O3 NAG L . 17.08 -10.28 18.14
O4 NAG L . 15.66 -9.11 21.27
O5 NAG L . 17.63 -7.35 19.12
O6 NAG L . 19.42 -8.20 22.01
O7 NAG L . 13.73 -7.93 20.32
CAG 2J9 M . 38.32 8.79 -11.12
CAH 2J9 M . 38.23 8.87 -12.49
CAN 2J9 M . 38.97 7.86 -11.91
NAO 2J9 M . 39.81 6.68 -12.03
CAI 2J9 M . 41.34 6.79 -12.05
NAJ 2J9 M . 41.98 5.71 -12.81
SAP 2J9 M . 41.53 4.25 -12.25
OAA 2J9 M . 42.39 3.94 -10.87
OAB 2J9 M . 41.84 3.10 -13.39
CAM 2J9 M . 39.85 4.18 -11.89
CAL 2J9 M . 39.13 5.32 -11.81
CAE 2J9 M . 37.74 5.28 -11.52
CAD 2J9 M . 37.12 4.06 -11.31
CAK 2J9 M . 37.85 2.88 -11.39
FAC 2J9 M . 37.24 1.68 -11.19
CAF 2J9 M . 39.22 2.93 -11.68
N POV N . -17.73 21.44 -11.68
P POV N . -13.69 21.31 -9.47
C1 POV N . -15.61 22.65 -8.23
C2 POV N . -15.84 24.01 -7.55
C3 POV N . -14.75 25.02 -7.95
C210 POV N . -22.63 24.39 1.95
C310 POV N . -18.59 28.29 2.03
C11 POV N . -15.51 20.35 -11.16
O11 POV N . -14.48 22.73 -9.09
C211 POV N . -21.90 23.83 3.20
C311 POV N . -19.14 27.46 3.22
C12 POV N . -17.04 20.39 -10.86
O12 POV N . -14.84 20.19 -9.92
C212 POV N . -22.91 23.40 4.30
C312 POV N . -20.60 27.87 3.56
C13 POV N . -17.94 20.86 -13.03
O13 POV N . -12.94 20.82 -8.26
C213 POV N . -22.20 22.92 5.59
C313 POV N . -21.11 27.19 4.86
C14 POV N . -17.09 22.76 -11.88
O14 POV N . -12.73 21.56 -10.62
C214 POV N . -21.66 21.47 5.44
C314 POV N . -21.14 28.18 6.06
C15 POV N . -19.04 21.69 -11.02
C215 POV N . -21.03 20.96 6.76
C315 POV N . -21.92 27.64 7.27
C216 POV N . -21.01 19.40 6.84
C316 POV N . -23.31 27.10 6.90
C217 POV N . -20.05 18.75 5.82
C218 POV N . -18.63 18.49 6.37
C21 POV N . -16.95 23.16 -5.63
O21 POV N . -15.81 23.82 -6.16
C22 POV N . -18.32 23.86 -5.64
O22 POV N . -16.83 22.06 -5.17
C23 POV N . -18.70 24.40 -4.24
C24 POV N . -19.56 23.39 -3.43
C25 POV N . -20.91 24.00 -2.97
C26 POV N . -20.74 24.93 -1.75
C27 POV N . -19.89 24.28 -0.62
C28 POV N . -20.40 24.64 0.80
C29 POV N . -21.94 24.76 0.85
C31 POV N . -13.18 25.91 -6.45
O31 POV N . -13.61 24.77 -7.16
C32 POV N . -14.00 26.38 -5.24
O32 POV N . -12.18 26.48 -6.77
C33 POV N . -14.60 27.80 -5.43
C34 POV N . -16.03 27.92 -4.85
C35 POV N . -16.06 28.56 -3.44
C36 POV N . -15.97 27.52 -2.30
C37 POV N . -17.30 27.35 -1.55
C38 POV N . -17.39 28.22 -0.26
C39 POV N . -17.91 27.40 0.96
N POV O . -9.67 32.35 -10.22
P POV O . -8.09 33.17 -5.69
C1 POV O . -10.08 33.17 -3.93
C2 POV O . -11.32 34.02 -3.63
C3 POV O . -12.50 33.50 -4.46
C210 POV O . -16.32 39.09 1.62
C310 POV O . -21.75 32.82 5.59
C11 POV O . -9.05 33.63 -8.11
O11 POV O . -9.67 33.46 -5.26
C211 POV O . -17.58 39.64 0.91
C311 POV O . -23.12 32.15 5.93
C12 POV O . -8.64 33.21 -9.56
O12 POV O . -7.89 33.63 -7.29
C212 POV O . -18.89 39.14 1.56
C312 POV O . -23.20 31.70 7.42
C13 POV O . -10.94 33.12 -10.29
O13 POV O . -7.78 31.69 -5.54
C213 POV O . -19.20 37.67 1.21
C313 POV O . -24.35 30.68 7.65
C14 POV O . -9.41 31.88 -11.61
O14 POV O . -7.18 33.97 -4.80
C214 POV O . -20.43 37.53 0.27
C314 POV O . -24.35 30.12 9.09
C15 POV O . -9.84 31.13 -9.41
C215 POV O . -20.95 36.07 0.18
C315 POV O . -25.21 30.97 10.05
C216 POV O . -22.49 36.02 0.12
C316 POV O . -26.70 30.59 10.02
C217 POV O . -23.03 34.57 0.16
C218 POV O . -24.54 34.53 0.50
C21 POV O . -10.63 36.17 -2.89
O21 POV O . -11.07 35.36 -3.97
C22 POV O . -11.59 37.21 -2.27
O22 POV O . -9.53 36.06 -2.46
C23 POV O . -11.75 37.01 -0.74
C24 POV O . -10.76 37.88 0.07
C25 POV O . -10.92 37.70 1.61
C26 POV O . -11.31 39.02 2.33
C27 POV O . -12.56 39.69 1.70
C28 POV O . -13.85 38.85 1.94
C29 POV O . -15.09 39.42 1.21
C31 POV O . -14.32 33.13 -3.00
O31 POV O . -13.68 34.02 -3.89
C32 POV O . -15.05 33.67 -1.76
O32 POV O . -14.32 31.96 -3.22
C33 POV O . -15.90 32.59 -1.05
C34 POV O . -16.82 33.18 0.04
C35 POV O . -17.89 32.16 0.51
C36 POV O . -18.24 32.32 2.01
C37 POV O . -19.65 32.90 2.23
C38 POV O . -19.98 33.05 3.74
C39 POV O . -21.49 32.90 4.06
N POV P . -0.83 32.42 -3.61
P POV P . -3.54 32.26 0.01
C1 POV P . -3.81 32.88 2.57
C2 POV P . -3.56 34.16 3.39
C3 POV P . -2.35 33.95 4.33
C210 POV P . -8.64 35.64 10.11
C310 POV P . 2.79 37.86 14.39
C11 POV P . -3.13 32.36 -2.59
O11 POV P . -4.05 33.27 1.23
C211 POV P . -8.83 36.10 11.58
C311 POV P . 2.04 37.21 15.57
C12 POV P . -2.02 33.26 -3.21
O12 POV P . -3.65 33.02 -1.46
C212 POV P . -9.33 37.56 11.70
C312 POV P . 2.08 38.10 16.85
C13 POV P . 0.25 33.37 -3.96
O13 POV P . -2.09 31.87 0.26
C213 POV P . -10.28 37.97 10.54
C313 POV P . 1.15 39.34 16.73
C14 POV P . -0.27 31.46 -2.64
O14 POV P . -4.40 31.01 0.01
C214 POV P . -10.45 39.50 10.43
C314 POV P . -0.26 38.98 16.23
C15 POV P . -1.24 31.64 -4.80
C215 POV P . -10.50 39.97 8.95
C315 POV P . -1.23 40.19 16.27
C216 POV P . -11.85 40.64 8.60
C316 POV P . -1.59 40.59 17.72
C217 POV P . -12.24 41.76 9.59
C218 POV P . -13.61 41.51 10.23
C21 POV P . -5.04 34.04 5.36
O21 POV P . -4.73 34.56 4.07
C22 POV P . -5.27 35.03 6.53
O22 POV P . -5.15 32.87 5.55
C23 POV P . -3.99 35.40 7.30
C24 POV P . -3.31 34.17 7.97
C25 POV P . -3.45 34.21 9.51
C26 POV P . -4.84 33.74 10.00
C27 POV P . -5.45 34.72 11.04
C28 POV P . -6.14 35.94 10.38
C29 POV P . -7.40 35.56 9.57
C31 POV P . -0.05 34.47 4.17
O31 POV P . -1.38 34.94 4.06
C32 POV P . 1.01 35.38 4.81
O32 POV P . 0.24 33.39 3.77
C33 POV P . 0.44 36.19 6.00
C34 POV P . 1.51 36.54 7.06
C35 POV P . 0.89 37.19 8.32
C36 POV P . 1.86 37.18 9.53
C37 POV P . 1.09 37.18 10.88
C38 POV P . 2.03 36.97 12.09
C39 POV P . 1.86 38.08 13.16
N POV Q . -34.55 4.80 -5.62
P POV Q . -36.74 2.30 -1.67
C1 POV Q . -35.26 1.65 0.43
C2 POV Q . -35.81 1.49 1.85
C3 POV Q . -35.42 2.72 2.68
C210 POV Q . -36.11 1.09 10.65
C310 POV Q . -36.06 7.82 14.52
C11 POV Q . -35.69 3.65 -3.70
O11 POV Q . -36.23 1.22 -0.50
C211 POV Q . -35.50 1.15 12.07
C311 POV Q . -35.97 9.14 15.34
C12 POV Q . -34.35 3.89 -4.46
O12 POV Q . -35.48 2.65 -2.70
C212 POV Q . -35.17 2.61 12.50
C312 POV Q . -35.81 8.87 16.85
C13 POV Q . -35.34 4.06 -6.63
O13 POV Q . -37.88 1.68 -2.47
C213 POV Q . -35.61 2.93 13.95
C313 POV Q . -36.57 9.91 17.72
C14 POV Q . -35.25 6.10 -5.42
O14 POV Q . -37.23 3.57 -1.01
C214 POV Q . -37.02 3.56 14.00
C314 POV Q . -36.86 9.38 19.14
C15 POV Q . -33.21 5.13 -6.14
C215 POV Q . -37.27 4.35 15.32
C315 POV Q . -37.84 10.30 19.89
C216 POV Q . -38.60 5.13 15.29
C316 POV Q . -38.20 9.74 21.29
C217 POV Q . -38.89 5.86 16.62
C218 POV Q . -40.32 6.43 16.67
C21 POV Q . -36.25 -0.50 3.07
O21 POV Q . -35.28 0.33 2.46
C22 POV Q . -35.98 -2.02 3.23
O22 POV Q . -37.27 -0.05 3.47
C23 POV Q . -36.36 -2.56 4.63
C24 POV Q . -35.61 -1.83 5.77
C25 POV Q . -34.83 -2.79 6.70
C26 POV Q . -35.24 -2.64 8.20
C27 POV Q . -34.24 -1.77 9.00
C28 POV Q . -34.90 -1.09 10.23
C29 POV Q . -35.85 0.08 9.81
C31 POV Q . -36.02 3.13 4.95
O31 POV Q . -35.29 2.34 4.04
C32 POV Q . -36.03 2.78 6.44
O32 POV Q . -36.61 4.08 4.56
C33 POV Q . -35.89 4.04 7.34
C34 POV Q . -37.26 4.60 7.80
C35 POV Q . -37.13 5.97 8.51
C36 POV Q . -36.89 5.82 10.03
C37 POV Q . -37.27 7.11 10.81
C38 POV Q . -37.15 6.93 12.34
C39 POV Q . -36.35 8.08 13.02
N POV R . -27.81 13.45 -12.63
P POV R . -29.10 9.40 -9.77
C1 POV R . -30.47 8.95 -7.54
C2 POV R . -31.33 9.91 -6.71
C3 POV R . -32.09 10.86 -7.64
C210 POV R . -34.37 16.77 0.71
C310 POV R . -35.63 20.71 -5.08
C11 POV R . -28.62 11.23 -11.65
O11 POV R . -29.49 9.74 -8.20
C211 POV R . -35.23 16.98 1.98
C311 POV R . -35.68 21.51 -3.75
C12 POV R . -28.56 12.79 -11.52
O12 POV R . -28.25 10.69 -10.39
C212 POV R . -36.76 16.92 1.67
C312 POV R . -35.62 20.57 -2.51
C13 POV R . -28.49 13.11 -13.90
O13 POV R . -30.36 9.18 -10.59
C213 POV R . -37.11 16.01 0.46
C313 POV R . -36.50 21.09 -1.34
C14 POV R . -27.68 14.93 -12.61
O14 POV R . -28.23 8.15 -9.83
C214 POV R . -38.62 16.02 0.14
C314 POV R . -35.66 21.75 -0.23
C15 POV R . -26.43 12.91 -12.62
C215 POV R . -39.37 14.79 0.73
C315 POV R . -35.57 23.28 -0.40
C216 POV R . -40.67 15.19 1.46
C316 POV R . -36.75 24.02 0.27
C217 POV R . -40.40 15.73 2.88
C218 POV R . -41.64 16.46 3.47
C21 POV R . -30.96 10.73 -4.51
O21 POV R . -30.52 10.66 -5.86
C22 POV R . -30.78 12.04 -3.70
O22 POV R . -31.48 9.79 -4.03
C23 POV R . -31.98 12.99 -3.85
C24 POV R . -31.55 14.42 -4.25
C25 POV R . -32.37 15.53 -3.53
C26 POV R . -32.55 15.23 -2.01
C27 POV R . -32.10 16.43 -1.12
C28 POV R . -33.07 17.64 -1.25
C29 POV R . -33.94 17.84 0.01
C31 POV R . -31.18 13.02 -7.97
O31 POV R . -31.96 12.17 -7.15
C32 POV R . -31.46 14.54 -7.99
O32 POV R . -30.31 12.57 -8.65
C33 POV R . -31.16 15.19 -9.37
C34 POV R . -32.19 16.30 -9.73
C35 POV R . -32.24 17.42 -8.67
C36 POV R . -33.64 17.54 -8.02
C37 POV R . -33.62 18.43 -6.75
C38 POV R . -34.18 19.86 -7.02
C39 POV R . -34.21 20.71 -5.72
N POV S . -45.46 17.73 30.48
P POV S . -46.79 14.94 27.31
C1 POV S . -47.28 12.36 27.04
C2 POV S . -48.48 12.11 26.12
C3 POV S . -49.61 11.49 26.93
C210 POV S . -48.90 7.01 15.77
C310 POV S . -46.06 4.63 31.85
C11 POV S . -46.65 15.59 29.88
O11 POV S . -46.56 13.49 26.55
C211 POV S . -49.02 8.21 14.79
C311 POV S . -45.43 3.61 30.86
C12 POV S . -46.54 17.12 29.63
O12 POV S . -46.04 14.92 28.79
C212 POV S . -49.43 7.78 13.36
C312 POV S . -45.20 2.23 31.50
C13 POV S . -45.35 19.15 30.07
O13 POV S . -48.27 15.20 27.51
C213 POV S . -48.22 7.73 12.38
C313 POV S . -43.90 1.55 30.98
C14 POV S . -44.10 17.16 30.44
O14 POV S . -46.19 16.05 26.47
C214 POV S . -48.53 6.91 11.11
C314 POV S . -43.61 0.20 31.68
C15 POV S . -45.93 17.64 31.88
C215 POV S . -47.27 6.64 10.26
C315 POV S . -42.13 -0.22 31.57
C216 POV S . -47.25 5.21 9.67
C316 POV S . -41.66 -0.33 30.10
C217 POV S . -45.95 4.91 8.91
C218 POV S . -45.75 5.87 7.71
C21 POV S . -47.59 11.93 23.95
O21 POV S . -48.10 11.25 25.08
C22 POV S . -48.56 12.50 22.90
O22 POV S . -46.42 12.06 23.81
C23 POV S . -49.25 11.38 22.07
C24 POV S . -48.27 10.26 21.67
C25 POV S . -48.86 9.31 20.61
C26 POV S . -49.63 10.07 19.49
C27 POV S . -49.86 9.19 18.24
C28 POV S . -48.52 8.62 17.68
C29 POV S . -48.68 7.20 17.07
C31 POV S . -49.87 11.41 29.29
O31 POV S . -49.76 12.22 28.14
C32 POV S . -49.27 11.89 30.62
O32 POV S . -50.42 10.37 29.24
C33 POV S . -48.45 10.79 31.34
C34 POV S . -47.26 11.37 32.16
C35 POV S . -46.18 10.30 32.48
C36 POV S . -45.76 9.49 31.24
C37 POV S . -44.84 8.30 31.58
C38 POV S . -45.60 7.13 32.28
C39 POV S . -46.08 6.07 31.26
CAG 2J9 T . 32.71 -3.28 -14.51
CAH 2J9 T . 33.69 -2.76 -13.69
CAN 2J9 T . 33.73 -2.50 -15.05
NAO 2J9 T . 34.37 -1.85 -16.19
CAI 2J9 T . 35.15 -2.70 -17.21
NAJ 2J9 T . 36.53 -2.27 -17.41
SAP 2J9 T . 36.63 -0.71 -17.78
OAA 2J9 T . 36.05 -0.49 -19.31
OAB 2J9 T . 38.20 -0.19 -17.69
CAM 2J9 T . 35.67 0.24 -16.71
CAL 2J9 T . 34.66 -0.34 -16.03
CAE 2J9 T . 33.85 0.43 -15.15
CAD 2J9 T . 34.10 1.78 -15.00
CAK 2J9 T . 35.14 2.39 -15.69
FAC 2J9 T . 35.38 3.71 -15.52
CAF 2J9 T . 35.92 1.62 -16.55
N1 A1BDS U . -29.70 21.74 32.92
N3 A1BDS U . -23.73 21.18 24.44
C4 A1BDS U . -26.74 20.10 28.24
C5 A1BDS U . -26.07 21.21 27.46
C6 A1BDS U . -25.40 20.70 26.19
C7 A1BDS U . -24.54 21.76 25.53
C8 A1BDS U . -22.87 20.09 24.89
C10 A1BDS U . -23.01 19.24 22.59
C13 A1BDS U . -19.79 16.26 20.41
C15 A1BDS U . -18.14 16.57 18.62
C17 A1BDS U . -17.37 13.10 17.32
C20 A1BDS U . -15.86 11.09 17.45
C21 A1BDS U . -14.51 10.58 16.99
C22 A1BDS U . -13.73 11.74 16.43
C24 A1BDS U . -12.98 13.39 15.05
C26 A1BDS U . -13.66 13.86 12.85
C28 A1BDS U . -14.68 12.02 14.02
O1 A1BDS U . -24.19 19.61 22.64
C23 A1BDS U . -12.78 12.47 17.08
C25 A1BDS U . -12.85 14.16 13.91
N4 A1BDS U . -22.49 18.67 21.50
C27 A1BDS U . -14.56 12.79 12.89
O2 A1BDS U . -16.12 14.72 18.57
C9 A1BDS U . -22.09 19.47 23.76
C18 A1BDS U . -17.93 13.38 15.91
N2 A1BDS U . -27.29 20.59 29.51
C19 A1BDS U . -17.33 14.56 15.17
C3 A1BDS U . -28.32 21.62 29.35
C2 A1BDS U . -28.76 22.19 30.68
C1 A1BDS U . -29.28 21.16 31.65
O3 A1BDS U . -18.07 15.35 14.58
C11 A1BDS U . -21.13 18.21 21.34
C16 A1BDS U . -17.21 14.40 18.09
C29 A1BDS U . -13.87 12.30 15.13
N5 A1BDS U . -18.27 15.22 18.12
N6 A1BDS U . -16.01 14.71 15.19
C14 A1BDS U . -19.44 17.10 19.19
C12 A1BDS U . -21.07 16.72 21.10
N7 A1BDS U . -16.10 12.39 17.22
N8 A1BDS U . -12.32 13.46 16.25
O4 A1BDS U . -16.71 10.33 17.93
N POV V . -35.98 36.33 24.52
P POV V . -37.95 38.85 21.38
C1 POV V . -38.95 38.12 19.06
C2 POV V . -38.74 38.88 17.74
C3 POV V . -38.83 37.90 16.55
C210 POV V . -32.62 42.18 10.11
C310 POV V . -32.82 33.90 8.52
C11 POV V . -37.57 36.53 22.58
O11 POV V . -39.01 39.05 20.12
C211 POV V . -31.24 42.37 9.45
C311 POV V . -32.44 32.67 7.65
C12 POV V . -37.43 36.27 24.11
O12 POV V . -38.47 37.61 22.37
C212 POV V . -31.27 43.50 8.41
C312 POV V . -30.89 32.55 7.48
C13 POV V . -35.95 36.19 25.99
O13 POV V . -36.57 38.50 20.84
C213 POV V . -31.84 43.01 7.06
C313 POV V . -30.28 33.77 6.75
C14 POV V . -35.20 37.53 24.19
O14 POV V . -37.85 40.12 22.19
C214 POV V . -31.14 41.73 6.55
C314 POV V . -28.74 33.71 6.70
C15 POV V . -35.30 35.19 23.88
C215 POV V . -30.21 42.00 5.35
C315 POV V . -28.15 34.69 5.65
C216 POV V . -28.85 42.61 5.76
C316 POV V . -28.58 36.14 5.90
C217 POV V . -27.99 43.00 4.54
C218 POV V . -27.30 41.77 3.91
C21 POV V . -36.31 38.93 17.38
O21 POV V . -37.51 39.59 17.75
C22 POV V . -35.50 39.38 16.14
O22 POV V . -35.88 38.03 18.03
C23 POV V . -36.33 40.23 15.14
C24 POV V . -36.37 39.62 13.72
C25 POV V . -34.96 39.20 13.21
C26 POV V . -34.06 40.43 12.93
C27 POV V . -34.73 41.45 11.97
C28 POV V . -34.76 40.93 10.50
C29 POV V . -33.37 41.10 9.83
C31 POV V . -39.80 37.70 14.39
O31 POV V . -39.68 38.46 15.57
C32 POV V . -40.26 38.38 13.08
O32 POV V . -39.53 36.54 14.40
C33 POV V . -40.06 37.47 11.85
C34 POV V . -38.61 37.53 11.30
C35 POV V . -38.44 36.71 9.99
C36 POV V . -36.97 36.68 9.51
C37 POV V . -36.24 35.36 9.89
C38 POV V . -34.78 35.33 9.38
C39 POV V . -34.32 33.92 8.92
CAG 2J9 W . 3.96 -27.77 -23.10
CAH 2J9 W . 2.61 -27.99 -22.91
CAN 2J9 W . 3.50 -29.05 -22.79
NAO 2J9 W . 3.77 -30.45 -22.51
CAI 2J9 W . 4.85 -31.14 -23.37
NAJ 2J9 W . 4.34 -32.27 -24.15
SAP 2J9 W . 3.65 -33.37 -23.20
OAA 2J9 W . 4.83 -34.14 -22.31
OAB 2J9 W . 2.78 -34.47 -24.06
CAM 2J9 W . 2.55 -32.62 -22.10
CAL 2J9 W . 2.66 -31.29 -21.84
CAE 2J9 W . 1.74 -30.70 -20.94
CAD 2J9 W . 0.74 -31.46 -20.34
CAK 2J9 W . 0.64 -32.81 -20.62
FAC 2J9 W . -0.34 -33.56 -20.05
CAF 2J9 W . 1.55 -33.40 -21.51
N POV X . -26.05 -4.98 -4.08
P POV X . -25.13 -5.74 0.85
C1 POV X . -26.29 -3.42 1.34
C2 POV X . -27.73 -3.73 1.77
C3 POV X . -28.72 -3.04 0.84
C210 POV X . -29.65 1.05 11.13
C310 POV X . -32.20 4.33 8.78
C11 POV X . -25.70 -5.88 -1.75
O11 POV X . -25.47 -4.45 1.84
C211 POV X . -29.83 2.40 11.86
C311 POV X . -32.64 4.24 10.25
C12 POV X . -26.51 -4.91 -2.66
O12 POV X . -26.20 -5.73 -0.43
C212 POV X . -28.55 2.87 12.62
C312 POV X . -32.56 5.61 10.96
C13 POV X . -26.94 -4.11 -4.86
O13 POV X . -25.29 -7.03 1.63
C213 POV X . -28.89 3.86 13.76
C313 POV X . -31.92 5.50 12.37
C14 POV X . -26.03 -6.30 -4.77
O14 POV X . -23.71 -5.64 0.32
C214 POV X . -27.87 3.79 14.93
C314 POV X . -32.37 6.63 13.32
C15 POV X . -24.66 -4.47 -4.13
C215 POV X . -26.66 4.74 14.72
C315 POV X . -32.03 6.31 14.78
C216 POV X . -25.33 3.96 14.54
C316 POV X . -32.55 7.38 15.76
C217 POV X . -24.09 4.81 14.90
C218 POV X . -23.06 4.86 13.75
C21 POV X . -27.73 -4.33 4.06
O21 POV X . -27.95 -3.31 3.09
C22 POV X . -26.99 -3.98 5.38
O22 POV X . -28.10 -5.44 3.84
C23 POV X . -27.86 -4.13 6.66
C24 POV X . -29.36 -3.86 6.42
C25 POV X . -30.05 -2.92 7.46
C26 POV X . -29.21 -2.61 8.73
C27 POV X . -29.52 -1.21 9.29
C28 POV X . -30.47 -1.26 10.52
C29 POV X . -30.61 0.10 11.23
C31 POV X . -30.80 -2.52 1.82
O31 POV X . -30.01 -3.50 1.19
C32 POV X . -31.31 -2.75 3.25
O32 POV X . -31.08 -1.52 1.24
C33 POV X . -31.13 -1.49 4.13
C34 POV X . -32.42 -0.65 4.21
C35 POV X . -32.13 0.84 4.45
C36 POV X . -31.44 1.08 5.81
C37 POV X . -32.41 1.72 6.84
C38 POV X . -31.76 1.87 8.24
C39 POV X . -31.12 3.27 8.42
CAG 2J9 Y . -7.56 -34.85 -20.03
CAH 2J9 Y . -6.66 -35.86 -19.75
CAN 2J9 Y . -6.67 -35.29 -21.01
NAO 2J9 Y . -6.15 -35.19 -22.35
CAI 2J9 Y . -6.51 -36.25 -23.42
NAJ 2J9 Y . -5.41 -36.49 -24.37
SAP 2J9 Y . -4.92 -35.12 -25.06
OAA 2J9 Y . -6.08 -34.63 -26.14
OAB 2J9 Y . -3.48 -35.37 -25.84
CAM 2J9 Y . -4.68 -33.87 -23.89
CAL 2J9 Y . -5.28 -33.98 -22.70
CAE 2J9 Y . -5.10 -32.97 -21.71
CAD 2J9 Y . -4.30 -31.86 -21.99
CAK 2J9 Y . -3.70 -31.76 -23.23
FAC 2J9 Y . -2.93 -30.67 -23.51
CAF 2J9 Y . -3.88 -32.76 -24.19
N POV Z . 0.12 -6.58 29.11
P POV Z . -2.55 -7.63 25.54
C1 POV Z . -3.69 -6.32 27.54
C2 POV Z . -4.96 -6.36 28.40
C3 POV Z . -5.64 -7.74 28.32
C210 POV Z . -10.29 3.60 31.37
C310 POV Z . -13.91 -0.55 30.80
C11 POV Z . -0.19 -7.12 26.65
O11 POV Z . -3.49 -7.58 26.91
C211 POV Z . -11.09 4.19 30.19
C311 POV Z . -14.17 0.90 30.33
C12 POV Z . 0.04 -6.01 27.73
O12 POV Z . -1.21 -6.66 25.78
C212 POV Z . -11.46 5.67 30.45
C312 POV Z . -14.19 1.88 31.54
C13 POV Z . 1.53 -6.98 29.32
O13 POV Z . -3.35 -7.10 24.37
C213 POV Z . -12.28 6.25 29.26
C313 POV Z . -14.68 3.30 31.14
C14 POV Z . -0.71 -7.75 29.49
O14 POV Z . -2.13 -9.06 25.26
C214 POV Z . -11.37 6.51 28.03
C314 POV Z . -16.13 3.55 31.62
C15 POV Z . -0.26 -5.49 30.04
C215 POV Z . -12.13 7.26 26.90
C315 POV Z . -16.50 5.05 31.68
C216 POV Z . -11.16 7.96 25.93
C316 POV Z . -15.46 5.89 32.45
C217 POV Z . -10.38 6.96 25.06
C218 POV Z . -11.15 6.54 23.79
C21 POV Z . -5.50 -4.06 28.27
O21 POV Z . -5.85 -5.39 27.92
C22 POV Z . -5.50 -3.63 29.76
O22 POV Z . -5.22 -3.28 27.42
C23 POV Z . -6.80 -2.89 30.14
C24 POV Z . -6.70 -1.36 29.90
C25 POV Z . -6.99 -0.55 31.19
C26 POV Z . -8.50 -0.18 31.34
C27 POV Z . -9.16 0.24 30.00
C28 POV Z . -10.19 1.39 30.16
C29 POV Z . -9.87 2.32 31.36
C31 POV Z . -7.78 -8.08 27.43
O31 POV Z . -6.44 -7.77 27.16
C32 POV Z . -8.69 -7.00 28.06
O32 POV Z . -8.23 -9.14 27.16
C33 POV Z . -9.21 -7.40 29.46
C34 POV Z . -9.40 -6.16 30.38
C35 POV Z . -10.87 -5.68 30.44
C36 POV Z . -11.20 -4.61 29.37
C37 POV Z . -11.10 -3.17 29.94
C38 POV Z . -12.45 -2.66 30.49
C39 POV Z . -12.81 -1.25 29.95
N POV AA . -9.94 -15.75 29.72
P POV AA . -14.20 -14.31 27.95
C1 POV AA . -14.92 -11.98 28.98
C2 POV AA . -15.35 -11.42 30.35
C3 POV AA . -14.12 -10.97 31.12
C210 POV AA . -20.95 -7.54 35.87
C310 POV AA . -18.47 1.38 35.11
C11 POV AA . -12.48 -15.49 29.55
O11 POV AA . -14.28 -13.23 29.20
C211 POV AA . -20.39 -7.49 37.30
C311 POV AA . -17.95 2.75 35.58
C12 POV AA . -11.24 -16.42 29.32
O12 POV AA . -13.38 -15.66 28.47
C212 POV AA . -20.26 -6.03 37.84
C312 POV AA . -18.72 3.93 34.93
C13 POV AA . -10.03 -15.40 31.16
O13 POV AA . -13.47 -13.69 26.78
C213 POV AA . -19.03 -5.30 37.23
C313 POV AA . -18.03 5.29 35.18
C14 POV AA . -8.69 -16.52 29.56
O14 POV AA . -15.61 -14.69 27.53
C214 POV AA . -17.90 -5.09 38.29
C314 POV AA . -18.71 6.46 34.43
C15 POV AA . -9.78 -14.54 28.88
C215 POV AA . -16.79 -4.15 37.78
C315 POV AA . -19.72 7.23 35.31
C216 POV AA . -16.30 -3.19 38.89
C316 POV AA . -19.05 8.30 36.21
C217 POV AA . -15.22 -2.20 38.39
C218 POV AA . -15.01 -1.02 39.36
C21 POV AA . -17.42 -12.42 30.97
O21 POV AA . -16.01 -12.44 31.08
C22 POV AA . -18.30 -11.91 32.15
O22 POV AA . -17.95 -12.81 29.97
C23 POV AA . -19.22 -10.75 31.70
C24 POV AA . -20.62 -11.25 31.26
C25 POV AA . -21.62 -10.09 31.00
C26 POV AA . -22.84 -10.13 31.96
C27 POV AA . -22.43 -10.08 33.46
C28 POV AA . -21.73 -8.74 33.81
C29 POV AA . -21.17 -8.72 35.26
C31 POV AA . -14.40 -8.76 31.91
O31 POV AA . -14.55 -10.13 32.17
C32 POV AA . -15.47 -7.76 32.39
O32 POV AA . -13.43 -8.36 31.34
C33 POV AA . -15.02 -6.28 32.24
C34 POV AA . -15.93 -5.30 33.02
C35 POV AA . -15.40 -3.86 32.98
C36 POV AA . -16.56 -2.81 33.01
C37 POV AA . -16.62 -2.04 34.35
C38 POV AA . -17.73 -0.97 34.34
C39 POV AA . -17.44 0.23 35.29
N POV BA . -17.24 -17.12 21.56
P POV BA . -19.01 -13.07 22.56
C1 POV BA . -21.24 -11.63 22.52
C2 POV BA . -22.70 -11.88 22.92
C3 POV BA . -23.59 -11.93 21.67
C210 POV BA . -27.14 -5.21 25.98
C310 POV BA . -34.89 -10.74 17.90
C11 POV BA . -17.28 -15.02 22.94
O11 POV BA . -20.42 -12.53 23.27
C211 POV BA . -28.47 -4.41 26.05
C311 POV BA . -35.03 -9.21 17.71
C12 POV BA . -17.70 -16.51 22.86
O12 POV BA . -18.35 -14.29 23.49
C212 POV BA . -29.33 -4.75 27.29
C312 POV BA . -36.49 -8.73 17.91
C13 POV BA . -17.89 -18.45 21.47
O13 POV BA . -19.31 -13.61 21.18
C213 POV BA . -28.46 -5.05 28.54
C313 POV BA . -36.94 -8.81 19.39
C14 POV BA . -17.52 -16.41 20.29
O14 POV BA . -18.02 -11.93 22.45
C214 POV BA . -29.26 -5.79 29.64
C314 POV BA . -35.94 -8.10 20.35
C15 POV BA . -15.77 -17.27 21.66
C215 POV BA . -28.41 -6.87 30.35
C315 POV BA . -36.44 -8.09 21.81
C216 POV BA . -28.20 -6.58 31.85
C316 POV BA . -37.69 -7.22 22.01
C217 POV BA . -29.53 -6.32 32.59
C218 POV BA . -29.55 -4.94 33.30
C21 POV BA . -23.66 -9.68 23.47
O21 POV BA . -23.11 -10.92 23.88
C22 POV BA . -25.06 -9.27 23.98
O22 POV BA . -23.05 -8.92 22.77
C23 POV BA . -26.23 -9.75 23.09
C24 POV BA . -26.15 -9.17 21.65
C25 POV BA . -27.28 -8.13 21.40
C26 POV BA . -26.91 -6.72 21.98
C27 POV BA . -28.08 -6.13 22.80
C28 POV BA . -28.16 -6.72 24.24
C29 POV BA . -27.00 -6.27 25.16
C31 POV BA . -24.45 -13.68 20.34
O31 POV BA . -24.27 -13.17 21.64
C32 POV BA . -25.76 -14.37 19.96
O32 POV BA . -23.58 -13.58 19.53
C33 POV BA . -26.99 -13.65 20.57
C34 POV BA . -28.27 -13.80 19.71
C35 POV BA . -29.45 -12.98 20.29
C36 POV BA . -30.56 -12.71 19.24
C37 POV BA . -31.35 -11.41 19.56
C38 POV BA . -32.38 -11.06 18.46
C39 POV BA . -33.85 -11.10 18.99
N POV CA . -31.13 20.35 43.30
P POV CA . -29.61 18.29 46.80
C1 POV CA . -27.20 17.94 47.80
C2 POV CA . -26.68 16.63 48.43
C3 POV CA . -25.17 16.51 48.19
C210 POV CA . -24.68 6.44 47.76
C310 POV CA . -18.30 9.42 43.28
C11 POV CA . -29.17 19.98 44.81
O11 POV CA . -28.59 18.05 48.08
C211 POV CA . -24.68 5.08 47.03
C311 POV CA . -17.05 9.30 42.37
C12 POV CA . -30.17 21.02 44.23
O12 POV CA . -29.43 19.84 46.21
C212 POV CA . -24.59 3.90 48.03
C312 POV CA . -17.28 8.31 41.19
C13 POV CA . -32.15 21.36 42.93
O13 POV CA . -29.31 17.30 45.70
C213 POV CA . -23.13 3.65 48.48
C313 POV CA . -17.62 6.89 41.68
C14 POV CA . -31.88 19.16 43.78
O14 POV CA . -31.05 18.11 47.26
C214 POV CA . -22.17 3.48 47.26
C314 POV CA . -17.96 5.92 40.52
C15 POV CA . -30.37 19.92 42.11
C215 POV CA . -21.71 2.02 47.07
C315 POV CA . -17.98 4.43 40.97
C216 POV CA . -22.77 1.15 46.36
C316 POV CA . -18.94 4.18 42.15
C217 POV CA . -22.35 -0.33 46.28
C218 POV CA . -21.27 -0.57 45.19
C21 POV CA . -26.99 14.90 46.72
O21 POV CA . -27.39 15.52 47.94
C22 POV CA . -26.55 13.41 46.71
O22 POV CA . -27.03 15.48 45.69
C23 POV CA . -26.13 12.90 48.11
C24 POV CA . -24.73 12.22 48.10
C25 POV CA . -24.54 11.25 46.90
C26 POV CA . -25.35 9.94 47.08
C27 POV CA . -25.03 9.25 48.43
C28 POV CA . -23.61 8.60 48.42
C29 POV CA . -23.60 7.23 47.69
C31 POV CA . -23.22 15.66 49.26
O31 POV CA . -24.58 16.00 49.38
C32 POV CA . -22.55 14.77 50.34
O32 POV CA . -22.58 16.04 48.34
C33 POV CA . -21.11 14.34 49.94
C34 POV CA . -21.10 13.08 49.04
C35 POV CA . -19.66 12.60 48.72
C36 POV CA . -19.65 11.37 47.77
C37 POV CA . -19.33 11.76 46.31
C38 POV CA . -19.31 10.53 45.36
C39 POV CA . -18.25 10.64 44.24
N POV DA . 10.51 15.96 29.83
P POV DA . 9.55 20.96 28.93
C1 POV DA . 7.85 21.62 26.99
C2 POV DA . 7.06 22.93 26.88
C3 POV DA . 5.58 22.63 27.14
C210 POV DA . 0.79 28.59 24.68
C310 POV DA . -6.21 27.65 27.60
C11 POV DA . 10.07 18.42 29.48
O11 POV DA . 9.11 21.88 27.61
C211 POV DA . -0.43 29.15 23.91
C311 POV DA . -7.61 27.62 28.26
C12 POV DA . 10.12 17.00 28.82
O12 POV DA . 9.86 19.39 28.46
C212 POV DA . -1.76 28.54 24.43
C312 POV DA . -8.57 28.67 27.65
C13 POV DA . 11.94 16.19 30.17
O13 POV DA . 10.80 21.55 29.55
C213 POV DA . -2.87 29.61 24.64
C313 POV DA . -9.53 29.27 28.70
C14 POV DA . 9.78 15.90 31.12
O14 POV DA . 8.44 20.97 29.95
C214 POV DA . -2.87 30.18 26.07
C314 POV DA . -10.21 30.57 28.21
C15 POV DA . 10.32 14.65 29.18
C215 POV DA . -4.24 30.75 26.50
C315 POV DA . -10.87 31.35 29.35
C216 POV DA . -4.26 31.19 27.98
C316 POV DA . -11.72 32.53 28.85
C217 POV DA . -5.57 31.94 28.35
C218 POV DA . -5.47 32.62 29.74
C21 POV DA . 7.51 24.87 25.58
O21 POV DA . 7.21 23.48 25.59
C22 POV DA . 8.26 25.49 24.38
O22 POV DA . 7.18 25.56 26.49
C23 POV DA . 7.59 26.81 23.88
C24 POV DA . 6.11 26.60 23.46
C25 POV DA . 5.78 27.29 22.11
C26 POV DA . 4.72 28.42 22.29
C27 POV DA . 3.29 27.96 21.90
C28 POV DA . 2.18 28.80 22.58
C29 POV DA . 1.99 28.43 24.07
C31 POV DA . 3.81 24.19 27.29
O31 POV DA . 4.78 23.58 26.47
C32 POV DA . 2.87 25.26 26.70
O32 POV DA . 3.71 23.91 28.44
C33 POV DA . 1.41 25.11 27.24
C34 POV DA . 1.12 26.07 28.42
C35 POV DA . -0.27 25.80 29.06
C36 POV DA . -1.41 26.53 28.30
C37 POV DA . -2.72 26.58 29.14
C38 POV DA . -3.81 27.48 28.49
C39 POV DA . -5.18 26.77 28.35
N POV EA . 8.47 3.01 31.92
P POV EA . 9.15 7.61 29.73
C1 POV EA . 8.21 10.09 29.98
C2 POV EA . 7.20 10.64 30.98
C3 POV EA . 7.50 10.07 32.37
C210 POV EA . -1.70 13.78 35.59
C310 POV EA . 0.42 9.06 40.45
C11 POV EA . 9.27 5.24 30.96
O11 POV EA . 7.91 8.71 29.80
C211 POV EA . -2.57 14.99 35.98
C311 POV EA . -1.05 9.56 40.43
C12 POV EA . 8.24 4.50 31.87
O12 POV EA . 8.54 6.10 30.11
C212 POV EA . -1.92 15.86 37.10
C312 POV EA . -1.19 10.98 39.83
C13 POV EA . 9.83 2.79 32.48
O13 POV EA . 10.23 7.99 30.73
C213 POV EA . -0.37 15.81 37.09
C313 POV EA . -2.38 11.78 40.41
C14 POV EA . 7.55 2.20 32.75
O14 POV EA . 9.74 7.59 28.34
C214 POV EA . 0.25 16.46 38.35
C314 POV EA . -3.74 11.23 39.95
C15 POV EA . 8.37 2.48 30.55
C215 POV EA . 0.88 17.85 38.06
C315 POV EA . -4.57 10.61 41.10
C216 POV EA . 0.46 18.90 39.10
C316 POV EA . -5.22 11.67 42.01
C217 POV EA . -0.97 19.44 38.87
C218 POV EA . -1.52 20.20 40.09
C21 POV EA . 4.97 11.33 30.62
O21 POV EA . 5.91 10.27 30.61
C22 POV EA . 3.52 11.07 31.10
O22 POV EA . 5.30 12.42 30.27
C23 POV EA . 3.36 11.36 32.62
C24 POV EA . 2.73 10.16 33.38
C25 POV EA . 1.70 10.60 34.44
C26 POV EA . 0.70 11.66 33.90
C27 POV EA . -0.77 11.30 34.25
C28 POV EA . -1.04 11.36 35.78
C29 POV EA . -1.91 12.59 36.17
C31 POV EA . 6.19 8.21 33.07
O31 POV EA . 6.28 9.61 32.94
C32 POV EA . 5.33 7.60 34.20
O32 POV EA . 6.79 7.50 32.33
C33 POV EA . 5.93 6.31 34.80
C34 POV EA . 5.73 6.23 36.34
C35 POV EA . 4.26 6.45 36.76
C36 POV EA . 4.10 7.68 37.70
C37 POV EA . 2.61 8.01 37.97
C38 POV EA . 2.13 7.49 39.35
C39 POV EA . 0.62 7.79 39.58
N POV FA . 13.01 16.26 16.90
P POV FA . 9.47 19.10 14.63
C1 POV FA . 8.20 19.03 16.95
C2 POV FA . 8.39 20.44 17.53
C3 POV FA . 8.92 20.35 18.96
C210 POV FA . -0.99 25.04 19.54
C310 POV FA . -0.95 23.73 24.67
C11 POV FA . 11.67 17.89 15.51
O11 POV FA . 8.09 19.17 15.54
C211 POV FA . -2.28 24.88 20.35
C311 POV FA . -1.96 24.69 24.01
C12 POV FA . 12.00 17.36 16.94
O12 POV FA . 10.77 18.98 15.67
C212 POV FA . -3.47 24.30 19.54
C312 POV FA . -3.22 24.94 24.88
C13 POV FA . 13.32 15.92 18.31
O13 POV FA . 9.59 20.36 13.80
C213 POV FA . -4.84 24.77 20.07
C313 POV FA . -4.53 24.53 24.16
C14 POV FA . 14.30 16.50 16.22
O14 POV FA . 9.43 17.90 13.71
C214 POV FA . -5.91 24.77 18.96
C314 POV FA . -5.76 25.33 24.65
C15 POV FA . 12.38 15.11 16.22
C215 POV FA . -6.69 23.43 18.89
C315 POV FA . -6.13 26.46 23.69
C216 POV FA . -6.43 22.67 17.56
C316 POV FA . -7.44 27.17 24.07
C217 POV FA . -7.49 21.59 17.29
C218 POV FA . -7.01 20.52 16.29
C21 POV FA . 7.04 22.07 16.51
O21 POV FA . 7.17 21.11 17.55
C22 POV FA . 5.65 22.30 15.84
O22 POV FA . 7.99 22.68 16.13
C23 POV FA . 5.03 23.68 16.21
C24 POV FA . 5.46 24.19 17.62
C25 POV FA . 4.35 24.92 18.42
C26 POV FA . 2.99 25.06 17.68
C27 POV FA . 1.79 24.93 18.65
C28 POV FA . 1.10 26.30 18.93
C29 POV FA . -0.21 26.12 19.74
C31 POV FA . 8.29 21.78 20.74
O31 POV FA . 8.91 21.67 19.48
C32 POV FA . 7.44 23.03 21.05
O32 POV FA . 8.41 20.92 21.54
C33 POV FA . 5.92 22.73 21.03
C34 POV FA . 5.42 22.13 22.36
C35 POV FA . 4.42 23.07 23.08
C36 POV FA . 2.98 22.95 22.52
C37 POV FA . 2.10 24.16 22.93
C38 POV FA . 0.60 23.95 22.61
C39 POV FA . -0.09 22.98 23.61
N POV GA . -21.53 38.51 37.03
P POV GA . -17.15 38.89 36.99
C1 POV GA . -15.29 40.31 35.77
C2 POV GA . -14.10 40.60 36.69
C3 POV GA . -14.04 42.10 36.97
C210 POV GA . -3.24 37.08 36.38
C310 POV GA . -14.15 46.26 28.99
C11 POV GA . -19.54 40.02 36.68
O11 POV GA . -15.78 39.01 36.07
C211 POV GA . -3.12 36.03 37.51
C311 POV GA . -12.96 45.75 28.14
C12 POV GA . -20.26 39.04 37.65
O12 POV GA . -18.47 39.32 36.06
C212 POV GA . -1.64 35.63 37.80
C312 POV GA . -12.60 46.72 26.98
C13 POV GA . -22.07 37.50 37.98
O13 POV GA . -17.05 39.80 38.19
C213 POV GA . -1.17 34.48 36.89
C313 POV GA . -12.15 45.97 25.70
C14 POV GA . -21.47 37.85 35.70
O14 POV GA . -17.32 37.46 37.45
C214 POV GA . 0.34 34.13 37.13
C314 POV GA . -11.89 46.91 24.52
C15 POV GA . -22.46 39.65 36.90
C215 POV GA . 0.84 33.03 36.18
C315 POV GA . -11.95 46.20 23.16
C216 POV GA . 2.33 33.24 35.79
C316 POV GA . -10.97 45.01 23.06
C217 POV GA . 2.80 32.21 34.72
C218 POV GA . 2.91 30.78 35.29
C21 POV GA . -12.62 38.81 36.26
O21 POV GA . -12.92 40.19 36.06
C22 POV GA . -11.99 38.36 37.60
O22 POV GA . -12.85 38.03 35.41
C23 POV GA . -10.53 38.84 37.74
C24 POV GA . -9.72 38.61 36.44
C25 POV GA . -8.20 38.90 36.64
C26 POV GA . -7.66 38.36 37.99
C27 POV GA . -6.14 38.09 37.93
C28 POV GA . -5.75 37.15 36.74
C29 POV GA . -4.45 37.58 36.03
C31 POV GA . -15.71 43.74 36.59
O31 POV GA . -15.35 42.55 37.26
C32 POV GA . -17.15 43.95 36.12
O32 POV GA . -14.89 44.59 36.40
C33 POV GA . -17.23 44.52 34.67
C34 POV GA . -18.43 43.95 33.87
C35 POV GA . -18.21 44.00 32.34
C36 POV GA . -16.85 43.38 31.93
C37 POV GA . -16.53 43.55 30.43
C38 POV GA . -16.15 45.01 30.06
C39 POV GA . -14.61 45.20 30.04
#